data_7YTO
#
_entry.id   7YTO
#
_cell.length_a   194.946
_cell.length_b   113.761
_cell.length_c   111.482
_cell.angle_alpha   90.000
_cell.angle_beta   94.903
_cell.angle_gamma   90.000
#
_symmetry.space_group_name_H-M   'C 1 2 1'
#
loop_
_entity.id
_entity.type
_entity.pdbx_description
1 polymer 'Creatine amidinohydrolase'
2 water water
#
_entity_poly.entity_id   1
_entity_poly.type   'polypeptide(L)'
_entity_poly.pdbx_seq_one_letter_code
;MTDDMLHVMKWHNGEKDYSPFSDAEMTRRQNDVRGWMAKNNVDAALFTSYHCINYYSGWLYCYFGRKYGMVIDHNNATTI
SAGIDGGQPWRRSFGDNITYTDWRRDNFYRAVRQLTTGAKRIGIEFDHVNLDFRRQLEEALPGVEFVDISQPSMWMRTIK
SLEEQKLIREGARVCDVGGAACAAAIKAGVPEHEVAIATTNAMIREIAKSFPFVELMDTWTWFQSGINTDGAHNPVTNRI
VQSGDILSLNTFPMIFGYYTALERTLFCDHVDDASLDIWEKNVAVHRRGLELIKPGARCKDIALELNEMYREWDLLKYRS
FGYGHSFGVLCHYYGREAGVELREDIDTELKPGMVVSMEPMVMLPEGMPGAGGYREHDILIVGEDGAENITGFPVGPEHN
IIRN
;
_entity_poly.pdbx_strand_id   D,E,F,A,B,C
#
# COMPACT_ATOMS: atom_id res chain seq x y z
N ASP A 4 -17.87 28.11 16.65
CA ASP A 4 -17.74 28.78 15.36
C ASP A 4 -16.31 28.76 14.85
N MET A 5 -15.36 28.71 15.78
CA MET A 5 -13.94 28.65 15.44
C MET A 5 -13.51 27.19 15.35
N LEU A 6 -12.84 26.85 14.24
CA LEU A 6 -12.52 25.46 13.93
C LEU A 6 -11.45 24.92 14.88
N HIS A 7 -11.39 23.59 14.96
CA HIS A 7 -10.35 22.89 15.70
C HIS A 7 -9.42 22.16 14.74
N VAL A 8 -9.92 21.14 14.04
CA VAL A 8 -9.13 20.39 13.07
C VAL A 8 -9.80 20.57 11.72
N MET A 9 -9.43 21.64 11.02
CA MET A 9 -9.92 21.90 9.67
C MET A 9 -9.02 21.21 8.63
N LYS A 10 -9.50 21.19 7.40
CA LYS A 10 -8.78 20.65 6.27
C LYS A 10 -8.59 21.76 5.24
N TRP A 11 -7.33 22.07 4.93
CA TRP A 11 -6.93 23.26 4.18
C TRP A 11 -6.03 22.84 3.02
N HIS A 12 -6.62 22.20 2.01
CA HIS A 12 -5.86 21.75 0.85
C HIS A 12 -5.81 22.86 -0.20
N ASN A 13 -5.23 23.98 0.22
CA ASN A 13 -5.10 25.14 -0.66
C ASN A 13 -3.99 24.91 -1.66
N GLY A 14 -4.29 25.10 -2.95
CA GLY A 14 -3.31 24.91 -3.99
C GLY A 14 -3.25 23.46 -4.44
N GLU A 15 -2.21 23.17 -5.22
CA GLU A 15 -1.97 21.85 -5.76
C GLU A 15 -0.64 21.32 -5.25
N LYS A 16 -0.42 20.02 -5.49
CA LYS A 16 0.83 19.39 -5.09
C LYS A 16 2.02 20.06 -5.77
N ASP A 17 3.17 20.01 -5.11
CA ASP A 17 4.41 20.57 -5.63
C ASP A 17 5.29 19.47 -6.19
N TYR A 18 6.29 19.89 -6.98
CA TYR A 18 7.26 18.95 -7.52
C TYR A 18 8.08 18.33 -6.39
N SER A 19 8.42 17.06 -6.56
CA SER A 19 9.28 16.35 -5.62
C SER A 19 10.38 15.63 -6.38
N PRO A 20 11.62 15.66 -5.87
CA PRO A 20 12.71 14.93 -6.54
C PRO A 20 12.50 13.44 -6.57
N PHE A 21 11.70 12.89 -5.66
CA PHE A 21 11.45 11.46 -5.59
C PHE A 21 10.12 11.12 -6.26
N SER A 22 10.08 9.94 -6.88
CA SER A 22 8.88 9.49 -7.55
C SER A 22 7.84 9.02 -6.54
N ASP A 23 6.62 8.79 -7.04
CA ASP A 23 5.56 8.27 -6.18
C ASP A 23 5.88 6.86 -5.69
N ALA A 24 6.62 6.08 -6.48
CA ALA A 24 7.03 4.75 -6.05
C ALA A 24 7.98 4.81 -4.86
N GLU A 25 8.97 5.71 -4.92
CA GLU A 25 9.93 5.82 -3.83
C GLU A 25 9.26 6.24 -2.53
N MET A 26 8.37 7.24 -2.61
CA MET A 26 7.68 7.70 -1.41
C MET A 26 6.73 6.65 -0.87
N THR A 27 6.15 5.83 -1.75
CA THR A 27 5.29 4.74 -1.30
C THR A 27 6.11 3.62 -0.66
N ARG A 28 7.32 3.37 -1.19
CA ARG A 28 8.16 2.32 -0.63
C ARG A 28 8.53 2.63 0.81
N ARG A 29 8.84 3.91 1.10
CA ARG A 29 9.17 4.29 2.47
C ARG A 29 7.97 4.09 3.40
N GLN A 30 6.79 4.56 2.97
CA GLN A 30 5.59 4.43 3.80
C GLN A 30 5.18 2.97 3.97
N ASN A 31 5.39 2.14 2.94
CA ASN A 31 5.09 0.72 3.08
C ASN A 31 6.08 0.01 4.00
N ASP A 32 7.32 0.53 4.10
CA ASP A 32 8.27 -0.02 5.05
C ASP A 32 7.79 0.16 6.49
N VAL A 33 7.12 1.28 6.77
CA VAL A 33 6.55 1.48 8.10
C VAL A 33 5.43 0.48 8.36
N ARG A 34 4.55 0.28 7.37
CA ARG A 34 3.46 -0.67 7.54
C ARG A 34 3.98 -2.09 7.74
N GLY A 35 5.05 -2.45 7.03
CA GLY A 35 5.67 -3.74 7.24
C GLY A 35 6.24 -3.89 8.63
N TRP A 36 6.74 -2.80 9.22
CA TRP A 36 7.21 -2.86 10.60
C TRP A 36 6.06 -2.93 11.58
N MET A 37 5.01 -2.16 11.33
CA MET A 37 3.85 -2.15 12.22
C MET A 37 3.15 -3.51 12.23
N ALA A 38 3.16 -4.22 11.10
CA ALA A 38 2.52 -5.52 11.03
C ALA A 38 3.27 -6.56 11.85
N LYS A 39 4.60 -6.51 11.82
CA LYS A 39 5.40 -7.47 12.57
C LYS A 39 5.35 -7.23 14.07
N ASN A 40 5.01 -6.01 14.50
CA ASN A 40 5.00 -5.65 15.92
C ASN A 40 3.60 -5.36 16.44
N ASN A 41 2.56 -5.71 15.69
CA ASN A 41 1.17 -5.49 16.10
C ASN A 41 0.92 -4.03 16.48
N VAL A 42 1.47 -3.13 15.67
CA VAL A 42 1.30 -1.69 15.87
C VAL A 42 0.19 -1.20 14.95
N ASP A 43 -0.78 -0.50 15.52
CA ASP A 43 -1.96 -0.09 14.77
C ASP A 43 -1.71 1.17 13.94
N ALA A 44 -0.91 2.10 14.47
CA ALA A 44 -0.62 3.34 13.76
C ALA A 44 0.74 3.86 14.21
N ALA A 45 1.36 4.65 13.34
CA ALA A 45 2.62 5.30 13.63
C ALA A 45 2.43 6.81 13.66
N LEU A 46 3.02 7.46 14.67
CA LEU A 46 2.94 8.90 14.85
C LEU A 46 4.37 9.46 14.91
N PHE A 47 4.83 10.02 13.79
CA PHE A 47 6.12 10.69 13.76
C PHE A 47 5.93 12.16 14.14
N THR A 48 6.94 12.72 14.81
CA THR A 48 6.87 14.10 15.26
C THR A 48 8.12 14.92 14.98
N SER A 49 9.19 14.33 14.48
CA SER A 49 10.44 15.04 14.28
C SER A 49 10.55 15.58 12.85
N TYR A 50 11.53 16.47 12.66
CA TYR A 50 11.82 16.98 11.32
C TYR A 50 12.15 15.85 10.36
N HIS A 51 13.09 14.98 10.76
CA HIS A 51 13.66 14.03 9.81
C HIS A 51 12.68 12.92 9.46
N CYS A 52 11.95 12.41 10.45
CA CYS A 52 10.98 11.36 10.15
C CYS A 52 9.83 11.88 9.30
N ILE A 53 9.34 13.08 9.59
CA ILE A 53 8.25 13.63 8.80
C ILE A 53 8.72 13.98 7.40
N ASN A 54 9.94 14.50 7.27
CA ASN A 54 10.45 14.85 5.95
C ASN A 54 10.81 13.60 5.14
N TYR A 55 11.23 12.53 5.80
CA TYR A 55 11.61 11.32 5.07
C TYR A 55 10.39 10.61 4.49
N TYR A 56 9.33 10.50 5.27
CA TYR A 56 8.17 9.72 4.83
C TYR A 56 7.13 10.54 4.07
N SER A 57 7.11 11.87 4.27
CA SER A 57 6.15 12.72 3.56
C SER A 57 6.79 13.68 2.57
N GLY A 58 8.11 13.89 2.63
CA GLY A 58 8.76 14.84 1.76
C GLY A 58 8.67 16.28 2.20
N TRP A 59 7.95 16.56 3.27
CA TRP A 59 7.70 17.92 3.75
C TRP A 59 8.47 18.17 5.03
N LEU A 60 9.25 19.26 5.05
CA LEU A 60 10.03 19.66 6.22
C LEU A 60 9.30 20.82 6.91
N TYR A 61 8.77 20.56 8.10
CA TYR A 61 7.99 21.58 8.78
C TYR A 61 8.91 22.60 9.45
N CYS A 62 8.30 23.70 9.88
CA CYS A 62 8.97 24.76 10.62
C CYS A 62 8.39 24.82 12.03
N TYR A 63 9.26 24.62 13.02
CA TYR A 63 8.85 24.55 14.42
C TYR A 63 8.99 25.93 15.07
N PHE A 64 7.87 26.51 15.49
CA PHE A 64 7.92 27.74 16.27
C PHE A 64 7.20 27.53 17.59
N GLY A 65 7.66 26.56 18.38
CA GLY A 65 6.99 26.21 19.62
C GLY A 65 5.73 25.41 19.45
N ARG A 66 5.41 24.98 18.23
CA ARG A 66 4.17 24.27 17.93
C ARG A 66 4.45 22.79 17.71
N LYS A 67 3.43 21.98 17.96
CA LYS A 67 3.51 20.54 17.73
C LYS A 67 3.21 20.22 16.26
N TYR A 68 4.01 19.32 15.70
CA TYR A 68 3.78 18.82 14.35
C TYR A 68 3.86 17.29 14.37
N GLY A 69 3.07 16.66 13.50
CA GLY A 69 3.02 15.22 13.51
C GLY A 69 2.58 14.67 12.17
N MET A 70 2.78 13.35 12.02
CA MET A 70 2.33 12.63 10.84
C MET A 70 1.82 11.27 11.30
N VAL A 71 0.54 10.99 11.07
CA VAL A 71 -0.06 9.70 11.40
C VAL A 71 -0.19 8.88 10.13
N ILE A 72 0.23 7.62 10.19
CA ILE A 72 0.09 6.68 9.09
C ILE A 72 -0.62 5.44 9.61
N ASP A 73 -1.69 5.04 8.91
CA ASP A 73 -2.45 3.84 9.24
C ASP A 73 -1.84 2.65 8.49
N HIS A 74 -2.58 1.54 8.42
CA HIS A 74 -2.22 0.48 7.50
C HIS A 74 -2.70 0.76 6.08
N ASN A 75 -3.42 1.86 5.88
CA ASN A 75 -3.91 2.24 4.56
C ASN A 75 -3.77 3.72 4.24
N ASN A 76 -3.61 4.60 5.23
CA ASN A 76 -3.53 6.03 5.01
C ASN A 76 -2.24 6.60 5.59
N ALA A 77 -1.86 7.78 5.10
CA ALA A 77 -0.71 8.52 5.60
C ALA A 77 -1.07 10.01 5.57
N THR A 78 -1.10 10.63 6.74
CA THR A 78 -1.59 11.99 6.88
C THR A 78 -0.63 12.81 7.75
N THR A 79 -0.27 14.00 7.27
CA THR A 79 0.52 14.94 8.06
C THR A 79 -0.41 15.88 8.82
N ILE A 80 0.07 16.33 9.99
CA ILE A 80 -0.66 17.24 10.84
C ILE A 80 0.12 18.55 10.93
N SER A 81 -0.52 19.65 10.55
CA SER A 81 0.13 20.95 10.52
C SER A 81 -0.77 21.99 11.18
N ALA A 82 -0.18 23.15 11.46
CA ALA A 82 -0.89 24.23 12.13
C ALA A 82 -1.49 25.20 11.13
N GLY A 83 -2.44 26.00 11.61
CA GLY A 83 -3.07 27.01 10.76
C GLY A 83 -2.13 28.10 10.29
N ILE A 84 -0.98 28.24 10.95
CA ILE A 84 0.01 29.23 10.51
C ILE A 84 0.65 28.83 9.19
N ASP A 85 0.55 27.55 8.81
CA ASP A 85 1.21 27.06 7.60
C ASP A 85 0.31 27.07 6.38
N GLY A 86 -1.01 26.98 6.57
CA GLY A 86 -1.94 26.97 5.45
C GLY A 86 -1.90 25.70 4.62
N GLY A 87 -1.91 25.87 3.29
CA GLY A 87 -1.86 24.73 2.39
C GLY A 87 -0.47 24.24 2.06
N GLN A 88 0.56 24.97 2.46
CA GLN A 88 1.93 24.57 2.14
C GLN A 88 2.29 23.15 2.60
N PRO A 89 1.90 22.69 3.80
CA PRO A 89 2.21 21.29 4.14
C PRO A 89 1.54 20.28 3.22
N TRP A 90 0.27 20.48 2.88
CA TRP A 90 -0.39 19.53 1.99
C TRP A 90 0.18 19.58 0.58
N ARG A 91 0.69 20.74 0.16
CA ARG A 91 1.25 20.86 -1.18
C ARG A 91 2.59 20.13 -1.32
N ARG A 92 3.30 19.94 -0.22
CA ARG A 92 4.62 19.31 -0.26
C ARG A 92 4.65 17.92 0.35
N SER A 93 3.53 17.43 0.87
CA SER A 93 3.47 16.14 1.54
C SER A 93 2.92 15.07 0.60
N PHE A 94 3.53 13.89 0.64
CA PHE A 94 3.06 12.74 -0.12
C PHE A 94 1.99 12.04 0.71
N GLY A 95 0.73 12.21 0.31
CA GLY A 95 -0.39 11.67 1.06
C GLY A 95 -1.40 12.73 1.43
N ASP A 96 -2.12 12.51 2.54
CA ASP A 96 -3.15 13.44 2.99
C ASP A 96 -2.57 14.42 4.01
N ASN A 97 -3.39 15.39 4.42
CA ASN A 97 -2.94 16.40 5.36
C ASN A 97 -4.16 17.09 5.98
N ILE A 98 -4.11 17.28 7.29
CA ILE A 98 -5.14 18.02 8.03
C ILE A 98 -4.46 19.10 8.85
N THR A 99 -5.25 20.09 9.27
CA THR A 99 -4.72 21.28 9.90
C THR A 99 -5.42 21.53 11.23
N TYR A 100 -4.63 21.81 12.27
CA TYR A 100 -5.17 22.18 13.58
C TYR A 100 -4.83 23.63 13.87
N THR A 101 -5.60 24.23 14.77
CA THR A 101 -5.51 25.65 15.08
C THR A 101 -4.89 25.86 16.45
N ASP A 102 -4.54 27.13 16.73
CA ASP A 102 -3.94 27.52 17.99
C ASP A 102 -4.96 28.00 19.02
N TRP A 103 -6.25 27.73 18.80
CA TRP A 103 -7.27 28.29 19.68
C TRP A 103 -7.42 27.49 20.97
N ARG A 104 -7.18 26.19 20.94
CA ARG A 104 -7.22 25.34 22.12
C ARG A 104 -5.90 24.59 22.24
N ARG A 105 -5.44 24.41 23.48
CA ARG A 105 -4.15 23.78 23.71
C ARG A 105 -4.11 22.35 23.19
N ASP A 106 -5.25 21.66 23.19
CA ASP A 106 -5.32 20.27 22.77
C ASP A 106 -5.86 20.10 21.36
N ASN A 107 -5.82 21.16 20.53
CA ASN A 107 -6.30 21.02 19.16
C ASN A 107 -5.40 20.10 18.34
N PHE A 108 -4.09 20.09 18.62
CA PHE A 108 -3.20 19.16 17.93
C PHE A 108 -3.56 17.71 18.25
N TYR A 109 -3.88 17.43 19.51
CA TYR A 109 -4.21 16.08 19.92
C TYR A 109 -5.57 15.63 19.40
N ARG A 110 -6.45 16.57 19.09
CA ARG A 110 -7.70 16.21 18.41
C ARG A 110 -7.41 15.68 17.00
N ALA A 111 -6.37 16.17 16.35
CA ALA A 111 -6.03 15.68 15.01
C ALA A 111 -5.44 14.28 15.09
N VAL A 112 -4.54 14.04 16.04
CA VAL A 112 -3.99 12.70 16.24
C VAL A 112 -5.12 11.72 16.56
N ARG A 113 -6.12 12.17 17.31
CA ARG A 113 -7.22 11.29 17.68
C ARG A 113 -8.08 10.93 16.47
N GLN A 114 -8.33 11.89 15.58
CA GLN A 114 -9.13 11.62 14.40
C GLN A 114 -8.44 10.62 13.47
N LEU A 115 -7.13 10.53 13.53
CA LEU A 115 -6.35 9.66 12.65
C LEU A 115 -5.96 8.34 13.31
N THR A 116 -6.27 8.16 14.59
CA THR A 116 -5.88 6.95 15.31
C THR A 116 -7.08 6.32 16.01
N THR A 117 -8.26 6.43 15.43
CA THR A 117 -9.45 5.85 16.03
C THR A 117 -9.34 4.33 16.03
N GLY A 118 -9.67 3.72 17.15
CA GLY A 118 -9.59 2.28 17.30
C GLY A 118 -8.20 1.72 17.53
N ALA A 119 -7.17 2.56 17.48
CA ALA A 119 -5.81 2.08 17.69
C ALA A 119 -5.55 1.80 19.16
N LYS A 120 -4.86 0.69 19.43
CA LYS A 120 -4.47 0.33 20.79
C LYS A 120 -2.97 0.36 21.02
N ARG A 121 -2.17 0.11 19.99
CA ARG A 121 -0.72 0.22 20.06
C ARG A 121 -0.27 1.20 18.99
N ILE A 122 0.38 2.29 19.43
CA ILE A 122 0.81 3.36 18.54
C ILE A 122 2.30 3.56 18.70
N GLY A 123 3.02 3.62 17.58
CA GLY A 123 4.46 3.84 17.60
C GLY A 123 4.79 5.32 17.52
N ILE A 124 5.65 5.77 18.43
CA ILE A 124 6.11 7.15 18.48
C ILE A 124 7.63 7.15 18.52
N GLU A 125 8.20 8.35 18.44
CA GLU A 125 9.65 8.52 18.39
C GLU A 125 10.18 8.75 19.80
N PHE A 126 10.84 7.75 20.38
CA PHE A 126 11.48 7.94 21.66
C PHE A 126 12.67 8.88 21.58
N ASP A 127 13.21 9.10 20.37
CA ASP A 127 14.31 10.05 20.18
C ASP A 127 13.84 11.49 20.37
N HIS A 128 12.58 11.77 20.08
CA HIS A 128 12.11 13.13 19.91
C HIS A 128 11.09 13.57 20.95
N VAL A 129 10.11 12.73 21.28
CA VAL A 129 9.04 13.14 22.17
C VAL A 129 9.60 13.38 23.57
N ASN A 130 9.34 14.57 24.11
CA ASN A 130 9.82 14.91 25.45
C ASN A 130 8.85 14.38 26.50
N LEU A 131 9.19 14.65 27.77
CA LEU A 131 8.43 14.06 28.88
C LEU A 131 7.03 14.64 28.95
N ASP A 132 6.90 15.97 28.82
CA ASP A 132 5.58 16.59 28.85
C ASP A 132 4.75 16.16 27.65
N PHE A 133 5.36 16.14 26.45
CA PHE A 133 4.65 15.65 25.27
C PHE A 133 4.17 14.22 25.46
N ARG A 134 5.02 13.37 26.04
CA ARG A 134 4.59 12.01 26.36
C ARG A 134 3.40 12.00 27.29
N ARG A 135 3.39 12.89 28.29
CA ARG A 135 2.28 12.94 29.23
C ARG A 135 0.99 13.41 28.56
N GLN A 136 1.07 14.46 27.74
CA GLN A 136 -0.11 14.97 27.06
C GLN A 136 -0.69 13.95 26.08
N LEU A 137 0.17 13.12 25.48
CA LEU A 137 -0.29 12.14 24.50
C LEU A 137 -1.16 11.07 25.15
N GLU A 138 -0.67 10.47 26.25
CA GLU A 138 -1.45 9.43 26.90
C GLU A 138 -2.68 10.00 27.60
N GLU A 139 -2.66 11.28 27.99
CA GLU A 139 -3.86 11.91 28.51
C GLU A 139 -4.91 12.11 27.41
N ALA A 140 -4.47 12.34 26.17
CA ALA A 140 -5.38 12.51 25.06
C ALA A 140 -5.78 11.19 24.41
N LEU A 141 -4.91 10.19 24.47
CA LEU A 141 -5.19 8.84 23.95
C LEU A 141 -5.15 7.85 25.10
N PRO A 142 -6.17 7.84 25.96
CA PRO A 142 -6.15 6.94 27.12
C PRO A 142 -6.34 5.50 26.70
N GLY A 143 -5.62 4.59 27.37
CA GLY A 143 -5.73 3.19 27.06
C GLY A 143 -5.00 2.75 25.82
N VAL A 144 -3.98 3.48 25.40
CA VAL A 144 -3.17 3.14 24.23
C VAL A 144 -1.74 2.92 24.68
N GLU A 145 -1.14 1.81 24.25
CA GLU A 145 0.25 1.51 24.56
C GLU A 145 1.15 2.14 23.51
N PHE A 146 2.17 2.86 23.96
CA PHE A 146 3.11 3.53 23.08
C PHE A 146 4.41 2.75 23.02
N VAL A 147 4.92 2.55 21.81
CA VAL A 147 6.17 1.82 21.60
C VAL A 147 7.07 2.68 20.71
N ASP A 148 8.38 2.46 20.84
CA ASP A 148 9.34 3.22 20.06
C ASP A 148 9.31 2.80 18.59
N ILE A 149 9.47 3.78 17.70
CA ILE A 149 9.55 3.51 16.27
C ILE A 149 10.71 4.29 15.69
N SER A 150 11.32 5.16 16.50
CA SER A 150 12.44 5.96 16.01
C SER A 150 13.67 5.11 15.72
N GLN A 151 13.89 4.05 16.50
CA GLN A 151 15.05 3.20 16.24
C GLN A 151 14.90 2.38 14.97
N PRO A 152 13.79 1.66 14.73
CA PRO A 152 13.68 0.96 13.44
C PRO A 152 13.60 1.90 12.26
N SER A 153 12.98 3.08 12.41
CA SER A 153 12.98 4.05 11.33
C SER A 153 14.39 4.52 11.02
N MET A 154 15.22 4.67 12.06
CA MET A 154 16.61 5.08 11.85
C MET A 154 17.38 4.03 11.06
N TRP A 155 17.17 2.75 11.37
CA TRP A 155 17.91 1.70 10.66
C TRP A 155 17.44 1.55 9.23
N MET A 156 16.19 1.89 8.94
CA MET A 156 15.71 1.80 7.56
C MET A 156 16.22 2.96 6.70
N ARG A 157 16.40 4.14 7.29
CA ARG A 157 16.91 5.27 6.53
C ARG A 157 18.41 5.19 6.27
N THR A 158 19.11 4.21 6.86
CA THR A 158 20.54 4.08 6.62
C THR A 158 20.83 3.61 5.21
N ILE A 159 19.91 2.88 4.60
CA ILE A 159 20.06 2.40 3.23
C ILE A 159 19.38 3.40 2.29
N LYS A 160 20.17 4.05 1.46
CA LYS A 160 19.65 5.06 0.53
C LYS A 160 19.33 4.43 -0.81
N SER A 161 18.17 4.79 -1.36
CA SER A 161 17.77 4.30 -2.66
C SER A 161 18.51 5.07 -3.76
N LEU A 162 18.33 4.62 -5.00
CA LEU A 162 18.97 5.28 -6.13
C LEU A 162 18.48 6.71 -6.30
N GLU A 163 17.18 6.94 -6.06
CA GLU A 163 16.66 8.29 -6.16
C GLU A 163 17.21 9.18 -5.06
N GLU A 164 17.48 8.62 -3.88
CA GLU A 164 18.15 9.38 -2.84
C GLU A 164 19.60 9.68 -3.23
N GLN A 165 20.31 8.69 -3.76
CA GLN A 165 21.68 8.92 -4.23
C GLN A 165 21.71 9.96 -5.34
N LYS A 166 20.73 9.91 -6.24
CA LYS A 166 20.67 10.87 -7.34
C LYS A 166 20.53 12.30 -6.81
N LEU A 167 19.74 12.49 -5.76
CA LEU A 167 19.63 13.82 -5.16
C LEU A 167 20.87 14.19 -4.37
N ILE A 168 21.51 13.20 -3.74
CA ILE A 168 22.73 13.47 -2.98
C ILE A 168 23.87 13.86 -3.92
N ARG A 169 23.98 13.18 -5.07
CA ARG A 169 25.01 13.55 -6.04
C ARG A 169 24.83 14.97 -6.53
N GLU A 170 23.57 15.40 -6.68
CA GLU A 170 23.31 16.78 -7.08
C GLU A 170 23.71 17.76 -5.97
N GLY A 171 23.46 17.41 -4.72
CA GLY A 171 23.88 18.26 -3.62
C GLY A 171 25.39 18.37 -3.53
N ALA A 172 26.10 17.27 -3.84
CA ALA A 172 27.56 17.32 -3.87
C ALA A 172 28.05 18.19 -5.02
N ARG A 173 27.33 18.24 -6.13
CA ARG A 173 27.68 19.15 -7.21
C ARG A 173 27.50 20.61 -6.78
N VAL A 174 26.45 20.90 -6.01
CA VAL A 174 26.24 22.24 -5.51
C VAL A 174 27.31 22.59 -4.48
N CYS A 175 27.82 21.61 -3.74
CA CYS A 175 28.95 21.86 -2.84
C CYS A 175 30.15 22.39 -3.61
N ASP A 176 30.50 21.72 -4.72
CA ASP A 176 31.66 22.16 -5.50
C ASP A 176 31.44 23.54 -6.12
N VAL A 177 30.19 23.88 -6.43
CA VAL A 177 29.90 25.24 -6.90
C VAL A 177 30.14 26.25 -5.79
N GLY A 178 29.68 25.94 -4.56
CA GLY A 178 29.92 26.83 -3.45
C GLY A 178 31.40 26.96 -3.12
N GLY A 179 32.15 25.86 -3.22
CA GLY A 179 33.57 25.92 -2.95
C GLY A 179 34.32 26.80 -3.93
N ALA A 180 33.91 26.78 -5.20
CA ALA A 180 34.53 27.65 -6.19
C ALA A 180 34.27 29.12 -5.87
N ALA A 181 33.05 29.47 -5.50
CA ALA A 181 32.74 30.84 -5.11
C ALA A 181 33.43 31.21 -3.81
N CYS A 182 33.61 30.24 -2.91
CA CYS A 182 34.30 30.51 -1.64
C CYS A 182 35.76 30.88 -1.88
N ALA A 183 36.49 30.03 -2.61
CA ALA A 183 37.89 30.29 -2.87
C ALA A 183 38.10 31.57 -3.68
N ALA A 184 37.13 31.92 -4.53
CA ALA A 184 37.26 33.13 -5.33
C ALA A 184 37.09 34.39 -4.49
N ALA A 185 36.40 34.31 -3.36
CA ALA A 185 36.16 35.47 -2.51
C ALA A 185 37.16 35.59 -1.36
N ILE A 186 38.18 34.75 -1.33
CA ILE A 186 39.16 34.75 -0.25
C ILE A 186 40.32 35.66 -0.63
N LYS A 187 40.69 36.55 0.29
CA LYS A 187 41.82 37.44 0.10
C LYS A 187 42.21 37.99 1.47
N ALA A 188 43.49 38.35 1.61
CA ALA A 188 43.94 38.97 2.85
C ALA A 188 43.19 40.27 3.09
N GLY A 189 42.39 40.33 4.14
CA GLY A 189 41.64 41.52 4.51
C GLY A 189 40.13 41.37 4.42
N VAL A 190 39.63 40.34 3.75
CA VAL A 190 38.17 40.17 3.61
C VAL A 190 37.63 39.60 4.91
N PRO A 191 36.53 40.13 5.43
CA PRO A 191 35.93 39.53 6.63
C PRO A 191 35.31 38.18 6.31
N GLU A 192 35.15 37.36 7.36
CA GLU A 192 34.65 36.00 7.16
C GLU A 192 33.24 36.00 6.61
N HIS A 193 32.40 36.96 7.02
CA HIS A 193 31.02 36.95 6.59
C HIS A 193 30.86 37.31 5.13
N GLU A 194 31.77 38.12 4.58
CA GLU A 194 31.73 38.41 3.15
C GLU A 194 32.05 37.17 2.33
N VAL A 195 32.99 36.35 2.80
CA VAL A 195 33.26 35.07 2.15
C VAL A 195 32.05 34.16 2.26
N ALA A 196 31.41 34.11 3.42
CA ALA A 196 30.26 33.24 3.62
C ALA A 196 29.07 33.71 2.80
N ILE A 197 28.91 35.03 2.66
CA ILE A 197 27.81 35.57 1.87
C ILE A 197 27.97 35.19 0.40
N ALA A 198 29.16 35.37 -0.16
CA ALA A 198 29.39 35.01 -1.55
C ALA A 198 29.28 33.51 -1.76
N THR A 199 29.62 32.71 -0.75
CA THR A 199 29.54 31.26 -0.89
C THR A 199 28.09 30.79 -0.85
N THR A 200 27.32 31.28 0.13
CA THR A 200 25.94 30.83 0.28
C THR A 200 25.07 31.30 -0.88
N ASN A 201 25.29 32.53 -1.35
CA ASN A 201 24.49 33.05 -2.45
C ASN A 201 24.66 32.22 -3.72
N ALA A 202 25.89 31.77 -3.99
CA ALA A 202 26.14 30.96 -5.18
C ALA A 202 25.42 29.63 -5.11
N MET A 203 25.35 29.02 -3.93
CA MET A 203 24.65 27.74 -3.80
C MET A 203 23.15 27.92 -3.92
N ILE A 204 22.61 28.98 -3.31
CA ILE A 204 21.16 29.23 -3.39
C ILE A 204 20.74 29.43 -4.84
N ARG A 205 21.50 30.25 -5.58
CA ARG A 205 21.18 30.50 -6.98
C ARG A 205 21.36 29.26 -7.84
N GLU A 206 22.35 28.41 -7.52
CA GLU A 206 22.53 27.18 -8.27
C GLU A 206 21.40 26.19 -8.01
N ILE A 207 20.88 26.16 -6.77
CA ILE A 207 19.78 25.26 -6.46
C ILE A 207 18.50 25.72 -7.14
N ALA A 208 18.23 27.03 -7.11
CA ALA A 208 16.99 27.55 -7.68
C ALA A 208 16.87 27.22 -9.15
N LYS A 209 17.97 27.29 -9.90
CA LYS A 209 17.95 27.03 -11.33
C LYS A 209 18.23 25.57 -11.67
N SER A 210 18.29 24.69 -10.67
CA SER A 210 18.51 23.27 -10.87
C SER A 210 17.26 22.43 -10.64
N PHE A 211 16.13 23.06 -10.32
CA PHE A 211 14.87 22.37 -10.11
C PHE A 211 13.74 23.28 -10.60
N PRO A 212 12.72 22.71 -11.26
CA PRO A 212 11.58 23.54 -11.65
C PRO A 212 10.88 24.19 -10.46
N PHE A 213 10.71 23.43 -9.38
CA PHE A 213 10.30 23.96 -8.10
C PHE A 213 11.27 23.45 -7.04
N VAL A 214 11.64 24.34 -6.11
CA VAL A 214 12.55 23.96 -5.04
C VAL A 214 12.37 24.95 -3.90
N GLU A 215 12.54 24.47 -2.68
CA GLU A 215 12.52 25.31 -1.48
C GLU A 215 13.94 25.74 -1.17
N LEU A 216 14.17 27.04 -1.06
CA LEU A 216 15.49 27.60 -0.78
C LEU A 216 15.51 28.00 0.69
N MET A 217 15.98 27.09 1.54
CA MET A 217 15.96 27.28 2.98
C MET A 217 17.17 26.60 3.60
N ASP A 218 17.62 27.16 4.72
CA ASP A 218 18.55 26.50 5.65
C ASP A 218 19.95 26.31 5.10
N THR A 219 20.18 26.56 3.81
CA THR A 219 21.53 26.42 3.27
C THR A 219 22.44 27.46 3.90
N TRP A 220 23.61 27.03 4.35
CA TRP A 220 24.53 27.94 5.02
C TRP A 220 25.96 27.56 4.67
N THR A 221 26.88 28.44 5.08
CA THR A 221 28.31 28.26 4.90
C THR A 221 29.00 28.54 6.21
N TRP A 222 30.03 27.76 6.52
CA TRP A 222 30.94 28.04 7.62
C TRP A 222 32.31 28.34 7.02
N PHE A 223 32.73 29.61 7.10
CA PHE A 223 34.07 30.01 6.71
C PHE A 223 34.81 30.50 7.95
N GLN A 224 35.85 29.78 8.33
CA GLN A 224 36.56 29.99 9.57
C GLN A 224 38.02 30.33 9.26
N SER A 225 38.57 31.28 10.01
CA SER A 225 39.94 31.73 9.84
C SER A 225 40.64 31.77 11.19
N GLY A 226 41.89 31.38 11.21
CA GLY A 226 42.67 31.43 12.45
C GLY A 226 42.09 30.52 13.51
N ILE A 227 41.91 31.06 14.71
CA ILE A 227 41.42 30.28 15.84
C ILE A 227 39.98 29.81 15.64
N ASN A 228 39.21 30.47 14.76
CA ASN A 228 37.85 30.03 14.47
C ASN A 228 37.82 28.66 13.80
N THR A 229 38.95 28.16 13.29
CA THR A 229 39.00 26.84 12.70
C THR A 229 39.08 25.73 13.74
N ASP A 230 39.24 26.05 15.02
CA ASP A 230 39.41 25.03 16.03
C ASP A 230 38.11 24.29 16.35
N GLY A 231 37.01 24.63 15.70
CA GLY A 231 35.75 23.91 15.84
C GLY A 231 35.02 23.79 14.51
N ALA A 232 34.62 22.56 14.16
CA ALA A 232 34.04 22.33 12.84
C ALA A 232 32.70 23.05 12.66
N HIS A 233 31.97 23.29 13.75
CA HIS A 233 30.69 23.98 13.69
C HIS A 233 30.78 25.42 14.18
N ASN A 234 31.97 26.00 14.21
CA ASN A 234 32.13 27.36 14.71
C ASN A 234 31.42 28.34 13.78
N PRO A 235 30.57 29.22 14.32
CA PRO A 235 29.82 30.14 13.47
C PRO A 235 30.71 31.15 12.77
N VAL A 236 30.22 31.64 11.62
CA VAL A 236 30.89 32.72 10.91
C VAL A 236 30.94 33.95 11.82
N THR A 237 32.08 34.63 11.81
CA THR A 237 32.28 35.85 12.58
C THR A 237 32.65 37.00 11.64
N ASN A 238 32.94 38.15 12.22
CA ASN A 238 33.43 39.30 11.48
C ASN A 238 34.96 39.41 11.53
N ARG A 239 35.65 38.31 11.84
CA ARG A 239 37.10 38.34 11.91
C ARG A 239 37.69 38.59 10.52
N ILE A 240 38.78 39.35 10.48
CA ILE A 240 39.43 39.71 9.23
C ILE A 240 40.48 38.65 8.90
N VAL A 241 40.35 38.04 7.72
CA VAL A 241 41.33 37.06 7.27
C VAL A 241 42.66 37.76 7.02
N GLN A 242 43.74 37.17 7.50
CA GLN A 242 45.07 37.72 7.38
C GLN A 242 45.98 36.75 6.64
N SER A 243 47.14 37.26 6.22
CA SER A 243 48.07 36.46 5.44
C SER A 243 48.61 35.30 6.28
N GLY A 244 48.67 34.12 5.66
CA GLY A 244 49.12 32.92 6.35
C GLY A 244 48.11 32.29 7.28
N ASP A 245 46.93 32.87 7.42
CA ASP A 245 45.92 32.31 8.31
C ASP A 245 45.46 30.95 7.81
N ILE A 246 45.26 30.02 8.75
CA ILE A 246 44.63 28.75 8.42
C ILE A 246 43.14 28.98 8.20
N LEU A 247 42.60 28.37 7.15
CA LEU A 247 41.21 28.56 6.78
C LEU A 247 40.48 27.22 6.76
N SER A 248 39.16 27.29 6.82
CA SER A 248 38.31 26.10 6.71
C SER A 248 37.10 26.45 5.84
N LEU A 249 37.07 25.90 4.64
CA LEU A 249 35.92 26.03 3.75
C LEU A 249 34.88 24.99 4.12
N ASN A 250 33.61 25.40 4.23
CA ASN A 250 32.53 24.48 4.55
C ASN A 250 31.27 24.93 3.83
N THR A 251 30.76 24.10 2.91
CA THR A 251 29.56 24.41 2.13
C THR A 251 28.48 23.38 2.43
N PHE A 252 27.27 23.85 2.72
CA PHE A 252 26.17 22.97 3.10
C PHE A 252 24.88 23.32 2.36
N PRO A 253 24.70 22.82 1.15
CA PRO A 253 23.40 22.99 0.47
C PRO A 253 22.36 22.05 1.05
N MET A 254 21.15 22.58 1.23
CA MET A 254 20.03 21.82 1.78
C MET A 254 18.94 21.75 0.72
N ILE A 255 18.77 20.57 0.13
CA ILE A 255 17.84 20.36 -0.97
C ILE A 255 16.77 19.39 -0.49
N PHE A 256 15.54 19.89 -0.33
CA PHE A 256 14.40 19.08 0.07
C PHE A 256 14.69 18.29 1.35
N GLY A 257 15.38 18.93 2.30
CA GLY A 257 15.69 18.31 3.56
C GLY A 257 16.91 17.41 3.56
N TYR A 258 17.48 17.11 2.39
CA TYR A 258 18.67 16.28 2.30
C TYR A 258 19.93 17.14 2.38
N TYR A 259 20.95 16.60 3.04
CA TYR A 259 22.14 17.34 3.43
C TYR A 259 23.36 16.79 2.73
N THR A 260 24.17 17.68 2.16
CA THR A 260 25.49 17.33 1.66
C THR A 260 26.48 18.37 2.16
N ALA A 261 27.77 18.05 2.07
CA ALA A 261 28.78 18.92 2.64
C ALA A 261 30.11 18.72 1.93
N LEU A 262 30.81 19.83 1.72
CA LEU A 262 32.18 19.84 1.25
C LEU A 262 32.98 20.70 2.22
N GLU A 263 34.01 20.13 2.83
CA GLU A 263 34.83 20.84 3.80
C GLU A 263 36.30 20.65 3.45
N ARG A 264 37.05 21.74 3.42
CA ARG A 264 38.45 21.73 3.00
C ARG A 264 39.26 22.66 3.88
N THR A 265 40.50 22.27 4.14
CA THR A 265 41.47 23.13 4.79
C THR A 265 42.14 24.01 3.74
N LEU A 266 42.23 25.31 4.03
CA LEU A 266 42.86 26.26 3.13
C LEU A 266 43.87 27.10 3.89
N PHE A 267 44.66 27.87 3.14
CA PHE A 267 45.57 28.86 3.70
C PHE A 267 45.54 30.09 2.82
N CYS A 268 45.51 31.26 3.45
CA CYS A 268 45.20 32.51 2.75
C CYS A 268 46.21 32.84 1.65
N ASP A 269 47.45 33.16 2.03
CA ASP A 269 48.49 33.48 1.06
C ASP A 269 49.65 32.51 1.06
N HIS A 270 49.95 31.89 2.20
CA HIS A 270 51.05 30.95 2.32
C HIS A 270 50.76 30.06 3.52
N VAL A 271 51.59 29.02 3.67
CA VAL A 271 51.47 28.08 4.78
C VAL A 271 52.86 27.81 5.32
N ASP A 272 53.04 28.03 6.63
CA ASP A 272 54.34 27.78 7.23
C ASP A 272 54.63 26.29 7.28
N ASP A 273 55.91 25.97 7.51
CA ASP A 273 56.35 24.58 7.49
C ASP A 273 55.66 23.77 8.59
N ALA A 274 55.49 24.36 9.77
CA ALA A 274 54.88 23.64 10.89
C ALA A 274 53.44 23.25 10.57
N SER A 275 52.66 24.19 10.04
CA SER A 275 51.27 23.88 9.71
C SER A 275 51.17 23.02 8.46
N LEU A 276 52.09 23.20 7.50
CA LEU A 276 52.08 22.35 6.30
C LEU A 276 52.31 20.90 6.67
N ASP A 277 53.21 20.64 7.62
CA ASP A 277 53.47 19.26 8.06
C ASP A 277 52.21 18.64 8.65
N ILE A 278 51.52 19.37 9.52
CA ILE A 278 50.26 18.88 10.08
C ILE A 278 49.22 18.69 8.98
N TRP A 279 49.25 19.57 7.97
CA TRP A 279 48.28 19.49 6.88
C TRP A 279 48.54 18.26 6.00
N GLU A 280 49.81 18.00 5.68
CA GLU A 280 50.14 16.83 4.87
C GLU A 280 49.82 15.54 5.61
N LYS A 281 50.02 15.52 6.93
CA LYS A 281 49.73 14.31 7.69
C LYS A 281 48.23 14.06 7.77
N ASN A 282 47.43 15.11 7.94
CA ASN A 282 45.98 14.94 8.03
C ASN A 282 45.39 14.54 6.69
N VAL A 283 45.93 15.07 5.59
CA VAL A 283 45.49 14.65 4.27
C VAL A 283 45.89 13.19 4.02
N ALA A 284 47.04 12.77 4.54
CA ALA A 284 47.45 11.38 4.43
C ALA A 284 46.46 10.46 5.13
N VAL A 285 45.96 10.88 6.30
CA VAL A 285 44.95 10.08 6.99
C VAL A 285 43.64 10.09 6.20
N HIS A 286 43.33 11.20 5.54
CA HIS A 286 42.12 11.28 4.73
C HIS A 286 42.16 10.30 3.56
N ARG A 287 43.32 10.21 2.89
CA ARG A 287 43.43 9.30 1.75
C ARG A 287 43.26 7.85 2.18
N ARG A 288 43.87 7.46 3.31
CA ARG A 288 43.71 6.11 3.80
C ARG A 288 42.27 5.84 4.21
N GLY A 289 41.61 6.84 4.81
CA GLY A 289 40.21 6.67 5.19
C GLY A 289 39.31 6.45 3.99
N LEU A 290 39.58 7.13 2.88
CA LEU A 290 38.79 6.93 1.67
C LEU A 290 38.86 5.49 1.20
N GLU A 291 39.99 4.83 1.40
CA GLU A 291 40.15 3.44 0.99
C GLU A 291 39.49 2.46 1.95
N LEU A 292 39.18 2.89 3.17
CA LEU A 292 38.61 2.01 4.18
C LEU A 292 37.09 1.89 4.10
N ILE A 293 36.43 2.77 3.35
CA ILE A 293 34.98 2.70 3.20
C ILE A 293 34.64 1.51 2.31
N LYS A 294 34.46 0.33 2.93
CA LYS A 294 34.12 -0.90 2.25
C LYS A 294 32.81 -1.45 2.80
N PRO A 295 32.07 -2.22 1.99
CA PRO A 295 30.81 -2.82 2.52
C PRO A 295 31.03 -3.75 3.69
N GLY A 296 32.12 -4.52 3.69
CA GLY A 296 32.33 -5.48 4.77
C GLY A 296 32.83 -4.82 6.05
N ALA A 297 33.60 -3.75 5.93
CA ALA A 297 34.25 -3.15 7.09
C ALA A 297 33.22 -2.53 8.04
N ARG A 298 33.52 -2.60 9.33
CA ARG A 298 32.68 -2.06 10.37
C ARG A 298 33.19 -0.70 10.82
N CYS A 299 32.30 0.04 11.52
CA CYS A 299 32.61 1.42 11.87
C CYS A 299 33.79 1.53 12.82
N LYS A 300 33.78 0.73 13.90
CA LYS A 300 34.86 0.82 14.87
C LYS A 300 36.20 0.39 14.28
N ASP A 301 36.19 -0.56 13.34
CA ASP A 301 37.43 -0.98 12.71
C ASP A 301 38.02 0.13 11.85
N ILE A 302 37.18 0.97 11.24
CA ILE A 302 37.69 2.11 10.48
C ILE A 302 38.35 3.11 11.41
N ALA A 303 37.71 3.41 12.54
CA ALA A 303 38.25 4.39 13.47
C ALA A 303 39.55 3.88 14.10
N LEU A 304 39.54 2.66 14.64
CA LEU A 304 40.72 2.12 15.31
C LEU A 304 41.90 2.02 14.36
N GLU A 305 41.66 1.74 13.08
CA GLU A 305 42.76 1.65 12.12
C GLU A 305 43.36 3.02 11.84
N LEU A 306 42.50 4.02 11.61
CA LEU A 306 43.00 5.37 11.31
C LEU A 306 43.63 6.00 12.54
N ASN A 307 43.20 5.63 13.74
CA ASN A 307 43.82 6.15 14.96
C ASN A 307 45.27 5.74 15.06
N GLU A 308 45.65 4.61 14.46
CA GLU A 308 47.04 4.18 14.46
C GLU A 308 47.91 5.15 13.68
N MET A 309 47.40 5.67 12.56
CA MET A 309 48.17 6.64 11.79
C MET A 309 48.47 7.89 12.60
N TYR A 310 47.49 8.39 13.35
CA TYR A 310 47.71 9.56 14.19
C TYR A 310 48.71 9.26 15.31
N ARG A 311 48.65 8.04 15.87
CA ARG A 311 49.55 7.69 16.96
C ARG A 311 51.01 7.68 16.52
N GLU A 312 51.26 7.41 15.24
CA GLU A 312 52.64 7.42 14.73
C GLU A 312 53.26 8.80 14.84
N TRP A 313 52.50 9.84 14.52
CA TRP A 313 52.99 11.22 14.54
C TRP A 313 52.60 11.96 15.82
N ASP A 314 52.13 11.24 16.84
CA ASP A 314 51.77 11.83 18.13
C ASP A 314 50.68 12.90 17.97
N LEU A 315 49.80 12.72 16.99
CA LEU A 315 48.69 13.64 16.76
C LEU A 315 47.35 13.06 17.22
N LEU A 316 47.33 11.84 17.74
CA LEU A 316 46.08 11.22 18.16
C LEU A 316 45.43 11.99 19.29
N LYS A 317 46.23 12.61 20.16
CA LYS A 317 45.71 13.39 21.26
C LYS A 317 44.98 14.66 20.82
N TYR A 318 45.10 15.03 19.54
CA TYR A 318 44.49 16.24 19.03
C TYR A 318 43.27 15.96 18.14
N ARG A 319 42.82 14.72 18.07
CA ARG A 319 41.63 14.41 17.28
C ARG A 319 40.41 15.09 17.86
N SER A 320 39.53 15.59 16.98
CA SER A 320 38.40 16.38 17.42
C SER A 320 37.14 15.53 17.59
N PHE A 321 36.78 14.73 16.58
CA PHE A 321 35.53 14.00 16.61
C PHE A 321 35.66 12.77 15.71
N GLY A 322 34.56 12.06 15.52
CA GLY A 322 34.56 10.84 14.74
C GLY A 322 34.94 11.09 13.29
N TYR A 323 35.18 9.99 12.58
CA TYR A 323 35.68 10.08 11.22
C TYR A 323 34.57 10.27 10.18
N GLY A 324 33.32 10.03 10.54
CA GLY A 324 32.23 10.21 9.59
C GLY A 324 30.90 9.83 10.19
N HIS A 325 29.85 10.16 9.46
CA HIS A 325 28.47 9.93 9.88
C HIS A 325 27.65 9.52 8.67
N SER A 326 26.38 9.18 8.92
CA SER A 326 25.47 8.81 7.87
C SER A 326 24.74 10.03 7.34
N PHE A 327 24.39 10.01 6.07
CA PHE A 327 23.75 11.14 5.41
C PHE A 327 22.26 10.87 5.26
N GLY A 328 21.61 11.62 4.36
CA GLY A 328 20.19 11.49 4.15
C GLY A 328 19.42 12.72 4.60
N VAL A 329 18.42 12.51 5.47
CA VAL A 329 17.58 13.59 5.96
C VAL A 329 18.18 14.03 7.29
N LEU A 330 19.10 14.99 7.23
CA LEU A 330 19.69 15.55 8.44
C LEU A 330 20.05 17.00 8.17
N CYS A 331 20.45 17.70 9.23
CA CYS A 331 20.82 19.10 9.17
C CYS A 331 21.49 19.43 10.51
N HIS A 332 21.88 20.69 10.69
CA HIS A 332 22.46 21.09 11.97
C HIS A 332 21.42 21.19 13.07
N TYR A 333 20.13 20.97 12.77
CA TYR A 333 19.11 20.99 13.81
C TYR A 333 18.17 19.80 13.72
N TYR A 334 18.49 18.76 12.95
CA TYR A 334 17.72 17.54 12.93
C TYR A 334 18.49 16.44 12.23
N GLY A 335 18.08 15.20 12.48
CA GLY A 335 18.58 14.06 11.74
C GLY A 335 19.78 13.36 12.35
N ARG A 336 20.60 12.77 11.48
CA ARG A 336 21.75 11.93 11.83
C ARG A 336 21.30 10.58 12.38
N GLU A 337 21.61 9.52 11.66
CA GLU A 337 21.31 8.15 12.08
C GLU A 337 22.47 7.66 12.94
N ALA A 338 22.29 7.70 14.27
CA ALA A 338 23.35 7.38 15.21
C ALA A 338 23.85 5.95 15.09
N GLY A 339 23.16 5.09 14.34
CA GLY A 339 23.65 3.74 14.14
C GLY A 339 24.93 3.68 13.32
N VAL A 340 25.10 4.62 12.39
CA VAL A 340 26.28 4.63 11.53
C VAL A 340 27.17 5.82 11.88
N GLU A 341 28.12 5.60 12.79
CA GLU A 341 29.08 6.62 13.18
C GLU A 341 30.46 5.99 13.26
N LEU A 342 31.45 6.63 12.63
CA LEU A 342 32.81 6.10 12.59
C LEU A 342 33.51 6.37 13.92
N ARG A 343 33.01 5.70 14.96
CA ARG A 343 33.48 5.86 16.32
C ARG A 343 33.97 4.53 16.87
N GLU A 344 34.82 4.60 17.89
CA GLU A 344 35.59 3.46 18.35
C GLU A 344 34.75 2.34 18.97
N ASP A 345 33.50 2.61 19.33
CA ASP A 345 32.66 1.61 19.98
C ASP A 345 31.38 1.31 19.20
N ILE A 346 31.36 1.60 17.91
CA ILE A 346 30.20 1.34 17.06
C ILE A 346 30.43 0.01 16.36
N ASP A 347 29.73 -1.02 16.81
CA ASP A 347 29.88 -2.36 16.26
C ASP A 347 29.12 -2.57 14.96
N THR A 348 28.43 -1.56 14.46
CA THR A 348 27.62 -1.73 13.26
C THR A 348 28.50 -1.88 12.03
N GLU A 349 28.02 -2.68 11.08
CA GLU A 349 28.74 -2.99 9.86
C GLU A 349 28.16 -2.21 8.69
N LEU A 350 29.04 -1.64 7.87
CA LEU A 350 28.60 -0.93 6.68
C LEU A 350 27.81 -1.86 5.76
N LYS A 351 27.01 -1.27 4.88
CA LYS A 351 26.17 -2.03 3.96
C LYS A 351 26.08 -1.28 2.64
N PRO A 352 25.95 -1.98 1.52
CA PRO A 352 25.71 -1.29 0.24
C PRO A 352 24.46 -0.43 0.31
N GLY A 353 24.57 0.79 -0.19
CA GLY A 353 23.50 1.76 -0.18
C GLY A 353 23.66 2.85 0.86
N MET A 354 24.50 2.64 1.87
CA MET A 354 24.76 3.69 2.85
C MET A 354 25.57 4.82 2.22
N VAL A 355 25.40 6.02 2.78
CA VAL A 355 26.10 7.22 2.34
C VAL A 355 26.85 7.77 3.55
N VAL A 356 28.17 7.59 3.57
CA VAL A 356 29.01 7.92 4.71
C VAL A 356 30.08 8.91 4.27
N SER A 357 30.56 9.72 5.22
CA SER A 357 31.62 10.68 4.95
C SER A 357 32.92 10.22 5.60
N MET A 358 34.02 10.81 5.11
CA MET A 358 35.35 10.62 5.68
C MET A 358 35.90 12.00 5.96
N GLU A 359 35.96 12.38 7.24
CA GLU A 359 36.31 13.74 7.64
C GLU A 359 37.23 13.75 8.86
N PRO A 360 38.47 13.28 8.69
CA PRO A 360 39.40 13.29 9.82
C PRO A 360 39.82 14.71 10.15
N MET A 361 39.65 15.10 11.42
CA MET A 361 39.96 16.44 11.88
C MET A 361 40.93 16.38 13.06
N VAL A 362 41.94 17.25 13.00
CA VAL A 362 42.90 17.43 14.08
C VAL A 362 42.90 18.91 14.45
N MET A 363 43.00 19.20 15.76
CA MET A 363 42.99 20.57 16.25
C MET A 363 44.20 20.80 17.13
N LEU A 364 45.02 21.79 16.78
CA LEU A 364 46.17 22.18 17.57
C LEU A 364 45.88 23.49 18.28
N PRO A 365 46.15 23.57 19.59
CA PRO A 365 45.79 24.77 20.34
C PRO A 365 46.61 25.99 19.93
N GLU A 366 46.08 27.16 20.27
CA GLU A 366 46.78 28.41 19.98
C GLU A 366 48.06 28.51 20.82
N GLY A 367 49.10 29.09 20.22
CA GLY A 367 50.40 29.16 20.85
C GLY A 367 51.33 28.02 20.53
N MET A 368 50.89 27.04 19.75
CA MET A 368 51.65 25.90 19.30
C MET A 368 51.90 26.01 17.80
N PRO A 369 53.10 25.64 17.33
CA PRO A 369 53.36 25.70 15.88
C PRO A 369 52.35 24.87 15.10
N GLY A 370 51.80 25.47 14.04
CA GLY A 370 50.74 24.83 13.30
C GLY A 370 49.38 24.92 13.94
N ALA A 371 49.16 25.91 14.80
CA ALA A 371 47.89 26.05 15.50
C ALA A 371 46.74 26.20 14.50
N GLY A 372 45.62 25.56 14.81
CA GLY A 372 44.45 25.64 13.95
C GLY A 372 43.72 24.31 13.83
N GLY A 373 42.64 24.29 13.06
CA GLY A 373 41.88 23.08 12.81
C GLY A 373 42.04 22.64 11.36
N TYR A 374 42.43 21.38 11.19
CA TYR A 374 42.67 20.80 9.88
C TYR A 374 41.63 19.73 9.62
N ARG A 375 40.97 19.80 8.46
CA ARG A 375 39.87 18.88 8.18
C ARG A 375 39.59 18.87 6.69
N GLU A 376 39.50 17.67 6.12
CA GLU A 376 38.94 17.45 4.79
C GLU A 376 37.65 16.66 4.95
N HIS A 377 36.83 16.66 3.89
CA HIS A 377 35.52 16.03 3.97
C HIS A 377 35.07 15.60 2.59
N ASP A 378 34.92 14.29 2.39
CA ASP A 378 34.36 13.72 1.18
C ASP A 378 33.18 12.84 1.53
N ILE A 379 32.27 12.70 0.57
CA ILE A 379 31.08 11.85 0.71
C ILE A 379 31.29 10.60 -0.14
N LEU A 380 30.97 9.44 0.42
CA LEU A 380 31.14 8.18 -0.27
C LEU A 380 29.83 7.40 -0.26
N ILE A 381 29.45 6.89 -1.42
CA ILE A 381 28.31 5.99 -1.55
C ILE A 381 28.85 4.56 -1.53
N VAL A 382 28.32 3.74 -0.62
CA VAL A 382 28.80 2.37 -0.46
C VAL A 382 28.14 1.50 -1.51
N GLY A 383 28.97 0.86 -2.34
CA GLY A 383 28.50 -0.05 -3.36
C GLY A 383 28.60 -1.50 -2.94
N GLU A 384 28.69 -2.38 -3.93
CA GLU A 384 28.82 -3.81 -3.69
C GLU A 384 30.26 -4.23 -3.46
N ASP A 385 31.21 -3.61 -4.15
CA ASP A 385 32.63 -3.91 -4.01
C ASP A 385 33.38 -2.90 -3.18
N GLY A 386 33.12 -1.61 -3.38
CA GLY A 386 33.80 -0.57 -2.62
C GLY A 386 32.92 0.63 -2.36
N ALA A 387 33.43 1.83 -2.66
CA ALA A 387 32.69 3.05 -2.47
C ALA A 387 32.91 3.97 -3.67
N GLU A 388 32.05 4.97 -3.79
CA GLU A 388 32.13 5.97 -4.85
C GLU A 388 32.23 7.35 -4.20
N ASN A 389 33.38 7.99 -4.37
CA ASN A 389 33.59 9.34 -3.83
C ASN A 389 32.92 10.34 -4.76
N ILE A 390 31.93 11.08 -4.24
CA ILE A 390 31.17 12.03 -5.03
C ILE A 390 31.57 13.48 -4.72
N THR A 391 32.73 13.68 -4.08
CA THR A 391 33.26 15.01 -3.83
C THR A 391 34.39 15.29 -4.82
N GLY A 392 34.27 16.40 -5.55
CA GLY A 392 35.20 16.68 -6.63
C GLY A 392 36.21 17.78 -6.36
N PHE A 393 36.00 18.55 -5.30
CA PHE A 393 36.89 19.69 -5.02
C PHE A 393 38.27 19.19 -4.60
N PRO A 394 39.33 19.89 -5.00
CA PRO A 394 40.69 19.46 -4.62
C PRO A 394 40.87 19.40 -3.12
N VAL A 395 41.81 18.55 -2.69
CA VAL A 395 41.93 18.17 -1.29
C VAL A 395 43.01 18.99 -0.58
N GLY A 396 44.28 18.72 -0.89
CA GLY A 396 45.37 19.18 -0.06
C GLY A 396 46.09 20.43 -0.55
N PRO A 397 47.37 20.54 -0.18
CA PRO A 397 48.12 21.77 -0.47
C PRO A 397 48.46 21.98 -1.93
N GLU A 398 48.18 21.00 -2.80
CA GLU A 398 48.51 21.15 -4.22
C GLU A 398 47.76 22.31 -4.85
N HIS A 399 46.52 22.56 -4.41
CA HIS A 399 45.73 23.64 -4.99
C HIS A 399 45.04 24.53 -3.97
N ASN A 400 44.96 24.14 -2.70
CA ASN A 400 44.17 24.86 -1.72
C ASN A 400 44.94 25.98 -1.01
N ILE A 401 46.04 26.44 -1.58
CA ILE A 401 46.74 27.64 -1.12
C ILE A 401 46.26 28.78 -1.99
N ILE A 402 45.31 29.57 -1.47
CA ILE A 402 44.72 30.65 -2.25
C ILE A 402 45.78 31.69 -2.55
N ARG A 403 45.66 32.34 -3.72
CA ARG A 403 46.60 33.39 -4.12
C ARG A 403 45.87 34.49 -4.86
N ASN A 404 44.67 34.82 -4.42
CA ASN A 404 43.89 35.90 -5.02
C ASN A 404 44.49 37.26 -4.66
N ASP B 4 45.14 5.04 26.75
CA ASP B 4 43.78 5.08 26.26
C ASP B 4 43.42 6.49 25.79
N MET B 5 42.24 6.65 25.20
CA MET B 5 41.80 7.93 24.66
C MET B 5 41.13 8.77 25.74
N LEU B 6 41.06 10.07 25.48
CA LEU B 6 40.47 11.01 26.42
C LEU B 6 38.94 10.91 26.35
N HIS B 7 38.30 10.85 27.53
CA HIS B 7 36.85 10.81 27.63
C HIS B 7 36.25 12.18 27.92
N VAL B 8 36.71 12.82 28.99
CA VAL B 8 36.32 14.18 29.33
C VAL B 8 37.58 14.98 29.59
N MET B 9 37.69 16.13 28.94
CA MET B 9 38.87 16.99 29.08
C MET B 9 38.46 18.44 28.95
N LYS B 10 39.40 19.33 29.26
CA LYS B 10 39.23 20.77 29.09
C LYS B 10 40.03 21.21 27.88
N TRP B 11 39.34 21.81 26.91
CA TRP B 11 39.97 22.41 25.73
C TRP B 11 39.62 23.89 25.70
N HIS B 12 40.26 24.67 26.56
CA HIS B 12 39.98 26.10 26.68
C HIS B 12 40.91 26.88 25.74
N ASN B 13 40.64 26.73 24.44
CA ASN B 13 41.46 27.33 23.41
C ASN B 13 41.03 28.79 23.21
N GLY B 14 41.93 29.72 23.52
CA GLY B 14 41.67 31.14 23.32
C GLY B 14 41.13 31.81 24.56
N GLU B 15 40.88 33.12 24.42
CA GLU B 15 40.36 33.93 25.51
C GLU B 15 38.86 34.12 25.37
N LYS B 16 38.25 34.65 26.44
CA LYS B 16 36.81 34.86 26.46
C LYS B 16 36.39 35.87 25.39
N ASP B 17 35.33 35.55 24.66
CA ASP B 17 34.86 36.42 23.60
C ASP B 17 34.05 37.58 24.16
N TYR B 18 33.87 38.60 23.33
CA TYR B 18 32.98 39.70 23.67
C TYR B 18 31.54 39.19 23.82
N SER B 19 30.81 39.81 24.74
CA SER B 19 29.39 39.55 24.94
C SER B 19 28.66 40.88 25.09
N PRO B 20 27.45 41.00 24.54
CA PRO B 20 26.70 42.25 24.73
C PRO B 20 26.23 42.47 26.14
N PHE B 21 26.18 41.42 26.96
CA PHE B 21 25.68 41.48 28.32
C PHE B 21 26.83 41.65 29.29
N SER B 22 26.58 42.38 30.36
CA SER B 22 27.58 42.56 31.40
C SER B 22 27.73 41.28 32.22
N ASP B 23 28.80 41.23 33.02
CA ASP B 23 28.98 40.12 33.93
C ASP B 23 27.87 40.09 34.99
N ALA B 24 27.38 41.27 35.39
CA ALA B 24 26.27 41.31 36.35
C ALA B 24 24.99 40.76 35.74
N GLU B 25 24.79 40.94 34.44
CA GLU B 25 23.57 40.43 33.80
C GLU B 25 23.60 38.91 33.68
N MET B 26 24.75 38.34 33.30
CA MET B 26 24.84 36.89 33.26
C MET B 26 24.86 36.30 34.67
N THR B 27 25.27 37.07 35.67
CA THR B 27 25.29 36.58 37.05
C THR B 27 23.88 36.54 37.64
N ARG B 28 23.06 37.56 37.41
CA ARG B 28 21.70 37.53 37.93
C ARG B 28 20.88 36.40 37.34
N ARG B 29 21.13 36.05 36.07
CA ARG B 29 20.43 34.92 35.47
C ARG B 29 20.80 33.61 36.15
N GLN B 30 22.10 33.39 36.37
CA GLN B 30 22.53 32.16 37.01
C GLN B 30 22.15 32.13 38.48
N ASN B 31 21.99 33.31 39.10
CA ASN B 31 21.57 33.37 40.50
C ASN B 31 20.08 33.13 40.66
N ASP B 32 19.26 33.56 39.69
CA ASP B 32 17.83 33.26 39.76
C ASP B 32 17.59 31.76 39.78
N VAL B 33 18.39 31.00 39.05
CA VAL B 33 18.31 29.54 39.10
C VAL B 33 18.70 29.04 40.49
N ARG B 34 19.81 29.56 41.03
CA ARG B 34 20.25 29.14 42.36
C ARG B 34 19.21 29.50 43.41
N GLY B 35 18.61 30.68 43.30
CA GLY B 35 17.55 31.06 44.23
C GLY B 35 16.33 30.17 44.13
N TRP B 36 16.02 29.70 42.92
CA TRP B 36 14.88 28.80 42.76
C TRP B 36 15.20 27.40 43.26
N MET B 37 16.43 26.93 43.03
CA MET B 37 16.81 25.60 43.50
C MET B 37 16.80 25.52 45.01
N ALA B 38 17.24 26.59 45.68
CA ALA B 38 17.26 26.58 47.15
C ALA B 38 15.85 26.56 47.73
N LYS B 39 14.90 27.23 47.07
CA LYS B 39 13.52 27.21 47.53
C LYS B 39 12.88 25.84 47.38
N ASN B 40 13.36 25.01 46.45
CA ASN B 40 12.74 23.73 46.14
C ASN B 40 13.67 22.55 46.47
N ASN B 41 14.71 22.78 47.28
CA ASN B 41 15.61 21.72 47.73
C ASN B 41 16.24 20.98 46.53
N VAL B 42 16.55 21.72 45.48
CA VAL B 42 17.20 21.17 44.30
C VAL B 42 18.70 21.41 44.41
N ASP B 43 19.48 20.35 44.22
CA ASP B 43 20.92 20.46 44.44
C ASP B 43 21.64 21.02 43.22
N ALA B 44 21.22 20.65 42.01
CA ALA B 44 21.85 21.14 40.81
C ALA B 44 20.83 21.21 39.69
N ALA B 45 21.17 22.00 38.67
CA ALA B 45 20.34 22.15 37.47
C ALA B 45 21.14 21.68 36.27
N LEU B 46 20.50 20.90 35.41
CA LEU B 46 21.12 20.42 34.18
C LEU B 46 20.25 20.87 33.01
N PHE B 47 20.73 21.87 32.27
CA PHE B 47 20.05 22.36 31.09
C PHE B 47 20.60 21.67 29.85
N THR B 48 19.72 21.37 28.89
CA THR B 48 20.12 20.67 27.68
C THR B 48 19.67 21.34 26.38
N SER B 49 18.74 22.29 26.43
CA SER B 49 18.18 22.86 25.21
C SER B 49 19.04 24.01 24.70
N TYR B 50 18.82 24.35 23.42
CA TYR B 50 19.44 25.53 22.84
C TYR B 50 19.22 26.76 23.71
N HIS B 51 17.96 27.02 24.06
CA HIS B 51 17.57 28.32 24.60
C HIS B 51 17.98 28.48 26.06
N CYS B 52 17.76 27.46 26.89
CA CYS B 52 18.18 27.55 28.28
C CYS B 52 19.69 27.70 28.40
N ILE B 53 20.45 26.96 27.58
CA ILE B 53 21.89 27.06 27.63
C ILE B 53 22.35 28.44 27.16
N ASN B 54 21.75 28.96 26.10
CA ASN B 54 22.15 30.29 25.62
C ASN B 54 21.74 31.39 26.58
N TYR B 55 20.65 31.19 27.34
CA TYR B 55 20.21 32.22 28.26
C TYR B 55 21.14 32.33 29.46
N TYR B 56 21.44 31.21 30.11
CA TYR B 56 22.24 31.24 31.34
C TYR B 56 23.73 31.23 31.09
N SER B 57 24.20 30.86 29.88
CA SER B 57 25.63 30.89 29.59
C SER B 57 26.02 31.89 28.52
N GLY B 58 25.10 32.27 27.64
CA GLY B 58 25.40 33.18 26.55
C GLY B 58 25.91 32.52 25.30
N TRP B 59 26.05 31.20 25.30
CA TRP B 59 26.62 30.43 24.19
C TRP B 59 25.52 29.61 23.54
N LEU B 60 25.44 29.68 22.21
CA LEU B 60 24.46 28.91 21.44
C LEU B 60 25.19 27.75 20.77
N TYR B 61 24.75 26.53 21.05
CA TYR B 61 25.44 25.36 20.51
C TYR B 61 24.82 24.91 19.19
N CYS B 62 25.62 24.19 18.42
CA CYS B 62 25.18 23.57 17.18
C CYS B 62 24.97 22.08 17.43
N TYR B 63 23.76 21.60 17.18
CA TYR B 63 23.34 20.23 17.49
C TYR B 63 23.44 19.38 16.23
N PHE B 64 24.53 18.65 16.08
CA PHE B 64 24.67 17.72 14.97
C PHE B 64 24.50 16.28 15.46
N GLY B 65 23.36 16.06 16.13
CA GLY B 65 23.04 14.80 16.76
C GLY B 65 23.76 14.52 18.06
N ARG B 66 24.49 15.50 18.60
CA ARG B 66 25.24 15.31 19.84
C ARG B 66 24.52 15.98 21.00
N LYS B 67 24.74 15.44 22.20
CA LYS B 67 24.18 16.01 23.41
C LYS B 67 25.04 17.17 23.90
N TYR B 68 24.38 18.19 24.45
CA TYR B 68 25.06 19.30 25.09
C TYR B 68 24.38 19.60 26.41
N GLY B 69 25.12 20.22 27.31
CA GLY B 69 24.56 20.49 28.63
C GLY B 69 25.21 21.67 29.31
N MET B 70 24.56 22.11 30.38
CA MET B 70 25.13 23.11 31.28
C MET B 70 24.64 22.82 32.69
N VAL B 71 25.56 22.70 33.63
CA VAL B 71 25.25 22.38 35.02
C VAL B 71 25.49 23.62 35.87
N ILE B 72 24.48 23.97 36.67
CA ILE B 72 24.56 25.11 37.58
C ILE B 72 24.30 24.59 38.97
N ASP B 73 25.35 24.55 39.81
CA ASP B 73 25.23 24.19 41.20
C ASP B 73 25.00 25.45 42.03
N HIS B 74 24.99 25.32 43.36
CA HIS B 74 24.84 26.50 44.19
C HIS B 74 26.09 27.36 44.23
N ASN B 75 27.17 26.94 43.57
CA ASN B 75 28.39 27.74 43.51
C ASN B 75 29.10 27.70 42.16
N ASN B 76 28.71 26.84 41.22
CA ASN B 76 29.44 26.65 39.98
C ASN B 76 28.50 26.83 38.79
N ALA B 77 29.11 26.95 37.61
CA ALA B 77 28.38 27.06 36.35
C ALA B 77 29.28 26.56 35.23
N THR B 78 28.88 25.50 34.56
CA THR B 78 29.75 24.82 33.60
C THR B 78 28.95 24.32 32.42
N THR B 79 29.39 24.67 31.22
CA THR B 79 28.79 24.16 29.99
C THR B 79 29.51 22.88 29.56
N ILE B 80 28.76 21.99 28.91
CA ILE B 80 29.27 20.70 28.45
C ILE B 80 29.18 20.66 26.95
N SER B 81 30.33 20.57 26.28
CA SER B 81 30.39 20.57 24.83
C SER B 81 31.23 19.40 24.34
N ALA B 82 31.24 19.21 23.02
CA ALA B 82 31.87 18.06 22.39
C ALA B 82 33.24 18.46 21.83
N GLY B 83 34.05 17.43 21.55
CA GLY B 83 35.37 17.67 20.99
C GLY B 83 35.34 18.40 19.66
N ILE B 84 34.25 18.23 18.90
CA ILE B 84 34.15 18.86 17.60
C ILE B 84 34.12 20.38 17.71
N ASP B 85 33.68 20.89 18.86
CA ASP B 85 33.55 22.32 19.07
C ASP B 85 34.86 22.99 19.50
N GLY B 86 35.78 22.24 20.09
CA GLY B 86 37.07 22.81 20.46
C GLY B 86 36.91 23.80 21.60
N GLY B 87 37.51 24.97 21.43
CA GLY B 87 37.44 26.01 22.45
C GLY B 87 36.35 27.04 22.25
N GLN B 88 35.58 26.95 21.17
CA GLN B 88 34.53 27.94 20.94
C GLN B 88 33.50 28.00 22.06
N PRO B 89 33.02 26.88 22.62
CA PRO B 89 32.09 26.99 23.76
C PRO B 89 32.68 27.68 24.97
N TRP B 90 33.95 27.44 25.29
CA TRP B 90 34.51 28.10 26.47
C TRP B 90 34.74 29.59 26.23
N ARG B 91 35.06 29.98 25.00
CA ARG B 91 35.22 31.40 24.70
C ARG B 91 33.90 32.14 24.77
N ARG B 92 32.79 31.46 24.48
CA ARG B 92 31.49 32.08 24.37
C ARG B 92 30.63 31.93 25.62
N SER B 93 31.07 31.14 26.60
CA SER B 93 30.26 30.83 27.76
C SER B 93 30.69 31.65 28.96
N PHE B 94 29.70 32.03 29.78
CA PHE B 94 29.96 32.74 31.03
C PHE B 94 30.08 31.69 32.14
N GLY B 95 31.32 31.44 32.56
CA GLY B 95 31.57 30.41 33.56
C GLY B 95 32.60 29.40 33.09
N ASP B 96 32.52 28.19 33.63
CA ASP B 96 33.46 27.14 33.26
C ASP B 96 32.91 26.34 32.08
N ASN B 97 33.69 25.38 31.60
CA ASN B 97 33.32 24.59 30.44
C ASN B 97 34.20 23.34 30.38
N ILE B 98 33.59 22.19 30.11
CA ILE B 98 34.31 20.94 29.92
C ILE B 98 33.86 20.32 28.60
N THR B 99 34.66 19.37 28.13
CA THR B 99 34.48 18.77 26.81
C THR B 99 34.44 17.25 26.93
N TYR B 100 33.51 16.62 26.22
CA TYR B 100 33.45 15.18 26.11
C TYR B 100 33.71 14.76 24.67
N THR B 101 34.23 13.55 24.50
CA THR B 101 34.64 13.06 23.19
C THR B 101 33.65 12.03 22.66
N ASP B 102 33.79 11.73 21.36
CA ASP B 102 32.92 10.76 20.71
C ASP B 102 33.37 9.31 20.89
N TRP B 103 34.54 9.08 21.50
CA TRP B 103 35.10 7.73 21.50
C TRP B 103 34.35 6.78 22.43
N ARG B 104 33.38 7.27 23.20
CA ARG B 104 32.60 6.42 24.08
C ARG B 104 31.19 6.98 24.16
N ARG B 105 30.20 6.09 24.08
CA ARG B 105 28.80 6.52 23.99
C ARG B 105 28.32 7.24 25.24
N ASP B 106 28.95 7.03 26.39
CA ASP B 106 28.50 7.62 27.64
C ASP B 106 29.41 8.73 28.13
N ASN B 107 30.29 9.26 27.26
CA ASN B 107 31.19 10.31 27.69
C ASN B 107 30.45 11.57 28.12
N PHE B 108 29.30 11.85 27.52
CA PHE B 108 28.50 12.98 27.96
C PHE B 108 27.96 12.78 29.37
N TYR B 109 27.51 11.56 29.67
CA TYR B 109 27.01 11.27 31.01
C TYR B 109 28.15 11.18 32.02
N ARG B 110 29.35 10.83 31.56
CA ARG B 110 30.53 10.97 32.40
C ARG B 110 30.77 12.42 32.78
N ALA B 111 30.53 13.34 31.84
CA ALA B 111 30.75 14.76 32.12
C ALA B 111 29.70 15.30 33.07
N VAL B 112 28.43 14.95 32.85
CA VAL B 112 27.36 15.34 33.75
C VAL B 112 27.65 14.86 35.17
N ARG B 113 28.15 13.63 35.30
CA ARG B 113 28.40 13.04 36.60
C ARG B 113 29.51 13.77 37.36
N GLN B 114 30.53 14.24 36.65
CA GLN B 114 31.61 14.98 37.28
C GLN B 114 31.11 16.29 37.89
N LEU B 115 30.10 16.91 37.27
CA LEU B 115 29.60 18.19 37.73
C LEU B 115 28.44 18.06 38.71
N THR B 116 28.02 16.83 39.04
CA THR B 116 26.86 16.62 39.89
C THR B 116 27.12 15.60 40.99
N THR B 117 28.38 15.33 41.31
CA THR B 117 28.69 14.36 42.35
C THR B 117 28.17 14.84 43.70
N GLY B 118 27.34 14.01 44.33
CA GLY B 118 26.73 14.33 45.61
C GLY B 118 25.29 14.83 45.53
N ALA B 119 24.81 15.19 44.34
CA ALA B 119 23.46 15.70 44.21
C ALA B 119 22.44 14.58 44.39
N LYS B 120 21.25 14.96 44.89
CA LYS B 120 20.14 14.03 45.02
C LYS B 120 18.87 14.48 44.33
N ARG B 121 18.70 15.78 44.07
CA ARG B 121 17.58 16.29 43.29
C ARG B 121 18.15 17.19 42.20
N ILE B 122 18.16 16.70 40.97
CA ILE B 122 18.66 17.45 39.82
C ILE B 122 17.47 17.92 39.00
N GLY B 123 17.45 19.22 38.69
CA GLY B 123 16.39 19.78 37.87
C GLY B 123 16.78 19.77 36.40
N ILE B 124 15.91 19.21 35.57
CA ILE B 124 16.12 19.11 34.14
C ILE B 124 14.91 19.69 33.41
N GLU B 125 15.04 19.83 32.11
CA GLU B 125 13.99 20.44 31.28
C GLU B 125 13.04 19.35 30.80
N PHE B 126 11.84 19.30 31.39
CA PHE B 126 10.83 18.38 30.87
C PHE B 126 10.36 18.79 29.48
N ASP B 127 10.58 20.05 29.09
CA ASP B 127 10.24 20.51 27.75
C ASP B 127 11.14 19.88 26.69
N HIS B 128 12.38 19.57 27.04
CA HIS B 128 13.40 19.21 26.07
C HIS B 128 13.84 17.75 26.15
N VAL B 129 14.08 17.24 27.36
CA VAL B 129 14.59 15.88 27.52
C VAL B 129 13.60 14.89 26.95
N ASN B 130 14.05 14.05 26.03
CA ASN B 130 13.18 13.06 25.41
C ASN B 130 13.16 11.78 26.26
N LEU B 131 12.47 10.76 25.75
CA LEU B 131 12.23 9.55 26.53
C LEU B 131 13.51 8.75 26.75
N ASP B 132 14.25 8.49 25.66
CA ASP B 132 15.52 7.79 25.79
C ASP B 132 16.52 8.58 26.61
N PHE B 133 16.45 9.91 26.53
CA PHE B 133 17.36 10.76 27.30
C PHE B 133 17.09 10.61 28.80
N ARG B 134 15.83 10.68 29.22
CA ARG B 134 15.53 10.60 30.64
C ARG B 134 15.92 9.26 31.23
N ARG B 135 15.74 8.18 30.46
CA ARG B 135 16.12 6.86 30.96
C ARG B 135 17.64 6.74 31.08
N GLN B 136 18.37 7.33 30.14
CA GLN B 136 19.83 7.29 30.23
C GLN B 136 20.35 8.11 31.39
N LEU B 137 19.75 9.27 31.64
CA LEU B 137 20.13 10.08 32.80
C LEU B 137 19.85 9.35 34.10
N GLU B 138 18.72 8.63 34.15
CA GLU B 138 18.39 7.87 35.35
C GLU B 138 19.38 6.74 35.58
N GLU B 139 19.85 6.10 34.50
CA GLU B 139 20.79 4.99 34.65
C GLU B 139 22.18 5.48 35.01
N ALA B 140 22.61 6.60 34.41
CA ALA B 140 23.94 7.13 34.69
C ALA B 140 24.02 7.84 36.03
N LEU B 141 22.88 8.23 36.61
CA LEU B 141 22.83 8.90 37.90
C LEU B 141 21.79 8.21 38.78
N PRO B 142 22.12 7.03 39.30
CA PRO B 142 21.16 6.32 40.16
C PRO B 142 20.98 7.02 41.50
N GLY B 143 19.77 6.89 42.04
CA GLY B 143 19.43 7.51 43.30
C GLY B 143 19.18 9.00 43.25
N VAL B 144 19.03 9.57 42.06
CA VAL B 144 18.81 11.00 41.89
C VAL B 144 17.38 11.22 41.43
N GLU B 145 16.62 12.00 42.19
CA GLU B 145 15.28 12.38 41.78
C GLU B 145 15.35 13.57 40.84
N PHE B 146 14.62 13.49 39.74
CA PHE B 146 14.61 14.54 38.73
C PHE B 146 13.36 15.39 38.86
N VAL B 147 13.53 16.71 38.82
CA VAL B 147 12.44 17.67 38.88
C VAL B 147 12.55 18.58 37.66
N ASP B 148 11.47 19.29 37.38
CA ASP B 148 11.41 20.14 36.20
C ASP B 148 11.84 21.57 36.54
N ILE B 149 12.72 22.13 35.71
CA ILE B 149 13.05 23.55 35.76
C ILE B 149 12.66 24.28 34.48
N SER B 150 12.21 23.57 33.44
CA SER B 150 11.86 24.25 32.19
C SER B 150 10.74 25.24 32.40
N GLN B 151 9.76 24.92 33.26
CA GLN B 151 8.66 25.84 33.49
C GLN B 151 9.08 27.06 34.33
N PRO B 152 9.73 26.90 35.50
CA PRO B 152 10.18 28.10 36.22
C PRO B 152 11.20 28.92 35.45
N SER B 153 12.06 28.28 34.67
CA SER B 153 12.99 29.02 33.83
C SER B 153 12.24 29.80 32.75
N MET B 154 11.18 29.19 32.20
CA MET B 154 10.38 29.86 31.18
C MET B 154 9.74 31.12 31.72
N TRP B 155 9.17 31.05 32.93
CA TRP B 155 8.55 32.23 33.53
C TRP B 155 9.58 33.29 33.87
N MET B 156 10.77 32.88 34.31
CA MET B 156 11.81 33.84 34.62
C MET B 156 12.37 34.52 33.39
N ARG B 157 12.23 33.91 32.21
CA ARG B 157 12.69 34.55 30.97
C ARG B 157 11.67 35.50 30.37
N THR B 158 10.42 35.46 30.83
CA THR B 158 9.41 36.33 30.24
C THR B 158 9.62 37.79 30.63
N ILE B 159 10.30 38.04 31.74
CA ILE B 159 10.59 39.40 32.21
C ILE B 159 12.01 39.72 31.76
N LYS B 160 12.13 40.55 30.73
CA LYS B 160 13.43 40.89 30.19
C LYS B 160 14.06 42.03 30.98
N SER B 161 15.38 41.97 31.14
CA SER B 161 16.12 43.03 31.78
C SER B 161 16.37 44.17 30.78
N LEU B 162 16.92 45.27 31.30
CA LEU B 162 17.21 46.42 30.45
C LEU B 162 18.24 46.08 29.39
N GLU B 163 19.25 45.29 29.75
CA GLU B 163 20.26 44.89 28.79
C GLU B 163 19.69 43.99 27.70
N GLU B 164 18.74 43.13 28.06
CA GLU B 164 18.05 42.34 27.04
C GLU B 164 17.21 43.22 26.13
N GLN B 165 16.54 44.23 26.71
CA GLN B 165 15.76 45.15 25.89
C GLN B 165 16.65 45.96 24.95
N LYS B 166 17.83 46.36 25.42
CA LYS B 166 18.75 47.11 24.55
C LYS B 166 19.18 46.27 23.36
N LEU B 167 19.42 44.98 23.56
CA LEU B 167 19.76 44.11 22.44
C LEU B 167 18.56 43.85 21.54
N ILE B 168 17.36 43.76 22.12
CA ILE B 168 16.16 43.56 21.32
C ILE B 168 15.86 44.80 20.47
N ARG B 169 16.07 45.99 21.03
CA ARG B 169 15.93 47.20 20.23
C ARG B 169 16.91 47.22 19.07
N GLU B 170 18.16 46.79 19.31
CA GLU B 170 19.14 46.74 18.24
C GLU B 170 18.75 45.74 17.17
N GLY B 171 18.14 44.62 17.56
CA GLY B 171 17.64 43.68 16.57
C GLY B 171 16.50 44.25 15.76
N ALA B 172 15.64 45.06 16.39
CA ALA B 172 14.56 45.72 15.67
C ALA B 172 15.09 46.73 14.67
N ARG B 173 16.24 47.34 14.96
CA ARG B 173 16.84 48.28 14.01
C ARG B 173 17.34 47.54 12.78
N VAL B 174 17.96 46.38 12.98
CA VAL B 174 18.41 45.57 11.84
C VAL B 174 17.21 45.05 11.07
N CYS B 175 16.08 44.82 11.75
CA CYS B 175 14.85 44.44 11.06
C CYS B 175 14.45 45.48 10.03
N ASP B 176 14.47 46.76 10.42
CA ASP B 176 14.08 47.82 9.49
C ASP B 176 15.09 47.94 8.35
N VAL B 177 16.38 47.80 8.65
CA VAL B 177 17.39 47.84 7.60
C VAL B 177 17.16 46.73 6.59
N GLY B 178 16.86 45.52 7.07
CA GLY B 178 16.53 44.43 6.16
C GLY B 178 15.24 44.66 5.41
N GLY B 179 14.28 45.36 6.02
CA GLY B 179 13.05 45.68 5.32
C GLY B 179 13.28 46.63 4.16
N ALA B 180 14.11 47.66 4.37
CA ALA B 180 14.40 48.61 3.29
C ALA B 180 15.12 47.94 2.13
N ALA B 181 16.04 47.01 2.44
CA ALA B 181 16.69 46.27 1.37
C ALA B 181 15.72 45.33 0.67
N CYS B 182 14.70 44.84 1.37
CA CYS B 182 13.71 43.99 0.75
C CYS B 182 12.80 44.79 -0.18
N ALA B 183 12.32 45.95 0.30
CA ALA B 183 11.46 46.78 -0.54
C ALA B 183 12.20 47.30 -1.76
N ALA B 184 13.50 47.56 -1.65
CA ALA B 184 14.27 48.10 -2.76
C ALA B 184 14.60 47.06 -3.81
N ALA B 185 14.53 45.77 -3.47
CA ALA B 185 14.84 44.70 -4.41
C ALA B 185 13.62 44.13 -5.10
N ILE B 186 12.42 44.56 -4.72
CA ILE B 186 11.20 43.99 -5.26
C ILE B 186 10.86 44.68 -6.58
N LYS B 187 10.62 43.89 -7.61
CA LYS B 187 10.20 44.39 -8.91
C LYS B 187 9.49 43.27 -9.65
N ALA B 188 8.53 43.64 -10.49
CA ALA B 188 7.79 42.66 -11.28
C ALA B 188 8.74 41.88 -12.19
N GLY B 189 8.93 40.60 -11.91
CA GLY B 189 9.85 39.77 -12.66
C GLY B 189 11.03 39.23 -11.87
N VAL B 190 11.22 39.63 -10.61
CA VAL B 190 12.36 39.18 -9.83
C VAL B 190 11.97 37.93 -9.06
N PRO B 191 12.84 36.92 -8.99
CA PRO B 191 12.50 35.72 -8.22
C PRO B 191 12.51 35.98 -6.73
N GLU B 192 11.82 35.11 -6.00
CA GLU B 192 11.73 35.26 -4.54
C GLU B 192 13.10 35.16 -3.88
N HIS B 193 13.94 34.25 -4.35
CA HIS B 193 15.23 34.04 -3.69
C HIS B 193 16.19 35.20 -3.93
N GLU B 194 16.06 35.89 -5.07
CA GLU B 194 16.90 37.07 -5.29
C GLU B 194 16.52 38.18 -4.31
N VAL B 195 15.23 38.33 -4.01
CA VAL B 195 14.80 39.29 -3.00
C VAL B 195 15.33 38.88 -1.63
N ALA B 196 15.20 37.59 -1.29
CA ALA B 196 15.64 37.12 0.02
C ALA B 196 17.15 37.19 0.18
N ILE B 197 17.90 36.96 -0.90
CA ILE B 197 19.36 37.06 -0.84
C ILE B 197 19.78 38.47 -0.47
N ALA B 198 19.23 39.47 -1.17
CA ALA B 198 19.58 40.86 -0.88
C ALA B 198 19.13 41.27 0.51
N THR B 199 18.00 40.75 0.98
CA THR B 199 17.50 41.10 2.31
C THR B 199 18.38 40.51 3.41
N THR B 200 18.79 39.26 3.26
CA THR B 200 19.61 38.63 4.29
C THR B 200 21.03 39.17 4.26
N ASN B 201 21.59 39.39 3.06
CA ASN B 201 22.92 39.98 2.95
C ASN B 201 23.01 41.32 3.67
N ALA B 202 21.98 42.16 3.52
CA ALA B 202 22.02 43.48 4.15
C ALA B 202 21.98 43.37 5.68
N MET B 203 21.18 42.45 6.21
CA MET B 203 21.10 42.30 7.66
C MET B 203 22.41 41.75 8.22
N ILE B 204 23.00 40.75 7.55
CA ILE B 204 24.25 40.16 8.03
C ILE B 204 25.35 41.23 8.09
N ARG B 205 25.41 42.08 7.06
CA ARG B 205 26.41 43.14 7.04
C ARG B 205 26.13 44.20 8.09
N GLU B 206 24.85 44.50 8.35
CA GLU B 206 24.51 45.46 9.40
C GLU B 206 24.84 44.91 10.78
N ILE B 207 24.68 43.59 10.98
CA ILE B 207 24.99 43.00 12.28
C ILE B 207 26.50 42.98 12.50
N ALA B 208 27.26 42.52 11.51
CA ALA B 208 28.71 42.45 11.64
C ALA B 208 29.34 43.82 11.87
N LYS B 209 28.68 44.88 11.40
CA LYS B 209 29.18 46.23 11.57
C LYS B 209 28.82 46.81 12.94
N SER B 210 27.81 46.27 13.61
CA SER B 210 27.28 46.85 14.83
C SER B 210 27.85 46.23 16.11
N PHE B 211 28.86 45.38 15.99
CA PHE B 211 29.46 44.76 17.16
C PHE B 211 30.95 44.58 16.91
N PRO B 212 31.78 44.70 17.94
CA PRO B 212 33.21 44.39 17.76
C PRO B 212 33.43 42.92 17.47
N PHE B 213 32.71 42.04 18.16
CA PHE B 213 32.68 40.63 17.86
C PHE B 213 31.24 40.16 17.86
N VAL B 214 30.88 39.34 16.87
CA VAL B 214 29.55 38.78 16.80
C VAL B 214 29.62 37.55 15.89
N GLU B 215 28.79 36.56 16.19
CA GLU B 215 28.63 35.40 15.32
C GLU B 215 27.47 35.66 14.37
N LEU B 216 27.72 35.48 13.08
CA LEU B 216 26.74 35.74 12.04
C LEU B 216 26.15 34.41 11.62
N MET B 217 25.05 34.03 12.26
CA MET B 217 24.42 32.74 12.06
C MET B 217 22.91 32.92 12.09
N ASP B 218 22.22 32.00 11.40
CA ASP B 218 20.79 31.76 11.56
C ASP B 218 19.90 32.85 10.95
N THR B 219 20.45 34.05 10.75
CA THR B 219 19.66 35.13 10.16
C THR B 219 19.09 34.72 8.82
N TRP B 220 17.78 34.93 8.64
CA TRP B 220 17.10 34.50 7.43
C TRP B 220 16.01 35.50 7.05
N THR B 221 15.48 35.31 5.85
CA THR B 221 14.39 36.11 5.31
C THR B 221 13.35 35.19 4.71
N TRP B 222 12.08 35.54 4.85
CA TRP B 222 10.97 34.85 4.19
C TRP B 222 10.27 35.86 3.29
N PHE B 223 10.54 35.80 2.00
CA PHE B 223 9.85 36.63 1.00
C PHE B 223 8.91 35.74 0.21
N GLN B 224 7.62 35.95 0.39
CA GLN B 224 6.59 35.11 -0.22
C GLN B 224 5.75 35.93 -1.18
N SER B 225 5.42 35.35 -2.33
CA SER B 225 4.59 36.00 -3.33
C SER B 225 3.47 35.06 -3.73
N GLY B 226 2.29 35.62 -3.96
CA GLY B 226 1.17 34.82 -4.43
C GLY B 226 0.71 33.83 -3.38
N ILE B 227 0.61 32.57 -3.78
CA ILE B 227 0.11 31.53 -2.88
C ILE B 227 1.12 31.20 -1.79
N ASN B 228 2.39 31.57 -1.97
CA ASN B 228 3.38 31.36 -0.92
C ASN B 228 3.12 32.21 0.31
N THR B 229 2.24 33.21 0.23
CA THR B 229 1.90 34.04 1.37
C THR B 229 0.87 33.40 2.29
N ASP B 230 0.27 32.28 1.91
CA ASP B 230 -0.76 31.67 2.74
C ASP B 230 -0.21 31.06 4.01
N GLY B 231 1.11 31.01 4.19
CA GLY B 231 1.71 30.54 5.42
C GLY B 231 2.82 31.45 5.91
N ALA B 232 2.81 31.78 7.20
CA ALA B 232 3.80 32.72 7.73
C ALA B 232 5.22 32.14 7.72
N HIS B 233 5.36 30.82 7.71
CA HIS B 233 6.67 30.18 7.73
C HIS B 233 7.02 29.54 6.40
N ASN B 234 6.28 29.84 5.33
CA ASN B 234 6.54 29.24 4.03
C ASN B 234 7.94 29.61 3.54
N PRO B 235 8.80 28.64 3.26
CA PRO B 235 10.17 28.95 2.86
C PRO B 235 10.24 29.68 1.53
N VAL B 236 11.42 30.24 1.26
CA VAL B 236 11.67 30.91 0.01
C VAL B 236 11.69 29.90 -1.13
N THR B 237 11.10 30.28 -2.26
CA THR B 237 11.07 29.47 -3.46
C THR B 237 11.73 30.25 -4.60
N ASN B 238 11.64 29.69 -5.82
CA ASN B 238 12.16 30.34 -7.02
C ASN B 238 11.06 30.94 -7.88
N ARG B 239 9.90 31.25 -7.28
CA ARG B 239 8.78 31.76 -8.05
C ARG B 239 9.03 33.19 -8.50
N ILE B 240 8.62 33.50 -9.73
CA ILE B 240 8.78 34.85 -10.27
C ILE B 240 7.66 35.73 -9.76
N VAL B 241 8.01 36.92 -9.26
CA VAL B 241 7.00 37.87 -8.81
C VAL B 241 6.34 38.51 -10.02
N GLN B 242 5.01 38.47 -10.05
CA GLN B 242 4.22 39.06 -11.10
C GLN B 242 3.49 40.28 -10.58
N SER B 243 3.22 41.23 -11.47
CA SER B 243 2.54 42.46 -11.09
C SER B 243 1.12 42.16 -10.61
N GLY B 244 0.76 42.70 -9.46
CA GLY B 244 -0.51 42.42 -8.83
C GLY B 244 -0.47 41.32 -7.79
N ASP B 245 0.66 40.63 -7.65
CA ASP B 245 0.76 39.56 -6.67
C ASP B 245 0.86 40.12 -5.25
N ILE B 246 0.16 39.49 -4.32
CA ILE B 246 0.32 39.81 -2.91
C ILE B 246 1.69 39.34 -2.45
N LEU B 247 2.33 40.15 -1.61
CA LEU B 247 3.67 39.88 -1.13
C LEU B 247 3.70 39.86 0.40
N SER B 248 4.76 39.27 0.95
CA SER B 248 4.92 39.16 2.40
C SER B 248 6.38 39.36 2.74
N LEU B 249 6.70 40.48 3.39
CA LEU B 249 8.05 40.77 3.85
C LEU B 249 8.25 40.16 5.23
N ASN B 250 9.38 39.48 5.43
CA ASN B 250 9.67 38.85 6.72
C ASN B 250 11.18 38.87 6.93
N THR B 251 11.66 39.68 7.87
CA THR B 251 13.08 39.78 8.17
C THR B 251 13.33 39.28 9.60
N PHE B 252 14.33 38.41 9.76
CA PHE B 252 14.61 37.78 11.05
C PHE B 252 16.11 37.78 11.31
N PRO B 253 16.66 38.87 11.86
CA PRO B 253 18.05 38.86 12.29
C PRO B 253 18.21 38.17 13.64
N MET B 254 19.28 37.39 13.77
CA MET B 254 19.57 36.63 14.98
C MET B 254 20.88 37.13 15.56
N ILE B 255 20.83 37.71 16.76
CA ILE B 255 21.98 38.35 17.39
C ILE B 255 22.18 37.71 18.76
N PHE B 256 23.29 36.98 18.91
CA PHE B 256 23.62 36.29 20.16
C PHE B 256 22.43 35.46 20.65
N GLY B 257 21.83 34.71 19.73
CA GLY B 257 20.70 33.86 20.04
C GLY B 257 19.39 34.58 20.25
N TYR B 258 19.37 35.91 20.26
CA TYR B 258 18.15 36.67 20.47
C TYR B 258 17.46 36.96 19.14
N TYR B 259 16.14 36.92 19.15
CA TYR B 259 15.32 36.93 17.94
C TYR B 259 14.47 38.19 17.91
N THR B 260 14.44 38.85 16.75
CA THR B 260 13.52 39.94 16.47
C THR B 260 12.94 39.74 15.07
N ALA B 261 11.83 40.41 14.80
CA ALA B 261 11.12 40.15 13.56
C ALA B 261 10.41 41.41 13.06
N LEU B 262 10.43 41.60 11.75
CA LEU B 262 9.63 42.60 11.06
C LEU B 262 8.90 41.89 9.92
N GLU B 263 7.56 41.92 9.95
CA GLU B 263 6.75 41.26 8.93
C GLU B 263 5.74 42.26 8.40
N ARG B 264 5.73 42.46 7.08
CA ARG B 264 4.87 43.43 6.42
C ARG B 264 4.27 42.79 5.18
N THR B 265 2.97 42.92 5.01
CA THR B 265 2.33 42.51 3.77
C THR B 265 2.48 43.63 2.73
N LEU B 266 2.75 43.24 1.49
CA LEU B 266 3.05 44.19 0.42
C LEU B 266 2.34 43.75 -0.85
N PHE B 267 2.39 44.60 -1.87
CA PHE B 267 1.85 44.27 -3.19
C PHE B 267 2.79 44.79 -4.26
N CYS B 268 2.90 44.03 -5.35
CA CYS B 268 3.79 44.39 -6.44
C CYS B 268 3.14 45.45 -7.32
N ASP B 269 3.85 46.56 -7.53
CA ASP B 269 3.45 47.63 -8.44
C ASP B 269 2.15 48.31 -8.02
N HIS B 270 1.07 47.55 -7.90
CA HIS B 270 -0.21 48.12 -7.55
C HIS B 270 -1.02 47.13 -6.73
N VAL B 271 -2.06 47.64 -6.07
CA VAL B 271 -2.98 46.84 -5.27
C VAL B 271 -4.40 47.10 -5.77
N ASP B 272 -5.19 46.04 -5.90
CA ASP B 272 -6.55 46.16 -6.39
C ASP B 272 -7.48 46.58 -5.25
N ASP B 273 -8.78 46.66 -5.56
CA ASP B 273 -9.75 47.06 -4.55
C ASP B 273 -10.16 45.90 -3.65
N ALA B 274 -10.32 44.70 -4.21
CA ALA B 274 -10.77 43.57 -3.42
C ALA B 274 -9.74 43.17 -2.38
N SER B 275 -8.48 43.04 -2.78
CA SER B 275 -7.44 42.68 -1.82
C SER B 275 -7.15 43.83 -0.87
N LEU B 276 -7.42 45.07 -1.27
CA LEU B 276 -7.21 46.20 -0.37
C LEU B 276 -8.24 46.20 0.76
N ASP B 277 -9.44 45.69 0.50
CA ASP B 277 -10.46 45.61 1.54
C ASP B 277 -10.01 44.67 2.67
N ILE B 278 -9.34 43.57 2.32
CA ILE B 278 -8.82 42.68 3.34
C ILE B 278 -7.59 43.27 4.01
N TRP B 279 -6.76 43.98 3.23
CA TRP B 279 -5.56 44.60 3.78
C TRP B 279 -5.91 45.73 4.73
N GLU B 280 -6.83 46.61 4.33
CA GLU B 280 -7.21 47.73 5.18
C GLU B 280 -7.86 47.27 6.47
N LYS B 281 -8.60 46.16 6.45
CA LYS B 281 -9.22 45.66 7.67
C LYS B 281 -8.20 44.99 8.57
N ASN B 282 -7.24 44.25 8.00
CA ASN B 282 -6.21 43.60 8.80
C ASN B 282 -5.31 44.64 9.47
N VAL B 283 -5.04 45.75 8.78
CA VAL B 283 -4.25 46.82 9.39
C VAL B 283 -5.02 47.43 10.56
N ALA B 284 -6.33 47.57 10.42
CA ALA B 284 -7.15 48.12 11.50
C ALA B 284 -7.14 47.20 12.71
N VAL B 285 -7.12 45.88 12.48
CA VAL B 285 -7.01 44.94 13.59
C VAL B 285 -5.64 45.03 14.23
N HIS B 286 -4.60 45.25 13.42
CA HIS B 286 -3.25 45.41 13.96
C HIS B 286 -3.15 46.67 14.82
N ARG B 287 -3.68 47.79 14.32
CA ARG B 287 -3.63 49.03 15.09
C ARG B 287 -4.38 48.90 16.40
N ARG B 288 -5.52 48.20 16.38
CA ARG B 288 -6.27 47.99 17.62
C ARG B 288 -5.53 47.04 18.56
N GLY B 289 -4.86 46.03 18.00
CA GLY B 289 -4.08 45.12 18.83
C GLY B 289 -2.97 45.83 19.59
N LEU B 290 -2.30 46.79 18.93
CA LEU B 290 -1.27 47.57 19.61
C LEU B 290 -1.85 48.29 20.82
N GLU B 291 -3.10 48.78 20.71
CA GLU B 291 -3.76 49.40 21.85
C GLU B 291 -4.02 48.39 22.96
N LEU B 292 -4.23 47.13 22.61
CA LEU B 292 -4.66 46.13 23.58
C LEU B 292 -3.52 45.52 24.38
N ILE B 293 -2.27 45.81 24.04
CA ILE B 293 -1.13 45.32 24.81
C ILE B 293 -0.85 46.34 25.91
N LYS B 294 -1.23 45.99 27.13
CA LYS B 294 -1.06 46.80 28.32
C LYS B 294 -0.69 45.90 29.50
N PRO B 295 0.02 46.43 30.49
CA PRO B 295 0.34 45.63 31.68
C PRO B 295 -0.91 45.32 32.49
N GLY B 296 -1.16 44.04 32.72
CA GLY B 296 -2.29 43.58 33.50
C GLY B 296 -3.38 42.92 32.68
N ALA B 297 -3.38 43.10 31.37
CA ALA B 297 -4.39 42.48 30.52
C ALA B 297 -4.05 41.02 30.27
N ARG B 298 -5.08 40.18 30.25
CA ARG B 298 -4.90 38.76 29.99
C ARG B 298 -4.75 38.50 28.50
N CYS B 299 -3.98 37.46 28.17
CA CYS B 299 -3.78 37.11 26.77
C CYS B 299 -5.07 36.70 26.09
N LYS B 300 -5.98 36.06 26.84
CA LYS B 300 -7.26 35.66 26.26
C LYS B 300 -8.14 36.88 25.98
N ASP B 301 -8.07 37.89 26.83
CA ASP B 301 -8.89 39.08 26.63
C ASP B 301 -8.48 39.85 25.38
N ILE B 302 -7.22 39.72 24.97
CA ILE B 302 -6.75 40.42 23.78
C ILE B 302 -7.20 39.70 22.52
N ALA B 303 -7.19 38.36 22.55
CA ALA B 303 -7.61 37.59 21.38
C ALA B 303 -9.12 37.63 21.20
N LEU B 304 -9.87 37.59 22.30
CA LEU B 304 -11.33 37.61 22.21
C LEU B 304 -11.84 38.92 21.65
N GLU B 305 -11.23 40.04 22.04
CA GLU B 305 -11.68 41.33 21.54
C GLU B 305 -11.34 41.49 20.06
N LEU B 306 -10.12 41.11 19.67
CA LEU B 306 -9.74 41.22 18.26
C LEU B 306 -10.53 40.24 17.39
N ASN B 307 -10.86 39.07 17.92
CA ASN B 307 -11.70 38.13 17.17
C ASN B 307 -13.07 38.73 16.87
N GLU B 308 -13.63 39.48 17.82
CA GLU B 308 -14.90 40.14 17.59
C GLU B 308 -14.78 41.16 16.46
N MET B 309 -13.65 41.84 16.36
CA MET B 309 -13.42 42.77 15.25
C MET B 309 -13.41 42.05 13.92
N TYR B 310 -12.90 40.81 13.89
CA TYR B 310 -12.97 40.01 12.66
C TYR B 310 -14.40 39.58 12.35
N ARG B 311 -15.24 39.44 13.37
CA ARG B 311 -16.64 39.05 13.13
C ARG B 311 -17.41 40.17 12.45
N GLU B 312 -17.04 41.43 12.69
CA GLU B 312 -17.74 42.54 12.06
C GLU B 312 -17.64 42.49 10.54
N TRP B 313 -16.53 41.98 10.02
CA TRP B 313 -16.29 41.91 8.58
C TRP B 313 -16.24 40.47 8.08
N ASP B 314 -16.67 39.51 8.88
CA ASP B 314 -16.70 38.10 8.49
C ASP B 314 -15.31 37.62 8.08
N LEU B 315 -14.31 37.93 8.92
CA LEU B 315 -12.93 37.56 8.65
C LEU B 315 -12.35 36.62 9.69
N LEU B 316 -13.10 36.28 10.74
CA LEU B 316 -12.60 35.33 11.74
C LEU B 316 -12.46 33.94 11.15
N LYS B 317 -13.32 33.58 10.19
CA LYS B 317 -13.27 32.25 9.58
C LYS B 317 -11.95 31.98 8.88
N TYR B 318 -11.20 33.03 8.52
CA TYR B 318 -9.94 32.88 7.79
C TYR B 318 -8.72 33.17 8.66
N ARG B 319 -8.83 33.03 9.97
CA ARG B 319 -7.69 33.27 10.84
C ARG B 319 -6.65 32.17 10.67
N SER B 320 -5.39 32.53 10.89
CA SER B 320 -4.27 31.61 10.71
C SER B 320 -3.71 31.10 12.04
N PHE B 321 -3.28 32.00 12.91
CA PHE B 321 -2.65 31.59 14.16
C PHE B 321 -2.90 32.67 15.21
N GLY B 322 -2.21 32.54 16.34
CA GLY B 322 -2.39 33.46 17.45
C GLY B 322 -1.97 34.88 17.11
N TYR B 323 -2.35 35.81 17.97
CA TYR B 323 -2.09 37.22 17.72
C TYR B 323 -0.67 37.63 18.06
N GLY B 324 0.04 36.86 18.87
CA GLY B 324 1.40 37.22 19.22
C GLY B 324 2.01 36.18 20.14
N HIS B 325 3.28 36.42 20.49
CA HIS B 325 4.04 35.52 21.33
C HIS B 325 5.14 36.31 22.03
N SER B 326 5.82 35.66 22.96
CA SER B 326 6.89 36.29 23.72
C SER B 326 8.20 36.24 22.93
N PHE B 327 9.14 37.08 23.36
CA PHE B 327 10.44 37.14 22.71
C PHE B 327 11.55 36.71 23.66
N GLY B 328 12.77 37.16 23.39
CA GLY B 328 13.92 36.75 24.17
C GLY B 328 14.80 35.77 23.42
N VAL B 329 15.12 34.64 24.05
CA VAL B 329 15.99 33.63 23.46
C VAL B 329 15.10 32.63 22.73
N LEU B 330 14.96 32.82 21.41
CA LEU B 330 14.16 31.91 20.59
C LEU B 330 14.62 32.03 19.15
N CYS B 331 14.10 31.14 18.31
CA CYS B 331 14.41 31.10 16.89
C CYS B 331 13.40 30.16 16.23
N HIS B 332 13.58 29.89 14.95
CA HIS B 332 12.70 28.96 14.26
C HIS B 332 13.01 27.51 14.60
N TYR B 333 13.99 27.25 15.45
CA TYR B 333 14.27 25.88 15.86
C TYR B 333 14.56 25.77 17.36
N TYR B 334 14.27 26.81 18.14
CA TYR B 334 14.40 26.72 19.60
C TYR B 334 13.66 27.88 20.24
N GLY B 335 13.33 27.70 21.53
CA GLY B 335 12.80 28.78 22.34
C GLY B 335 11.30 28.89 22.34
N ARG B 336 10.81 30.12 22.51
CA ARG B 336 9.39 30.47 22.65
C ARG B 336 8.86 30.08 24.02
N GLU B 337 8.52 31.06 24.83
CA GLU B 337 7.94 30.83 26.15
C GLU B 337 6.44 30.66 26.00
N ALA B 338 5.98 29.41 26.10
CA ALA B 338 4.58 29.08 25.86
C ALA B 338 3.63 29.69 26.88
N GLY B 339 4.14 30.26 27.98
CA GLY B 339 3.27 30.89 28.95
C GLY B 339 2.63 32.18 28.45
N VAL B 340 3.31 32.88 27.55
CA VAL B 340 2.82 34.15 27.02
C VAL B 340 2.47 33.99 25.54
N GLU B 341 1.24 33.57 25.25
CA GLU B 341 0.74 33.40 23.90
C GLU B 341 -0.65 34.01 23.80
N LEU B 342 -0.84 34.88 22.81
CA LEU B 342 -2.13 35.57 22.63
C LEU B 342 -3.13 34.60 21.99
N ARG B 343 -3.57 33.64 22.79
CA ARG B 343 -4.49 32.61 22.35
C ARG B 343 -5.69 32.58 23.29
N GLU B 344 -6.77 31.95 22.81
CA GLU B 344 -8.07 32.08 23.47
C GLU B 344 -8.08 31.47 24.87
N ASP B 345 -7.33 30.39 25.10
CA ASP B 345 -7.35 29.69 26.38
C ASP B 345 -6.13 30.00 27.24
N ILE B 346 -5.45 31.13 27.00
CA ILE B 346 -4.31 31.55 27.78
C ILE B 346 -4.75 32.70 28.67
N ASP B 347 -4.79 32.46 29.98
CA ASP B 347 -5.22 33.48 30.94
C ASP B 347 -4.06 34.22 31.57
N THR B 348 -2.84 34.05 31.04
CA THR B 348 -1.68 34.74 31.59
C THR B 348 -1.79 36.25 31.34
N GLU B 349 -1.56 37.03 32.38
CA GLU B 349 -1.59 38.48 32.26
C GLU B 349 -0.21 39.01 31.90
N LEU B 350 -0.20 40.12 31.15
CA LEU B 350 1.04 40.76 30.77
C LEU B 350 1.62 41.53 31.94
N LYS B 351 2.95 41.60 31.97
CA LYS B 351 3.67 42.28 33.03
C LYS B 351 4.74 43.19 32.45
N PRO B 352 5.05 44.29 33.13
CA PRO B 352 6.13 45.16 32.65
C PRO B 352 7.44 44.40 32.55
N GLY B 353 8.15 44.60 31.45
CA GLY B 353 9.35 43.87 31.15
C GLY B 353 9.19 42.75 30.15
N MET B 354 7.96 42.39 29.80
CA MET B 354 7.72 41.39 28.78
C MET B 354 7.86 42.00 27.38
N VAL B 355 8.39 41.22 26.45
CA VAL B 355 8.53 41.62 25.06
C VAL B 355 7.62 40.71 24.24
N VAL B 356 6.56 41.28 23.67
CA VAL B 356 5.55 40.52 22.95
C VAL B 356 5.36 41.13 21.57
N SER B 357 4.57 40.43 20.75
CA SER B 357 4.31 40.85 19.38
C SER B 357 2.82 40.96 19.13
N MET B 358 2.45 41.81 18.17
CA MET B 358 1.10 41.90 17.65
C MET B 358 1.20 41.63 16.15
N GLU B 359 0.63 40.52 15.70
CA GLU B 359 0.78 40.06 14.31
C GLU B 359 -0.50 39.39 13.84
N PRO B 360 -1.54 40.17 13.58
CA PRO B 360 -2.79 39.58 13.07
C PRO B 360 -2.60 39.07 11.65
N MET B 361 -2.99 37.82 11.42
CA MET B 361 -2.90 37.22 10.10
C MET B 361 -4.25 36.66 9.70
N VAL B 362 -4.66 36.96 8.46
CA VAL B 362 -5.85 36.38 7.86
C VAL B 362 -5.43 35.78 6.52
N MET B 363 -5.96 34.61 6.19
CA MET B 363 -5.55 33.86 5.01
C MET B 363 -6.77 33.54 4.15
N LEU B 364 -6.80 34.09 2.94
CA LEU B 364 -7.86 33.81 1.98
C LEU B 364 -7.37 32.77 0.99
N PRO B 365 -8.06 31.65 0.83
CA PRO B 365 -7.55 30.57 -0.04
C PRO B 365 -7.73 30.89 -1.52
N GLU B 366 -7.10 30.06 -2.34
CA GLU B 366 -7.20 30.21 -3.78
C GLU B 366 -8.64 30.02 -4.24
N GLY B 367 -8.99 30.70 -5.33
CA GLY B 367 -10.36 30.66 -5.82
C GLY B 367 -11.31 31.60 -5.13
N MET B 368 -10.77 32.65 -4.48
CA MET B 368 -11.56 33.61 -3.74
C MET B 368 -10.91 34.98 -3.94
N PRO B 369 -11.71 36.03 -4.16
CA PRO B 369 -11.13 37.36 -4.38
C PRO B 369 -10.24 37.78 -3.22
N GLY B 370 -9.08 38.34 -3.56
CA GLY B 370 -8.10 38.68 -2.55
C GLY B 370 -7.37 37.49 -1.98
N ALA B 371 -7.19 36.44 -2.77
CA ALA B 371 -6.54 35.22 -2.29
C ALA B 371 -5.09 35.51 -1.92
N GLY B 372 -4.72 35.13 -0.72
CA GLY B 372 -3.37 35.33 -0.22
C GLY B 372 -3.36 35.43 1.29
N GLY B 373 -2.17 35.67 1.82
CA GLY B 373 -1.99 35.84 3.24
C GLY B 373 -1.64 37.26 3.63
N TYR B 374 -2.42 37.84 4.52
CA TYR B 374 -2.23 39.22 4.98
C TYR B 374 -1.77 39.18 6.43
N ARG B 375 -0.69 39.90 6.73
CA ARG B 375 -0.11 39.86 8.07
C ARG B 375 0.81 41.04 8.27
N GLU B 376 0.55 41.83 9.31
CA GLU B 376 1.51 42.79 9.83
C GLU B 376 2.14 42.19 11.10
N HIS B 377 3.18 42.87 11.61
CA HIS B 377 3.89 42.36 12.78
C HIS B 377 4.73 43.47 13.40
N ASP B 378 4.48 43.77 14.67
CA ASP B 378 5.28 44.72 15.43
C ASP B 378 5.75 44.06 16.71
N ILE B 379 6.74 44.69 17.34
CA ILE B 379 7.27 44.24 18.62
C ILE B 379 7.03 45.35 19.65
N LEU B 380 6.55 44.96 20.82
CA LEU B 380 6.22 45.91 21.88
C LEU B 380 6.92 45.50 23.17
N ILE B 381 7.45 46.50 23.89
CA ILE B 381 8.04 46.29 25.20
C ILE B 381 7.05 46.80 26.23
N VAL B 382 6.51 45.87 27.03
CA VAL B 382 5.48 46.22 28.00
C VAL B 382 6.09 47.05 29.12
N GLY B 383 5.51 48.23 29.37
CA GLY B 383 5.98 49.12 30.40
C GLY B 383 5.07 49.15 31.61
N GLU B 384 5.23 50.19 32.43
CA GLU B 384 4.44 50.32 33.64
C GLU B 384 3.01 50.77 33.36
N ASP B 385 2.81 51.60 32.32
CA ASP B 385 1.49 52.11 31.99
C ASP B 385 0.97 51.62 30.64
N GLY B 386 1.84 51.13 29.77
CA GLY B 386 1.41 50.64 28.47
C GLY B 386 2.46 49.80 27.81
N ALA B 387 2.76 50.09 26.55
CA ALA B 387 3.78 49.36 25.80
C ALA B 387 4.40 50.29 24.77
N GLU B 388 5.71 50.15 24.58
CA GLU B 388 6.45 50.94 23.59
C GLU B 388 6.68 50.10 22.35
N ASN B 389 6.33 50.66 21.20
CA ASN B 389 6.54 49.99 19.92
C ASN B 389 7.94 50.30 19.40
N ILE B 390 8.72 49.25 19.12
CA ILE B 390 10.08 49.38 18.62
C ILE B 390 10.21 49.03 17.16
N THR B 391 9.11 48.74 16.47
CA THR B 391 9.12 48.47 15.03
C THR B 391 8.78 49.77 14.31
N GLY B 392 9.76 50.32 13.58
CA GLY B 392 9.61 51.60 12.94
C GLY B 392 9.25 51.56 11.47
N PHE B 393 9.16 50.39 10.86
CA PHE B 393 8.86 50.31 9.44
C PHE B 393 7.40 50.69 9.19
N PRO B 394 7.11 51.37 8.08
CA PRO B 394 5.71 51.71 7.77
C PRO B 394 4.83 50.47 7.69
N VAL B 395 3.58 50.63 8.09
CA VAL B 395 2.66 49.51 8.24
C VAL B 395 1.82 49.31 6.99
N GLY B 396 0.94 50.28 6.71
CA GLY B 396 -0.11 50.08 5.73
C GLY B 396 0.19 50.63 4.35
N PRO B 397 -0.87 50.81 3.54
CA PRO B 397 -0.68 51.22 2.14
C PRO B 397 -0.16 52.63 1.95
N GLU B 398 0.15 53.37 3.02
CA GLU B 398 0.71 54.70 2.84
C GLU B 398 2.07 54.66 2.17
N HIS B 399 2.85 53.62 2.44
CA HIS B 399 4.16 53.48 1.80
C HIS B 399 4.47 52.04 1.40
N ASN B 400 3.50 51.13 1.45
CA ASN B 400 3.74 49.72 1.14
C ASN B 400 3.24 49.33 -0.24
N ILE B 401 3.10 50.29 -1.14
CA ILE B 401 2.81 50.03 -2.55
C ILE B 401 4.11 50.23 -3.30
N ILE B 402 4.78 49.14 -3.63
CA ILE B 402 6.15 49.16 -4.14
C ILE B 402 6.09 49.42 -5.64
N ARG B 403 6.41 50.64 -6.04
CA ARG B 403 6.41 51.05 -7.44
C ARG B 403 7.87 51.20 -7.89
N ASN B 404 8.45 50.10 -8.35
CA ASN B 404 9.82 50.12 -8.86
C ASN B 404 9.84 49.91 -10.36
N ASP C 4 14.06 -67.58 29.12
CA ASP C 4 14.44 -67.17 30.47
C ASP C 4 13.60 -65.99 30.91
N MET C 5 14.19 -64.80 30.92
CA MET C 5 13.50 -63.57 31.27
C MET C 5 13.69 -62.54 30.17
N LEU C 6 13.00 -61.41 30.31
CA LEU C 6 12.95 -60.39 29.27
C LEU C 6 14.32 -59.74 29.08
N HIS C 7 14.50 -59.14 27.90
CA HIS C 7 15.77 -58.55 27.51
C HIS C 7 15.55 -57.15 26.95
N VAL C 8 15.02 -57.07 25.74
CA VAL C 8 14.58 -55.82 25.14
C VAL C 8 13.10 -55.98 24.79
N MET C 9 12.31 -54.96 25.11
CA MET C 9 10.87 -55.10 25.13
C MET C 9 10.19 -53.75 24.95
N LYS C 10 9.12 -53.73 24.14
CA LYS C 10 8.23 -52.59 24.05
C LYS C 10 7.09 -52.80 25.05
N TRP C 11 6.97 -51.86 25.99
CA TRP C 11 6.01 -51.91 27.08
C TRP C 11 5.15 -50.65 27.02
N HIS C 12 4.43 -50.49 25.91
CA HIS C 12 3.60 -49.32 25.66
C HIS C 12 2.32 -49.47 26.48
N ASN C 13 2.42 -49.12 27.76
CA ASN C 13 1.32 -49.26 28.71
C ASN C 13 0.70 -47.89 28.95
N GLY C 14 -0.60 -47.78 28.70
CA GLY C 14 -1.31 -46.54 28.86
C GLY C 14 -1.60 -45.87 27.53
N GLU C 15 -1.91 -44.57 27.62
CA GLU C 15 -2.22 -43.74 26.46
C GLU C 15 -1.19 -42.63 26.37
N LYS C 16 -1.14 -42.00 25.20
CA LYS C 16 -0.27 -40.85 24.99
C LYS C 16 -0.72 -39.69 25.86
N ASP C 17 0.21 -39.17 26.68
CA ASP C 17 -0.09 -38.06 27.56
C ASP C 17 -0.18 -36.75 26.77
N TYR C 18 -0.68 -35.72 27.45
CA TYR C 18 -0.77 -34.39 26.86
C TYR C 18 0.60 -33.74 26.80
N SER C 19 0.82 -32.95 25.75
CA SER C 19 2.05 -32.19 25.56
C SER C 19 1.71 -30.76 25.16
N PRO C 20 2.43 -29.78 25.70
CA PRO C 20 2.16 -28.39 25.31
C PRO C 20 2.51 -28.08 23.86
N PHE C 21 3.32 -28.91 23.22
CA PHE C 21 3.74 -28.69 21.85
C PHE C 21 2.91 -29.55 20.91
N SER C 22 2.58 -28.99 19.74
CA SER C 22 1.78 -29.71 18.77
C SER C 22 2.61 -30.80 18.08
N ASP C 23 1.93 -31.61 17.28
CA ASP C 23 2.62 -32.63 16.50
C ASP C 23 3.57 -32.00 15.49
N ALA C 24 3.16 -30.87 14.91
CA ALA C 24 4.02 -30.18 13.95
C ALA C 24 5.26 -29.61 14.62
N GLU C 25 5.11 -29.07 15.83
CA GLU C 25 6.27 -28.55 16.55
C GLU C 25 7.24 -29.67 16.92
N MET C 26 6.72 -30.85 17.24
CA MET C 26 7.60 -31.98 17.51
C MET C 26 8.21 -32.56 16.25
N THR C 27 7.50 -32.45 15.12
CA THR C 27 8.01 -32.99 13.86
C THR C 27 9.13 -32.13 13.29
N ARG C 28 9.03 -30.80 13.43
CA ARG C 28 10.08 -29.94 12.89
C ARG C 28 11.40 -30.13 13.65
N ARG C 29 11.34 -30.46 14.94
CA ARG C 29 12.56 -30.72 15.68
C ARG C 29 13.23 -32.01 15.22
N GLN C 30 12.44 -33.06 15.01
CA GLN C 30 13.00 -34.31 14.51
C GLN C 30 13.42 -34.19 13.05
N ASN C 31 12.75 -33.33 12.28
CA ASN C 31 13.16 -33.10 10.89
C ASN C 31 14.42 -32.26 10.81
N ASP C 32 14.64 -31.36 11.79
CA ASP C 32 15.88 -30.61 11.82
C ASP C 32 17.07 -31.52 12.02
N VAL C 33 16.90 -32.62 12.76
CA VAL C 33 17.98 -33.61 12.88
C VAL C 33 18.18 -34.31 11.55
N ARG C 34 17.09 -34.75 10.91
CA ARG C 34 17.20 -35.42 9.62
C ARG C 34 17.79 -34.49 8.56
N GLY C 35 17.52 -33.19 8.67
CA GLY C 35 18.09 -32.24 7.73
C GLY C 35 19.59 -32.09 7.89
N TRP C 36 20.06 -32.04 9.14
CA TRP C 36 21.50 -31.93 9.38
C TRP C 36 22.21 -33.25 9.05
N MET C 37 21.57 -34.38 9.35
CA MET C 37 22.19 -35.67 9.06
C MET C 37 22.34 -35.88 7.56
N ALA C 38 21.40 -35.41 6.77
CA ALA C 38 21.51 -35.53 5.32
C ALA C 38 22.63 -34.65 4.77
N LYS C 39 22.86 -33.48 5.37
CA LYS C 39 23.92 -32.60 4.91
C LYS C 39 25.30 -33.18 5.17
N ASN C 40 25.43 -33.99 6.21
CA ASN C 40 26.72 -34.57 6.59
C ASN C 40 26.77 -36.08 6.38
N ASN C 41 25.77 -36.65 5.71
CA ASN C 41 25.72 -38.09 5.42
C ASN C 41 25.82 -38.90 6.72
N VAL C 42 24.86 -38.67 7.61
CA VAL C 42 24.77 -39.37 8.89
C VAL C 42 23.55 -40.28 8.82
N ASP C 43 23.76 -41.57 9.12
CA ASP C 43 22.69 -42.54 9.00
C ASP C 43 21.65 -42.36 10.10
N ALA C 44 22.09 -42.21 11.34
CA ALA C 44 21.18 -42.10 12.47
C ALA C 44 21.82 -41.22 13.54
N ALA C 45 20.99 -40.77 14.48
CA ALA C 45 21.43 -39.94 15.60
C ALA C 45 21.10 -40.64 16.91
N LEU C 46 21.96 -40.43 17.90
CA LEU C 46 21.78 -41.01 19.23
C LEU C 46 22.02 -39.92 20.27
N PHE C 47 20.97 -39.51 20.96
CA PHE C 47 21.06 -38.51 22.02
C PHE C 47 20.99 -39.20 23.37
N THR C 48 21.79 -38.72 24.32
CA THR C 48 21.91 -39.36 25.63
C THR C 48 21.68 -38.44 26.82
N SER C 49 21.68 -37.13 26.63
CA SER C 49 21.53 -36.19 27.73
C SER C 49 20.06 -35.89 28.00
N TYR C 50 19.81 -35.23 29.13
CA TYR C 50 18.45 -34.82 29.46
C TYR C 50 17.88 -33.89 28.38
N HIS C 51 18.64 -32.85 28.04
CA HIS C 51 18.09 -31.76 27.24
C HIS C 51 17.77 -32.21 25.83
N CYS C 52 18.70 -32.91 25.17
CA CYS C 52 18.46 -33.35 23.81
C CYS C 52 17.33 -34.38 23.74
N ILE C 53 17.28 -35.30 24.71
CA ILE C 53 16.20 -36.29 24.73
C ILE C 53 14.86 -35.61 25.01
N ASN C 54 14.85 -34.62 25.92
CA ASN C 54 13.60 -33.92 26.20
C ASN C 54 13.21 -32.98 25.08
N TYR C 55 14.18 -32.42 24.35
CA TYR C 55 13.84 -31.47 23.29
C TYR C 55 13.18 -32.19 22.11
N TYR C 56 13.75 -33.29 21.66
CA TYR C 56 13.26 -33.95 20.46
C TYR C 56 12.12 -34.94 20.73
N SER C 57 11.88 -35.33 21.98
CA SER C 57 10.80 -36.25 22.31
C SER C 57 9.79 -35.70 23.30
N GLY C 58 10.13 -34.66 24.07
CA GLY C 58 9.23 -34.12 25.04
C GLY C 58 9.21 -34.81 26.38
N TRP C 59 10.02 -35.85 26.55
CA TRP C 59 10.06 -36.65 27.78
C TRP C 59 11.38 -36.42 28.50
N LEU C 60 11.33 -36.17 29.80
CA LEU C 60 12.50 -35.96 30.63
C LEU C 60 12.74 -37.21 31.47
N TYR C 61 13.95 -37.77 31.37
CA TYR C 61 14.23 -39.02 32.06
C TYR C 61 14.88 -38.76 33.41
N CYS C 62 14.81 -39.77 34.27
CA CYS C 62 15.42 -39.75 35.60
C CYS C 62 16.65 -40.66 35.58
N TYR C 63 17.81 -40.11 35.92
CA TYR C 63 19.08 -40.82 35.86
C TYR C 63 19.47 -41.27 37.27
N PHE C 64 19.21 -42.52 37.59
CA PHE C 64 19.65 -43.13 38.83
C PHE C 64 20.82 -44.08 38.58
N GLY C 65 21.72 -43.70 37.69
CA GLY C 65 22.84 -44.52 37.30
C GLY C 65 22.62 -45.38 36.08
N ARG C 66 21.55 -45.14 35.32
CA ARG C 66 21.22 -45.90 34.14
C ARG C 66 21.37 -45.05 32.89
N LYS C 67 21.58 -45.73 31.76
CA LYS C 67 21.76 -45.06 30.49
C LYS C 67 20.42 -44.90 29.78
N TYR C 68 20.23 -43.76 29.13
CA TYR C 68 19.03 -43.48 28.36
C TYR C 68 19.43 -42.94 27.00
N GLY C 69 18.56 -43.14 26.02
CA GLY C 69 18.89 -42.74 24.66
C GLY C 69 17.66 -42.50 23.83
N MET C 70 17.90 -42.04 22.59
CA MET C 70 16.85 -41.84 21.61
C MET C 70 17.48 -41.88 20.23
N VAL C 71 16.91 -42.70 19.34
CA VAL C 71 17.42 -42.89 17.98
C VAL C 71 16.50 -42.19 17.01
N ILE C 72 17.08 -41.42 16.09
CA ILE C 72 16.34 -40.71 15.07
C ILE C 72 16.94 -41.08 13.72
N ASP C 73 16.24 -41.90 12.95
CA ASP C 73 16.72 -42.32 11.64
C ASP C 73 16.08 -41.42 10.58
N HIS C 74 16.04 -41.88 9.33
CA HIS C 74 15.43 -41.08 8.26
C HIS C 74 13.92 -41.12 8.30
N ASN C 75 13.33 -42.10 9.00
CA ASN C 75 11.88 -42.23 9.06
C ASN C 75 11.35 -42.58 10.44
N ASN C 76 12.20 -42.63 11.47
CA ASN C 76 11.76 -43.07 12.79
C ASN C 76 12.35 -42.16 13.86
N ALA C 77 11.77 -42.26 15.06
CA ALA C 77 12.25 -41.51 16.22
C ALA C 77 11.81 -42.27 17.46
N THR C 78 12.71 -43.05 18.04
CA THR C 78 12.41 -43.97 19.12
C THR C 78 13.29 -43.66 20.32
N THR C 79 12.68 -43.53 21.49
CA THR C 79 13.41 -43.34 22.73
C THR C 79 13.74 -44.69 23.37
N ILE C 80 14.75 -44.68 24.24
CA ILE C 80 15.23 -45.87 24.93
C ILE C 80 15.23 -45.59 26.43
N SER C 81 14.52 -46.42 27.19
CA SER C 81 14.41 -46.27 28.63
C SER C 81 14.54 -47.62 29.30
N ALA C 82 14.62 -47.62 30.63
CA ALA C 82 14.83 -48.82 31.40
C ALA C 82 13.52 -49.42 31.88
N GLY C 83 13.58 -50.69 32.28
CA GLY C 83 12.40 -51.38 32.79
C GLY C 83 11.84 -50.78 34.06
N ILE C 84 12.66 -50.04 34.82
CA ILE C 84 12.19 -49.42 36.05
C ILE C 84 11.16 -48.34 35.74
N ASP C 85 11.22 -47.74 34.56
CA ASP C 85 10.33 -46.64 34.22
C ASP C 85 8.97 -47.10 33.70
N GLY C 86 8.83 -48.36 33.33
CA GLY C 86 7.54 -48.86 32.86
C GLY C 86 7.12 -48.19 31.56
N GLY C 87 5.84 -47.84 31.48
CA GLY C 87 5.28 -47.20 30.31
C GLY C 87 5.27 -45.69 30.32
N GLN C 88 5.77 -45.06 31.38
CA GLN C 88 5.81 -43.60 31.42
C GLN C 88 6.62 -42.97 30.29
N PRO C 89 7.81 -43.47 29.92
CA PRO C 89 8.53 -42.83 28.80
C PRO C 89 7.75 -42.84 27.50
N TRP C 90 7.16 -43.98 27.13
CA TRP C 90 6.38 -44.04 25.90
C TRP C 90 5.14 -43.15 25.96
N ARG C 91 4.58 -42.96 27.17
CA ARG C 91 3.40 -42.12 27.29
C ARG C 91 3.72 -40.65 27.00
N ARG C 92 4.95 -40.21 27.30
CA ARG C 92 5.32 -38.82 27.08
C ARG C 92 6.19 -38.61 25.85
N SER C 93 6.87 -39.63 25.37
CA SER C 93 7.72 -39.47 24.19
C SER C 93 6.87 -39.31 22.93
N PHE C 94 7.34 -38.48 22.00
CA PHE C 94 6.69 -38.26 20.72
C PHE C 94 7.29 -39.23 19.71
N GLY C 95 6.58 -40.31 19.43
CA GLY C 95 7.08 -41.34 18.53
C GLY C 95 7.06 -42.71 19.16
N ASP C 96 8.02 -43.56 18.78
CA ASP C 96 8.11 -44.92 19.30
C ASP C 96 8.99 -44.95 20.55
N ASN C 97 8.93 -46.07 21.27
CA ASN C 97 9.71 -46.23 22.48
C ASN C 97 9.87 -47.71 22.77
N ILE C 98 11.08 -48.10 23.21
CA ILE C 98 11.34 -49.47 23.64
C ILE C 98 11.87 -49.43 25.07
N THR C 99 12.25 -50.58 25.60
CA THR C 99 12.66 -50.68 26.98
C THR C 99 13.70 -51.79 27.14
N TYR C 100 14.74 -51.50 27.92
CA TYR C 100 15.72 -52.49 28.32
C TYR C 100 15.62 -52.73 29.82
N THR C 101 16.24 -53.81 30.28
CA THR C 101 16.17 -54.25 31.66
C THR C 101 17.54 -54.21 32.32
N ASP C 102 17.57 -54.50 33.62
CA ASP C 102 18.81 -54.55 34.39
C ASP C 102 19.36 -55.96 34.56
N TRP C 103 18.77 -56.95 33.88
CA TRP C 103 19.15 -58.33 34.13
C TRP C 103 20.52 -58.66 33.54
N ARG C 104 20.91 -57.98 32.46
CA ARG C 104 22.23 -58.14 31.87
C ARG C 104 22.82 -56.78 31.59
N ARG C 105 24.15 -56.75 31.47
CA ARG C 105 24.88 -55.48 31.42
C ARG C 105 24.67 -54.75 30.11
N ASP C 106 24.49 -55.48 29.00
CA ASP C 106 24.43 -54.90 27.67
C ASP C 106 23.01 -54.80 27.13
N ASN C 107 22.02 -54.67 28.01
CA ASN C 107 20.64 -54.54 27.56
C ASN C 107 20.40 -53.22 26.83
N PHE C 108 21.00 -52.13 27.34
CA PHE C 108 20.81 -50.83 26.70
C PHE C 108 21.45 -50.80 25.31
N TYR C 109 22.60 -51.45 25.16
CA TYR C 109 23.31 -51.41 23.89
C TYR C 109 22.66 -52.28 22.82
N ARG C 110 21.92 -53.32 23.21
CA ARG C 110 21.15 -54.07 22.24
C ARG C 110 19.85 -53.36 21.90
N ALA C 111 19.34 -52.53 22.80
CA ALA C 111 18.25 -51.64 22.45
C ALA C 111 18.66 -50.66 21.36
N VAL C 112 19.94 -50.26 21.35
CA VAL C 112 20.44 -49.42 20.29
C VAL C 112 20.64 -50.24 19.01
N ARG C 113 21.11 -51.47 19.15
CA ARG C 113 21.29 -52.33 17.98
C ARG C 113 19.96 -52.62 17.29
N GLN C 114 18.89 -52.78 18.07
CA GLN C 114 17.57 -53.04 17.50
C GLN C 114 17.02 -51.82 16.78
N LEU C 115 17.50 -50.62 17.09
CA LEU C 115 17.02 -49.39 16.47
C LEU C 115 17.99 -48.82 15.44
N THR C 116 19.16 -49.42 15.27
CA THR C 116 20.18 -48.94 14.32
C THR C 116 20.56 -50.03 13.34
N THR C 117 19.59 -50.80 12.86
CA THR C 117 19.85 -51.88 11.94
C THR C 117 20.25 -51.31 10.57
N GLY C 118 21.47 -51.62 10.14
CA GLY C 118 21.97 -51.16 8.87
C GLY C 118 22.78 -49.87 8.92
N ALA C 119 22.89 -49.25 10.09
CA ALA C 119 23.61 -47.99 10.20
C ALA C 119 25.12 -48.23 10.19
N LYS C 120 25.84 -47.25 9.62
CA LYS C 120 27.30 -47.29 9.60
C LYS C 120 27.94 -45.97 10.00
N ARG C 121 27.15 -44.94 10.31
CA ARG C 121 27.70 -43.65 10.72
C ARG C 121 26.64 -42.95 11.58
N ILE C 122 26.79 -43.04 12.90
CA ILE C 122 25.81 -42.55 13.85
C ILE C 122 26.40 -41.38 14.63
N GLY C 123 25.62 -40.32 14.80
CA GLY C 123 26.06 -39.16 15.54
C GLY C 123 25.67 -39.24 17.01
N ILE C 124 26.56 -38.77 17.87
CA ILE C 124 26.37 -38.80 19.32
C ILE C 124 26.73 -37.44 19.89
N GLU C 125 26.41 -37.25 21.18
CA GLU C 125 26.68 -36.01 21.88
C GLU C 125 28.07 -36.08 22.51
N PHE C 126 29.01 -35.29 21.99
CA PHE C 126 30.32 -35.22 22.61
C PHE C 126 30.27 -34.45 23.93
N ASP C 127 29.25 -33.63 24.16
CA ASP C 127 29.14 -32.86 25.38
C ASP C 127 28.70 -33.71 26.57
N HIS C 128 28.17 -34.90 26.33
CA HIS C 128 27.59 -35.72 27.39
C HIS C 128 28.20 -37.11 27.49
N VAL C 129 28.49 -37.74 26.36
CA VAL C 129 29.06 -39.08 26.36
C VAL C 129 30.46 -39.01 26.97
N ASN C 130 30.65 -39.71 28.10
CA ASN C 130 31.92 -39.69 28.79
C ASN C 130 32.90 -40.65 28.11
N LEU C 131 34.10 -40.76 28.70
CA LEU C 131 35.16 -41.57 28.08
C LEU C 131 34.78 -43.04 28.04
N ASP C 132 34.30 -43.58 29.15
CA ASP C 132 33.92 -44.99 29.19
C ASP C 132 32.68 -45.28 28.37
N PHE C 133 31.85 -44.26 28.09
CA PHE C 133 30.61 -44.50 27.36
C PHE C 133 30.88 -44.80 25.89
N ARG C 134 31.76 -44.03 25.25
CA ARG C 134 32.04 -44.27 23.84
C ARG C 134 32.72 -45.62 23.61
N ARG C 135 33.55 -46.06 24.57
CA ARG C 135 34.22 -47.35 24.43
C ARG C 135 33.21 -48.49 24.37
N GLN C 136 32.18 -48.43 25.21
CA GLN C 136 31.17 -49.49 25.20
C GLN C 136 30.27 -49.39 23.97
N LEU C 137 30.04 -48.18 23.46
CA LEU C 137 29.18 -48.01 22.29
C LEU C 137 29.78 -48.67 21.06
N GLU C 138 31.04 -48.33 20.73
CA GLU C 138 31.66 -48.88 19.54
C GLU C 138 31.96 -50.37 19.66
N GLU C 139 32.08 -50.88 20.89
CA GLU C 139 32.19 -52.33 21.06
C GLU C 139 30.87 -53.03 20.75
N ALA C 140 29.75 -52.37 21.05
CA ALA C 140 28.44 -52.89 20.69
C ALA C 140 28.02 -52.49 19.28
N LEU C 141 28.69 -51.50 18.68
CA LEU C 141 28.43 -51.06 17.31
C LEU C 141 29.73 -51.20 16.53
N PRO C 142 30.06 -52.42 16.08
CA PRO C 142 31.31 -52.62 15.33
C PRO C 142 31.25 -51.97 13.97
N GLY C 143 32.27 -51.18 13.66
CA GLY C 143 32.35 -50.50 12.37
C GLY C 143 31.35 -49.38 12.20
N VAL C 144 31.17 -48.55 13.22
CA VAL C 144 30.26 -47.41 13.18
C VAL C 144 31.02 -46.17 13.63
N GLU C 145 31.14 -45.19 12.74
CA GLU C 145 31.82 -43.95 13.05
C GLU C 145 30.91 -43.03 13.86
N PHE C 146 31.50 -42.33 14.83
CA PHE C 146 30.76 -41.41 15.69
C PHE C 146 31.19 -39.97 15.40
N VAL C 147 30.21 -39.10 15.21
CA VAL C 147 30.45 -37.69 14.94
C VAL C 147 29.66 -36.87 15.97
N ASP C 148 30.16 -35.68 16.27
CA ASP C 148 29.52 -34.84 17.27
C ASP C 148 28.22 -34.27 16.74
N ILE C 149 27.17 -34.35 17.56
CA ILE C 149 25.87 -33.76 17.25
C ILE C 149 25.38 -32.83 18.34
N SER C 150 26.14 -32.70 19.44
CA SER C 150 25.69 -31.84 20.54
C SER C 150 25.74 -30.37 20.15
N GLN C 151 26.77 -29.96 19.40
CA GLN C 151 26.90 -28.56 19.00
C GLN C 151 25.90 -28.19 17.91
N PRO C 152 25.68 -29.02 16.89
CA PRO C 152 24.58 -28.70 15.94
C PRO C 152 23.22 -28.66 16.60
N SER C 153 22.94 -29.58 17.52
CA SER C 153 21.69 -29.54 18.26
C SER C 153 21.61 -28.29 19.14
N MET C 154 22.75 -27.85 19.68
CA MET C 154 22.76 -26.67 20.55
C MET C 154 22.45 -25.41 19.75
N TRP C 155 22.98 -25.29 18.54
CA TRP C 155 22.73 -24.10 17.74
C TRP C 155 21.29 -24.04 17.26
N MET C 156 20.69 -25.20 16.94
CA MET C 156 19.29 -25.23 16.57
C MET C 156 18.37 -25.00 17.76
N ARG C 157 18.84 -25.29 18.97
CA ARG C 157 18.05 -25.05 20.17
C ARG C 157 18.12 -23.61 20.66
N THR C 158 19.06 -22.81 20.13
CA THR C 158 19.13 -21.41 20.52
C THR C 158 17.99 -20.60 19.95
N ILE C 159 17.42 -21.04 18.83
CA ILE C 159 16.28 -20.37 18.22
C ILE C 159 15.01 -21.07 18.71
N LYS C 160 14.17 -20.32 19.41
CA LYS C 160 12.95 -20.86 20.01
C LYS C 160 11.76 -20.59 19.10
N SER C 161 10.92 -21.61 18.92
CA SER C 161 9.71 -21.48 18.14
C SER C 161 8.65 -20.72 18.94
N LEU C 162 7.60 -20.28 18.24
CA LEU C 162 6.53 -19.56 18.91
C LEU C 162 5.84 -20.41 19.97
N GLU C 163 5.72 -21.71 19.74
CA GLU C 163 5.14 -22.58 20.76
C GLU C 163 6.05 -22.69 21.98
N GLU C 164 7.36 -22.71 21.77
CA GLU C 164 8.30 -22.68 22.88
C GLU C 164 8.21 -21.36 23.64
N GLN C 165 8.14 -20.24 22.91
CA GLN C 165 7.99 -18.94 23.57
C GLN C 165 6.70 -18.87 24.37
N LYS C 166 5.62 -19.45 23.83
CA LYS C 166 4.35 -19.47 24.54
C LYS C 166 4.47 -20.23 25.87
N LEU C 167 5.27 -21.29 25.89
CA LEU C 167 5.47 -22.04 27.13
C LEU C 167 6.37 -21.27 28.09
N ILE C 168 7.41 -20.62 27.57
CA ILE C 168 8.31 -19.84 28.41
C ILE C 168 7.59 -18.64 29.02
N ARG C 169 6.67 -18.04 28.27
CA ARG C 169 5.85 -16.97 28.84
C ARG C 169 5.01 -17.49 30.00
N GLU C 170 4.44 -18.68 29.85
CA GLU C 170 3.64 -19.25 30.93
C GLU C 170 4.50 -19.56 32.16
N GLY C 171 5.71 -20.08 31.93
CA GLY C 171 6.63 -20.26 33.05
C GLY C 171 7.04 -18.95 33.70
N ALA C 172 7.12 -17.87 32.90
CA ALA C 172 7.43 -16.56 33.46
C ALA C 172 6.28 -16.05 34.34
N ARG C 173 5.04 -16.35 33.97
CA ARG C 173 3.91 -15.97 34.83
C ARG C 173 3.95 -16.73 36.14
N VAL C 174 4.33 -18.02 36.11
CA VAL C 174 4.47 -18.77 37.34
C VAL C 174 5.60 -18.22 38.19
N CYS C 175 6.65 -17.69 37.54
CA CYS C 175 7.72 -17.02 38.30
C CYS C 175 7.17 -15.86 39.12
N ASP C 176 6.30 -15.04 38.52
CA ASP C 176 5.72 -13.92 39.25
C ASP C 176 4.75 -14.40 40.32
N VAL C 177 4.03 -15.49 40.06
CA VAL C 177 3.11 -16.03 41.07
C VAL C 177 3.88 -16.50 42.30
N GLY C 178 4.97 -17.22 42.07
CA GLY C 178 5.83 -17.62 43.18
C GLY C 178 6.53 -16.45 43.83
N GLY C 179 6.92 -15.45 43.03
CA GLY C 179 7.57 -14.28 43.59
C GLY C 179 6.69 -13.52 44.56
N ALA C 180 5.39 -13.46 44.26
CA ALA C 180 4.45 -12.79 45.18
C ALA C 180 4.29 -13.59 46.47
N ALA C 181 4.25 -14.92 46.37
CA ALA C 181 4.15 -15.74 47.57
C ALA C 181 5.43 -15.68 48.39
N CYS C 182 6.58 -15.46 47.74
CA CYS C 182 7.83 -15.32 48.47
C CYS C 182 7.86 -14.03 49.28
N ALA C 183 7.46 -12.91 48.65
CA ALA C 183 7.48 -11.63 49.34
C ALA C 183 6.49 -11.58 50.49
N ALA C 184 5.36 -12.28 50.37
CA ALA C 184 4.38 -12.30 51.44
C ALA C 184 4.81 -13.15 52.62
N ALA C 185 5.72 -14.10 52.41
CA ALA C 185 6.19 -14.99 53.46
C ALA C 185 7.42 -14.45 54.19
N ILE C 186 7.96 -13.32 53.75
CA ILE C 186 9.14 -12.74 54.39
C ILE C 186 8.72 -11.95 55.61
N LYS C 187 9.42 -12.16 56.73
CA LYS C 187 9.15 -11.46 57.97
C LYS C 187 10.33 -11.67 58.89
N ALA C 188 10.62 -10.64 59.70
CA ALA C 188 11.74 -10.70 60.64
C ALA C 188 11.55 -11.84 61.62
N GLY C 189 12.41 -12.86 61.55
CA GLY C 189 12.33 -14.00 62.42
C GLY C 189 11.90 -15.29 61.75
N VAL C 190 11.73 -15.30 60.45
CA VAL C 190 11.29 -16.48 59.70
C VAL C 190 12.51 -17.11 59.06
N PRO C 191 12.75 -18.41 59.24
CA PRO C 191 13.91 -19.05 58.62
C PRO C 191 13.76 -19.13 57.11
N GLU C 192 14.89 -19.36 56.44
CA GLU C 192 14.91 -19.34 54.98
C GLU C 192 14.09 -20.48 54.39
N HIS C 193 14.10 -21.65 55.03
CA HIS C 193 13.42 -22.80 54.45
C HIS C 193 11.90 -22.62 54.46
N GLU C 194 11.37 -21.90 55.45
CA GLU C 194 9.92 -21.68 55.48
C GLU C 194 9.48 -20.77 54.35
N VAL C 195 10.28 -19.76 54.02
CA VAL C 195 9.94 -18.88 52.90
C VAL C 195 10.06 -19.64 51.58
N ALA C 196 11.06 -20.51 51.47
CA ALA C 196 11.21 -21.31 50.25
C ALA C 196 10.08 -22.31 50.10
N ILE C 197 9.57 -22.86 51.21
CA ILE C 197 8.49 -23.83 51.15
C ILE C 197 7.23 -23.17 50.59
N ALA C 198 6.86 -22.00 51.12
CA ALA C 198 5.68 -21.31 50.64
C ALA C 198 5.83 -20.90 49.18
N THR C 199 7.05 -20.56 48.75
CA THR C 199 7.27 -20.16 47.37
C THR C 199 7.14 -21.34 46.42
N THR C 200 7.78 -22.46 46.75
CA THR C 200 7.74 -23.62 45.88
C THR C 200 6.33 -24.20 45.80
N ASN C 201 5.64 -24.30 46.94
CA ASN C 201 4.27 -24.81 46.95
C ASN C 201 3.36 -23.97 46.07
N ALA C 202 3.57 -22.64 46.06
CA ALA C 202 2.72 -21.77 45.27
C ALA C 202 2.91 -22.02 43.78
N MET C 203 4.16 -22.14 43.34
CA MET C 203 4.42 -22.43 41.93
C MET C 203 3.93 -23.83 41.56
N ILE C 204 4.18 -24.81 42.43
CA ILE C 204 3.74 -26.17 42.18
C ILE C 204 2.22 -26.23 42.03
N ARG C 205 1.50 -25.56 42.93
CA ARG C 205 0.05 -25.55 42.85
C ARG C 205 -0.44 -24.75 41.64
N GLU C 206 0.33 -23.76 41.19
CA GLU C 206 -0.06 -22.99 40.02
C GLU C 206 0.22 -23.76 38.73
N ILE C 207 1.31 -24.53 38.70
CA ILE C 207 1.61 -25.34 37.52
C ILE C 207 0.58 -26.45 37.37
N ALA C 208 0.10 -27.01 38.48
CA ALA C 208 -0.84 -28.12 38.41
C ALA C 208 -2.17 -27.70 37.80
N LYS C 209 -2.70 -26.56 38.23
CA LYS C 209 -4.01 -26.10 37.76
C LYS C 209 -3.93 -25.36 36.44
N SER C 210 -2.77 -25.31 35.79
CA SER C 210 -2.62 -24.61 34.53
C SER C 210 -2.55 -25.52 33.32
N PHE C 211 -2.47 -26.83 33.52
CA PHE C 211 -2.42 -27.81 32.45
C PHE C 211 -3.37 -28.96 32.74
N PRO C 212 -3.99 -29.54 31.71
CA PRO C 212 -4.79 -30.75 31.95
C PRO C 212 -3.96 -31.93 32.41
N PHE C 213 -2.67 -31.96 32.06
CA PHE C 213 -1.75 -32.97 32.54
C PHE C 213 -0.36 -32.36 32.58
N VAL C 214 0.33 -32.53 33.70
CA VAL C 214 1.66 -31.95 33.86
C VAL C 214 2.41 -32.75 34.92
N GLU C 215 3.72 -32.84 34.76
CA GLU C 215 4.59 -33.49 35.72
C GLU C 215 5.21 -32.43 36.62
N LEU C 216 4.89 -32.50 37.90
CA LEU C 216 5.41 -31.55 38.89
C LEU C 216 6.73 -32.10 39.40
N MET C 217 7.83 -31.55 38.90
CA MET C 217 9.16 -32.05 39.24
C MET C 217 10.16 -30.91 39.18
N ASP C 218 11.17 -30.99 40.05
CA ASP C 218 12.37 -30.15 39.98
C ASP C 218 12.13 -28.68 40.32
N THR C 219 10.87 -28.23 40.34
CA THR C 219 10.58 -26.84 40.68
C THR C 219 11.08 -26.53 42.08
N TRP C 220 11.92 -25.50 42.19
CA TRP C 220 12.56 -25.17 43.45
C TRP C 220 12.64 -23.66 43.62
N THR C 221 13.04 -23.24 44.82
CA THR C 221 13.16 -21.84 45.19
C THR C 221 14.46 -21.64 45.95
N TRP C 222 15.16 -20.55 45.65
CA TRP C 222 16.37 -20.15 46.37
C TRP C 222 16.08 -18.83 47.08
N PHE C 223 15.85 -18.91 48.39
CA PHE C 223 15.66 -17.72 49.22
C PHE C 223 16.90 -17.56 50.10
N GLN C 224 17.73 -16.60 49.75
CA GLN C 224 18.99 -16.35 50.42
C GLN C 224 18.90 -15.07 51.25
N SER C 225 19.44 -15.11 52.46
CA SER C 225 19.44 -13.97 53.36
C SER C 225 20.82 -13.80 53.96
N GLY C 226 21.19 -12.55 54.19
CA GLY C 226 22.48 -12.27 54.82
C GLY C 226 23.63 -12.70 53.94
N ILE C 227 24.56 -13.45 54.54
CA ILE C 227 25.75 -13.90 53.82
C ILE C 227 25.41 -14.94 52.76
N ASN C 228 24.27 -15.62 52.88
CA ASN C 228 23.89 -16.61 51.89
C ASN C 228 23.59 -16.01 50.53
N THR C 229 23.44 -14.69 50.43
CA THR C 229 23.20 -14.04 49.15
C THR C 229 24.46 -13.92 48.30
N ASP C 230 25.64 -14.23 48.84
CA ASP C 230 26.89 -14.05 48.12
C ASP C 230 27.05 -15.02 46.96
N GLY C 231 26.17 -16.02 46.84
CA GLY C 231 26.19 -16.93 45.73
C GLY C 231 24.81 -17.11 45.11
N ALA C 232 24.71 -16.92 43.80
CA ALA C 232 23.41 -16.98 43.15
C ALA C 232 22.77 -18.36 43.26
N HIS C 233 23.58 -19.41 43.33
CA HIS C 233 23.08 -20.78 43.44
C HIS C 233 23.21 -21.33 44.86
N ASN C 234 23.47 -20.48 45.85
CA ASN C 234 23.58 -20.93 47.22
C ASN C 234 22.26 -21.53 47.69
N PRO C 235 22.22 -22.82 48.03
CA PRO C 235 20.94 -23.45 48.40
C PRO C 235 20.39 -22.88 49.70
N VAL C 236 19.11 -23.19 49.93
CA VAL C 236 18.40 -22.69 51.09
C VAL C 236 18.96 -23.32 52.36
N THR C 237 19.17 -22.51 53.38
CA THR C 237 19.62 -22.96 54.68
C THR C 237 18.53 -22.71 55.72
N ASN C 238 18.83 -23.03 56.97
CA ASN C 238 17.93 -22.75 58.09
C ASN C 238 18.28 -21.46 58.81
N ARG C 239 18.90 -20.52 58.09
CA ARG C 239 19.26 -19.24 58.68
C ARG C 239 18.01 -18.39 58.92
N ILE C 240 17.94 -17.77 60.09
CA ILE C 240 16.80 -16.94 60.45
C ILE C 240 16.97 -15.56 59.85
N VAL C 241 15.94 -15.08 59.14
CA VAL C 241 15.99 -13.76 58.55
C VAL C 241 15.79 -12.71 59.64
N GLN C 242 16.73 -11.78 59.72
CA GLN C 242 16.68 -10.70 60.69
C GLN C 242 16.43 -9.37 59.98
N SER C 243 15.96 -8.39 60.75
CA SER C 243 15.63 -7.09 60.19
C SER C 243 16.87 -6.40 59.65
N GLY C 244 16.77 -5.87 58.44
CA GLY C 244 17.86 -5.16 57.80
C GLY C 244 18.76 -6.01 56.94
N ASP C 245 18.52 -7.32 56.84
CA ASP C 245 19.38 -8.19 56.06
C ASP C 245 19.10 -8.03 54.56
N ILE C 246 20.11 -8.33 53.76
CA ILE C 246 19.96 -8.35 52.31
C ILE C 246 19.36 -9.70 51.91
N LEU C 247 18.37 -9.66 51.02
CA LEU C 247 17.65 -10.86 50.60
C LEU C 247 17.87 -11.10 49.11
N SER C 248 17.41 -12.26 48.66
CA SER C 248 17.54 -12.64 47.25
C SER C 248 16.40 -13.61 46.91
N LEU C 249 15.34 -13.07 46.31
CA LEU C 249 14.24 -13.90 45.83
C LEU C 249 14.66 -14.60 44.55
N ASN C 250 14.40 -15.91 44.48
CA ASN C 250 14.72 -16.69 43.28
C ASN C 250 13.68 -17.78 43.11
N THR C 251 12.90 -17.71 42.03
CA THR C 251 11.86 -18.69 41.73
C THR C 251 12.17 -19.39 40.41
N PHE C 252 12.08 -20.72 40.40
CA PHE C 252 12.42 -21.51 39.22
C PHE C 252 11.38 -22.61 39.01
N PRO C 253 10.30 -22.30 38.31
CA PRO C 253 9.33 -23.35 37.95
C PRO C 253 9.79 -24.10 36.71
N MET C 254 9.69 -25.44 36.78
CA MET C 254 10.10 -26.32 35.68
C MET C 254 8.85 -26.95 35.08
N ILE C 255 8.56 -26.61 33.83
CA ILE C 255 7.36 -27.06 33.14
C ILE C 255 7.79 -27.81 31.89
N PHE C 256 7.61 -29.13 31.90
CA PHE C 256 7.94 -29.99 30.76
C PHE C 256 9.39 -29.82 30.33
N GLY C 257 10.29 -29.74 31.32
CA GLY C 257 11.70 -29.61 31.06
C GLY C 257 12.17 -28.23 30.66
N TYR C 258 11.30 -27.23 30.66
CA TYR C 258 11.67 -25.87 30.30
C TYR C 258 11.85 -25.02 31.55
N TYR C 259 12.85 -24.15 31.51
CA TYR C 259 13.31 -23.39 32.68
C TYR C 259 13.00 -21.92 32.49
N THR C 260 12.34 -21.33 33.49
CA THR C 260 12.19 -19.88 33.61
C THR C 260 12.69 -19.47 34.99
N ALA C 261 13.01 -18.18 35.14
CA ALA C 261 13.61 -17.72 36.38
C ALA C 261 13.19 -16.28 36.67
N LEU C 262 12.98 -16.00 37.96
CA LEU C 262 12.76 -14.66 38.47
C LEU C 262 13.66 -14.47 39.68
N GLU C 263 14.57 -13.51 39.61
CA GLU C 263 15.51 -13.25 40.69
C GLU C 263 15.50 -11.77 41.02
N ARG C 264 15.28 -11.44 42.29
CA ARG C 264 15.15 -10.06 42.75
C ARG C 264 15.95 -9.86 44.02
N THR C 265 16.65 -8.73 44.09
CA THR C 265 17.32 -8.31 45.31
C THR C 265 16.31 -7.62 46.23
N LEU C 266 16.19 -8.12 47.46
CA LEU C 266 15.24 -7.58 48.42
C LEU C 266 15.96 -7.23 49.72
N PHE C 267 15.26 -6.50 50.58
CA PHE C 267 15.74 -6.17 51.91
C PHE C 267 14.58 -6.26 52.89
N CYS C 268 14.90 -6.66 54.11
CA CYS C 268 13.89 -6.93 55.13
C CYS C 268 13.67 -5.68 55.97
N ASP C 269 12.41 -5.24 56.07
CA ASP C 269 12.01 -4.14 56.94
C ASP C 269 12.57 -2.80 56.47
N HIS C 270 13.89 -2.72 56.37
CA HIS C 270 14.54 -1.48 55.97
C HIS C 270 15.85 -1.81 55.25
N VAL C 271 16.35 -0.82 54.52
CA VAL C 271 17.61 -0.92 53.80
C VAL C 271 18.49 0.25 54.23
N ASP C 272 19.74 -0.03 54.57
CA ASP C 272 20.65 0.99 55.02
C ASP C 272 21.22 1.77 53.84
N ASP C 273 21.73 2.96 54.13
CA ASP C 273 22.22 3.84 53.08
C ASP C 273 23.43 3.24 52.34
N ALA C 274 24.26 2.48 53.05
CA ALA C 274 25.44 1.89 52.41
C ALA C 274 25.04 0.85 51.39
N SER C 275 24.15 -0.07 51.76
CA SER C 275 23.70 -1.11 50.83
C SER C 275 22.75 -0.57 49.78
N LEU C 276 22.06 0.54 50.07
CA LEU C 276 21.17 1.13 49.08
C LEU C 276 21.95 1.66 47.88
N ASP C 277 23.13 2.24 48.12
CA ASP C 277 23.95 2.77 47.04
C ASP C 277 24.33 1.68 46.04
N ILE C 278 24.74 0.51 46.55
CA ILE C 278 25.07 -0.59 45.65
C ILE C 278 23.82 -1.11 44.96
N TRP C 279 22.67 -1.08 45.66
CA TRP C 279 21.44 -1.57 45.08
C TRP C 279 20.98 -0.70 43.91
N GLU C 280 21.02 0.62 44.08
CA GLU C 280 20.59 1.51 43.02
C GLU C 280 21.52 1.44 41.81
N LYS C 281 22.82 1.29 42.05
CA LYS C 281 23.76 1.17 40.94
C LYS C 281 23.56 -0.14 40.18
N ASN C 282 23.35 -1.25 40.91
CA ASN C 282 23.15 -2.53 40.24
C ASN C 282 21.84 -2.55 39.45
N VAL C 283 20.81 -1.90 39.96
CA VAL C 283 19.57 -1.77 39.21
C VAL C 283 19.78 -0.91 37.96
N ALA C 284 20.57 0.15 38.08
CA ALA C 284 20.86 0.99 36.93
C ALA C 284 21.58 0.19 35.84
N VAL C 285 22.51 -0.68 36.23
CA VAL C 285 23.17 -1.54 35.25
C VAL C 285 22.19 -2.55 34.67
N HIS C 286 21.21 -2.99 35.47
CA HIS C 286 20.19 -3.91 34.96
C HIS C 286 19.31 -3.23 33.92
N ARG C 287 18.88 -1.99 34.18
CA ARG C 287 18.02 -1.29 33.25
C ARG C 287 18.75 -0.98 31.94
N ARG C 288 20.05 -0.69 32.01
CA ARG C 288 20.82 -0.50 30.79
C ARG C 288 21.00 -1.82 30.03
N GLY C 289 21.13 -2.93 30.75
CA GLY C 289 21.27 -4.22 30.09
C GLY C 289 20.02 -4.63 29.33
N LEU C 290 18.85 -4.17 29.77
CA LEU C 290 17.62 -4.45 29.05
C LEU C 290 17.60 -3.77 27.69
N GLU C 291 18.34 -2.68 27.54
CA GLU C 291 18.39 -1.91 26.30
C GLU C 291 19.45 -2.43 25.33
N LEU C 292 20.33 -3.31 25.77
CA LEU C 292 21.44 -3.78 24.95
C LEU C 292 21.14 -5.11 24.26
N ILE C 293 19.99 -5.72 24.53
CA ILE C 293 19.64 -7.01 23.93
C ILE C 293 18.89 -6.72 22.64
N LYS C 294 19.62 -6.76 21.52
CA LYS C 294 19.13 -6.45 20.20
C LYS C 294 19.48 -7.59 19.25
N PRO C 295 18.73 -7.74 18.15
CA PRO C 295 19.00 -8.87 17.24
C PRO C 295 20.28 -8.71 16.43
N GLY C 296 21.14 -7.76 16.80
CA GLY C 296 22.40 -7.57 16.10
C GLY C 296 23.59 -7.42 17.02
N ALA C 297 23.33 -7.25 18.31
CA ALA C 297 24.39 -7.02 19.27
C ALA C 297 25.14 -8.31 19.57
N ARG C 298 26.45 -8.19 19.81
CA ARG C 298 27.28 -9.32 20.17
C ARG C 298 27.32 -9.48 21.68
N CYS C 299 27.51 -10.72 22.12
CA CYS C 299 27.44 -11.03 23.55
C CYS C 299 28.53 -10.32 24.34
N LYS C 300 29.76 -10.30 23.81
CA LYS C 300 30.86 -9.68 24.55
C LYS C 300 30.74 -8.16 24.58
N ASP C 301 30.18 -7.57 23.52
CA ASP C 301 30.02 -6.12 23.50
C ASP C 301 29.02 -5.64 24.54
N ILE C 302 28.01 -6.46 24.83
CA ILE C 302 27.05 -6.11 25.88
C ILE C 302 27.73 -6.12 27.24
N ALA C 303 28.55 -7.14 27.51
CA ALA C 303 29.24 -7.22 28.79
C ALA C 303 30.26 -6.10 28.94
N LEU C 304 31.00 -5.79 27.87
CA LEU C 304 32.03 -4.76 27.96
C LEU C 304 31.42 -3.39 28.23
N GLU C 305 30.28 -3.08 27.62
CA GLU C 305 29.65 -1.79 27.87
C GLU C 305 29.07 -1.71 29.27
N LEU C 306 28.51 -2.82 29.76
CA LEU C 306 28.02 -2.85 31.13
C LEU C 306 29.18 -2.85 32.14
N ASN C 307 30.34 -3.35 31.74
CA ASN C 307 31.51 -3.26 32.59
C ASN C 307 31.94 -1.82 32.82
N GLU C 308 31.58 -0.91 31.91
CA GLU C 308 31.95 0.49 32.07
C GLU C 308 31.22 1.11 33.26
N MET C 309 29.91 0.84 33.39
CA MET C 309 29.15 1.38 34.52
C MET C 309 29.71 0.89 35.85
N TYR C 310 30.11 -0.38 35.92
CA TYR C 310 30.69 -0.91 37.14
C TYR C 310 32.04 -0.28 37.44
N ARG C 311 32.88 -0.12 36.41
CA ARG C 311 34.20 0.45 36.62
C ARG C 311 34.13 1.90 37.08
N GLU C 312 33.13 2.66 36.59
CA GLU C 312 32.99 4.06 36.99
C GLU C 312 32.57 4.21 38.44
N TRP C 313 31.99 3.17 39.04
CA TRP C 313 31.49 3.22 40.41
C TRP C 313 32.29 2.34 41.35
N ASP C 314 33.46 1.85 40.92
CA ASP C 314 34.31 0.97 41.72
C ASP C 314 33.54 -0.28 42.17
N LEU C 315 32.78 -0.86 41.25
CA LEU C 315 32.04 -2.08 41.51
C LEU C 315 32.41 -3.22 40.58
N LEU C 316 33.34 -2.99 39.64
CA LEU C 316 33.71 -4.04 38.69
C LEU C 316 34.44 -5.19 39.37
N LYS C 317 35.24 -4.89 40.40
CA LYS C 317 35.99 -5.92 41.11
C LYS C 317 35.10 -6.82 41.96
N TYR C 318 33.81 -6.53 42.06
CA TYR C 318 32.89 -7.32 42.86
C TYR C 318 31.88 -8.09 42.01
N ARG C 319 32.07 -8.12 40.69
CA ARG C 319 31.18 -8.89 39.83
C ARG C 319 31.28 -10.38 40.16
N SER C 320 30.20 -11.09 39.85
CA SER C 320 30.10 -12.52 40.16
C SER C 320 30.19 -13.40 38.92
N PHE C 321 29.28 -13.24 37.98
CA PHE C 321 29.21 -14.14 36.83
C PHE C 321 28.74 -13.34 35.61
N GLY C 322 28.48 -14.05 34.53
CA GLY C 322 28.07 -13.41 33.29
C GLY C 322 26.73 -12.72 33.41
N TYR C 323 26.35 -12.04 32.33
CA TYR C 323 25.13 -11.24 32.33
C TYR C 323 23.90 -12.00 31.89
N GLY C 324 24.04 -13.13 31.21
CA GLY C 324 22.86 -13.84 30.73
C GLY C 324 23.22 -15.12 30.01
N HIS C 325 22.17 -15.87 29.67
CA HIS C 325 22.29 -17.18 29.07
C HIS C 325 21.03 -17.50 28.29
N SER C 326 21.06 -18.61 27.58
CA SER C 326 19.92 -19.04 26.79
C SER C 326 18.94 -19.83 27.65
N PHE C 327 17.66 -19.83 27.24
CA PHE C 327 16.55 -20.25 28.08
C PHE C 327 15.73 -21.37 27.45
N GLY C 328 16.39 -22.32 26.79
CA GLY C 328 15.65 -23.40 26.18
C GLY C 328 15.29 -24.53 27.13
N VAL C 329 15.73 -25.73 26.79
CA VAL C 329 15.54 -26.91 27.64
C VAL C 329 16.76 -26.99 28.55
N LEU C 330 16.61 -26.54 29.79
CA LEU C 330 17.69 -26.59 30.75
C LEU C 330 17.11 -26.59 32.16
N CYS C 331 18.00 -26.74 33.14
CA CYS C 331 17.65 -26.74 34.56
C CYS C 331 18.96 -26.65 35.33
N HIS C 332 18.88 -26.72 36.65
CA HIS C 332 20.08 -26.65 37.47
C HIS C 332 20.96 -27.89 37.34
N TYR C 333 20.57 -28.88 36.52
CA TYR C 333 21.40 -30.07 36.35
C TYR C 333 21.43 -30.56 34.91
N TYR C 334 20.91 -29.80 33.95
CA TYR C 334 21.04 -30.17 32.55
C TYR C 334 20.84 -28.94 31.68
N GLY C 335 21.16 -29.08 30.40
CA GLY C 335 20.89 -28.06 29.41
C GLY C 335 21.93 -26.97 29.33
N ARG C 336 21.47 -25.74 29.11
CA ARG C 336 22.30 -24.54 28.93
C ARG C 336 23.06 -24.62 27.61
N GLU C 337 22.72 -23.73 26.68
CA GLU C 337 23.39 -23.64 25.39
C GLU C 337 24.59 -22.71 25.54
N ALA C 338 25.79 -23.30 25.57
CA ALA C 338 27.01 -22.54 25.83
C ALA C 338 27.35 -21.55 24.72
N GLY C 339 26.70 -21.66 23.56
CA GLY C 339 26.97 -20.73 22.46
C GLY C 339 26.44 -19.34 22.69
N VAL C 340 25.48 -19.17 23.59
CA VAL C 340 24.86 -17.88 23.88
C VAL C 340 25.10 -17.59 25.35
N GLU C 341 26.17 -16.87 25.65
CA GLU C 341 26.51 -16.47 27.01
C GLU C 341 27.03 -15.06 26.98
N LEU C 342 26.51 -14.20 27.86
CA LEU C 342 26.90 -12.80 27.91
C LEU C 342 28.21 -12.67 28.71
N ARG C 343 29.29 -13.14 28.09
CA ARG C 343 30.61 -13.13 28.68
C ARG C 343 31.57 -12.38 27.77
N GLU C 344 32.70 -11.95 28.34
CA GLU C 344 33.61 -11.03 27.67
C GLU C 344 34.41 -11.66 26.53
N ASP C 345 34.21 -12.95 26.23
CA ASP C 345 34.91 -13.58 25.13
C ASP C 345 33.99 -14.34 24.19
N ILE C 346 32.67 -14.14 24.31
CA ILE C 346 31.70 -14.78 23.43
C ILE C 346 31.30 -13.77 22.35
N ASP C 347 31.62 -14.09 21.10
CA ASP C 347 31.38 -13.19 19.98
C ASP C 347 30.12 -13.55 19.19
N THR C 348 29.36 -14.54 19.64
CA THR C 348 28.16 -14.95 18.91
C THR C 348 27.09 -13.87 18.99
N GLU C 349 26.58 -13.47 17.83
CA GLU C 349 25.53 -12.47 17.77
C GLU C 349 24.20 -13.05 18.18
N LEU C 350 23.33 -12.20 18.70
CA LEU C 350 21.96 -12.60 19.00
C LEU C 350 21.14 -12.63 17.70
N LYS C 351 20.24 -13.59 17.62
CA LYS C 351 19.45 -13.82 16.42
C LYS C 351 17.96 -13.83 16.76
N PRO C 352 17.12 -13.36 15.85
CA PRO C 352 15.67 -13.36 16.10
C PRO C 352 15.16 -14.75 16.41
N GLY C 353 14.58 -14.91 17.60
CA GLY C 353 14.11 -16.20 18.08
C GLY C 353 14.77 -16.68 19.35
N MET C 354 15.79 -15.98 19.84
CA MET C 354 16.48 -16.38 21.06
C MET C 354 15.77 -15.83 22.30
N VAL C 355 15.89 -16.57 23.39
CA VAL C 355 15.34 -16.17 24.69
C VAL C 355 16.51 -16.13 25.67
N VAL C 356 16.90 -14.92 26.07
CA VAL C 356 18.07 -14.74 26.93
C VAL C 356 17.67 -13.99 28.19
N SER C 357 18.65 -13.70 29.05
CA SER C 357 18.41 -13.01 30.31
C SER C 357 19.41 -11.90 30.52
N MET C 358 19.07 -11.01 31.44
CA MET C 358 19.96 -9.95 31.91
C MET C 358 19.99 -10.05 33.43
N GLU C 359 21.13 -10.48 33.98
CA GLU C 359 21.26 -10.72 35.42
C GLU C 359 22.64 -10.30 35.90
N PRO C 360 22.89 -9.00 36.00
CA PRO C 360 24.15 -8.54 36.58
C PRO C 360 24.15 -8.74 38.08
N MET C 361 25.30 -9.16 38.62
CA MET C 361 25.43 -9.41 40.05
C MET C 361 26.71 -8.78 40.59
N VAL C 362 26.59 -8.16 41.76
CA VAL C 362 27.71 -7.61 42.50
C VAL C 362 27.69 -8.19 43.90
N MET C 363 28.83 -8.73 44.34
CA MET C 363 28.93 -9.37 45.65
C MET C 363 29.99 -8.65 46.47
N LEU C 364 29.57 -8.05 47.59
CA LEU C 364 30.50 -7.42 48.53
C LEU C 364 30.82 -8.39 49.66
N PRO C 365 32.10 -8.57 49.99
CA PRO C 365 32.45 -9.52 51.06
C PRO C 365 31.99 -9.04 52.42
N GLU C 366 31.85 -10.00 53.33
CA GLU C 366 31.41 -9.69 54.69
C GLU C 366 32.45 -8.83 55.41
N GLY C 367 31.98 -7.89 56.21
CA GLY C 367 32.83 -7.01 56.98
C GLY C 367 32.82 -5.56 56.53
N MET C 368 32.42 -5.30 55.29
CA MET C 368 32.37 -3.94 54.76
C MET C 368 30.91 -3.49 54.59
N PRO C 369 30.66 -2.18 54.62
CA PRO C 369 29.28 -1.70 54.49
C PRO C 369 28.64 -2.16 53.19
N GLY C 370 27.37 -2.53 53.27
CA GLY C 370 26.63 -2.99 52.10
C GLY C 370 27.01 -4.38 51.65
N ALA C 371 27.45 -5.24 52.57
CA ALA C 371 27.85 -6.59 52.21
C ALA C 371 26.65 -7.39 51.73
N GLY C 372 26.94 -8.43 50.96
CA GLY C 372 25.92 -9.30 50.39
C GLY C 372 25.98 -9.33 48.89
N GLY C 373 24.98 -10.00 48.30
CA GLY C 373 24.90 -10.12 46.86
C GLY C 373 23.67 -9.49 46.27
N TYR C 374 23.86 -8.58 45.32
CA TYR C 374 22.79 -7.87 44.65
C TYR C 374 22.63 -8.43 43.24
N ARG C 375 21.39 -8.75 42.87
CA ARG C 375 21.16 -9.37 41.56
C ARG C 375 19.70 -9.22 41.18
N GLU C 376 19.46 -8.73 39.96
CA GLU C 376 18.15 -8.71 39.34
C GLU C 376 18.20 -9.61 38.11
N HIS C 377 17.04 -10.09 37.67
CA HIS C 377 17.00 -11.05 36.57
C HIS C 377 15.66 -10.96 35.85
N ASP C 378 15.72 -10.61 34.56
CA ASP C 378 14.57 -10.60 33.68
C ASP C 378 14.82 -11.48 32.47
N ILE C 379 13.73 -11.95 31.87
CA ILE C 379 13.80 -12.79 30.67
C ILE C 379 13.32 -11.96 29.48
N LEU C 380 14.04 -12.06 28.37
CA LEU C 380 13.77 -11.25 27.18
C LEU C 380 13.68 -12.13 25.95
N ILE C 381 12.61 -11.96 25.18
CA ILE C 381 12.42 -12.67 23.92
C ILE C 381 12.93 -11.80 22.78
N VAL C 382 13.65 -12.41 21.85
CA VAL C 382 14.25 -11.69 20.73
C VAL C 382 13.66 -12.16 19.40
N GLU C 384 12.53 -8.71 16.28
CA GLU C 384 13.14 -8.34 15.01
C GLU C 384 13.96 -7.06 15.15
N ASP C 385 13.49 -6.15 16.01
CA ASP C 385 14.12 -4.86 16.23
C ASP C 385 14.71 -4.70 17.62
N GLY C 386 13.96 -5.08 18.65
CA GLY C 386 14.45 -4.98 20.01
C GLY C 386 14.29 -6.26 20.79
N ALA C 387 13.62 -6.19 21.94
CA ALA C 387 13.36 -7.35 22.76
C ALA C 387 12.18 -7.06 23.68
N GLU C 388 11.46 -8.13 24.04
CA GLU C 388 10.30 -8.02 24.91
C GLU C 388 10.63 -8.61 26.28
N ASN C 389 10.44 -7.82 27.33
CA ASN C 389 10.67 -8.27 28.70
C ASN C 389 9.41 -8.95 29.19
N ILE C 390 9.49 -10.26 29.44
CA ILE C 390 8.35 -11.04 29.90
C ILE C 390 8.33 -11.24 31.41
N THR C 391 9.30 -10.66 32.13
CA THR C 391 9.33 -10.70 33.58
C THR C 391 8.59 -9.48 34.12
N GLY C 392 7.52 -9.71 34.89
CA GLY C 392 6.66 -8.63 35.33
C GLY C 392 6.88 -8.18 36.76
N PHE C 393 7.65 -8.93 37.53
CA PHE C 393 7.89 -8.57 38.93
C PHE C 393 8.75 -7.31 39.00
N PRO C 394 8.40 -6.33 39.84
CA PRO C 394 9.13 -5.07 39.84
C PRO C 394 10.52 -5.21 40.45
N VAL C 395 11.38 -4.24 40.10
CA VAL C 395 12.74 -4.17 40.62
C VAL C 395 12.87 -2.91 41.46
N GLY C 396 14.06 -2.70 42.04
CA GLY C 396 14.37 -1.47 42.72
C GLY C 396 13.79 -1.36 44.11
N PRO C 397 14.27 -0.37 44.87
CA PRO C 397 13.80 -0.22 46.26
C PRO C 397 12.40 0.34 46.38
N GLU C 398 11.76 0.76 45.27
CA GLU C 398 10.43 1.36 45.38
C GLU C 398 9.37 0.33 45.75
N HIS C 399 9.60 -0.95 45.40
CA HIS C 399 8.61 -1.99 45.70
C HIS C 399 9.22 -3.27 46.24
N ASN C 400 10.54 -3.34 46.45
CA ASN C 400 11.19 -4.55 46.93
C ASN C 400 11.76 -4.40 48.34
N ILE C 401 11.31 -3.37 49.07
CA ILE C 401 11.63 -3.23 50.49
C ILE C 401 10.50 -3.91 51.25
N ILE C 402 10.72 -5.16 51.66
CA ILE C 402 9.66 -5.96 52.28
C ILE C 402 9.39 -5.42 53.68
N ARG C 403 8.17 -4.90 53.89
CA ARG C 403 7.75 -4.31 55.15
C ARG C 403 6.46 -5.00 55.58
N ASN C 404 6.59 -6.06 56.37
CA ASN C 404 5.43 -6.79 56.87
C ASN C 404 5.58 -7.12 58.35
N ASP D 4 -6.76 -40.56 -42.06
CA ASP D 4 -7.17 -41.84 -41.51
C ASP D 4 -8.15 -41.68 -40.36
N MET D 5 -7.88 -40.72 -39.49
CA MET D 5 -8.70 -40.47 -38.31
C MET D 5 -9.64 -39.29 -38.57
N LEU D 6 -10.51 -39.03 -37.60
CA LEU D 6 -11.55 -38.03 -37.75
C LEU D 6 -11.10 -36.66 -37.21
N HIS D 7 -11.43 -35.61 -37.96
CA HIS D 7 -11.25 -34.23 -37.53
C HIS D 7 -12.53 -33.67 -36.91
N VAL D 8 -13.59 -33.53 -37.70
CA VAL D 8 -14.89 -33.08 -37.25
C VAL D 8 -15.94 -34.08 -37.70
N MET D 9 -16.77 -34.54 -36.77
CA MET D 9 -17.81 -35.52 -37.10
C MET D 9 -19.04 -35.25 -36.24
N LYS D 10 -20.13 -35.94 -36.59
CA LYS D 10 -21.36 -35.89 -35.82
C LYS D 10 -21.52 -37.20 -35.05
N TRP D 11 -21.56 -37.10 -33.73
CA TRP D 11 -21.81 -38.23 -32.85
C TRP D 11 -23.14 -38.02 -32.14
N HIS D 12 -24.23 -38.18 -32.88
CA HIS D 12 -25.57 -38.01 -32.34
C HIS D 12 -26.04 -39.33 -31.71
N ASN D 13 -25.41 -39.65 -30.59
CA ASN D 13 -25.66 -40.90 -29.88
C ASN D 13 -26.81 -40.69 -28.89
N GLY D 14 -27.92 -41.38 -29.12
CA GLY D 14 -29.08 -41.27 -28.25
C GLY D 14 -30.11 -40.30 -28.76
N GLU D 15 -31.03 -39.95 -27.86
CA GLU D 15 -32.15 -39.07 -28.18
C GLU D 15 -32.08 -37.79 -27.36
N LYS D 16 -32.82 -36.79 -27.82
CA LYS D 16 -32.85 -35.50 -27.12
C LYS D 16 -33.40 -35.69 -25.71
N ASP D 17 -32.74 -35.04 -24.74
CA ASP D 17 -33.14 -35.14 -23.35
C ASP D 17 -34.27 -34.18 -23.03
N TYR D 18 -34.96 -34.46 -21.93
CA TYR D 18 -35.93 -33.53 -21.39
C TYR D 18 -35.26 -32.20 -21.05
N SER D 19 -36.03 -31.13 -21.14
CA SER D 19 -35.59 -29.80 -20.75
C SER D 19 -36.73 -29.10 -20.03
N PRO D 20 -36.42 -28.33 -18.97
CA PRO D 20 -37.48 -27.55 -18.31
C PRO D 20 -38.02 -26.44 -19.18
N PHE D 21 -37.33 -26.07 -20.25
CA PHE D 21 -37.79 -25.05 -21.17
C PHE D 21 -38.36 -25.70 -22.43
N SER D 22 -39.46 -25.13 -22.92
CA SER D 22 -40.05 -25.62 -24.15
C SER D 22 -39.19 -25.21 -25.35
N ASP D 23 -39.50 -25.82 -26.50
CA ASP D 23 -38.81 -25.45 -27.73
C ASP D 23 -39.05 -23.98 -28.08
N ALA D 24 -40.25 -23.47 -27.78
CA ALA D 24 -40.56 -22.08 -28.06
C ALA D 24 -39.70 -21.13 -27.21
N GLU D 25 -39.43 -21.52 -25.96
CA GLU D 25 -38.57 -20.69 -25.12
C GLU D 25 -37.13 -20.69 -25.64
N MET D 26 -36.63 -21.85 -26.04
CA MET D 26 -35.27 -21.87 -26.60
C MET D 26 -35.21 -21.21 -27.97
N THR D 27 -36.32 -21.26 -28.72
CA THR D 27 -36.34 -20.62 -30.04
C THR D 27 -36.30 -19.10 -29.94
N ARG D 28 -37.05 -18.52 -28.99
CA ARG D 28 -37.04 -17.06 -28.88
C ARG D 28 -35.68 -16.55 -28.45
N ARG D 29 -34.95 -17.30 -27.61
CA ARG D 29 -33.60 -16.88 -27.22
C ARG D 29 -32.69 -16.81 -28.44
N GLN D 30 -32.68 -17.88 -29.24
CA GLN D 30 -31.87 -17.89 -30.46
C GLN D 30 -32.36 -16.87 -31.47
N ASN D 31 -33.68 -16.65 -31.54
CA ASN D 31 -34.20 -15.63 -32.43
C ASN D 31 -33.82 -14.23 -31.96
N ASP D 32 -33.69 -14.03 -30.64
CA ASP D 32 -33.23 -12.74 -30.14
C ASP D 32 -31.82 -12.43 -30.62
N VAL D 33 -30.93 -13.43 -30.61
CA VAL D 33 -29.59 -13.23 -31.17
C VAL D 33 -29.68 -12.89 -32.64
N ARG D 34 -30.46 -13.66 -33.39
CA ARG D 34 -30.60 -13.41 -34.82
C ARG D 34 -31.13 -12.00 -35.08
N GLY D 35 -32.11 -11.57 -34.30
CA GLY D 35 -32.61 -10.21 -34.44
C GLY D 35 -31.55 -9.16 -34.23
N TRP D 36 -30.72 -9.32 -33.19
CA TRP D 36 -29.64 -8.37 -32.96
C TRP D 36 -28.62 -8.41 -34.10
N MET D 37 -28.26 -9.62 -34.56
CA MET D 37 -27.29 -9.75 -35.64
C MET D 37 -27.79 -9.12 -36.93
N ALA D 38 -29.09 -9.24 -37.20
CA ALA D 38 -29.66 -8.66 -38.41
C ALA D 38 -29.62 -7.13 -38.37
N LYS D 39 -29.84 -6.55 -37.18
CA LYS D 39 -29.77 -5.09 -37.05
C LYS D 39 -28.34 -4.58 -37.16
N ASN D 40 -27.36 -5.40 -36.79
CA ASN D 40 -25.96 -4.96 -36.74
C ASN D 40 -25.12 -5.58 -37.86
N ASN D 41 -25.77 -6.08 -38.92
CA ASN D 41 -25.07 -6.64 -40.08
C ASN D 41 -24.04 -7.69 -39.66
N VAL D 42 -24.44 -8.54 -38.71
CA VAL D 42 -23.58 -9.61 -38.20
C VAL D 42 -24.03 -10.93 -38.82
N ASP D 43 -23.09 -11.63 -39.46
CA ASP D 43 -23.43 -12.84 -40.19
C ASP D 43 -23.58 -14.05 -39.29
N ALA D 44 -22.81 -14.14 -38.21
CA ALA D 44 -22.87 -15.30 -37.33
C ALA D 44 -22.39 -14.89 -35.94
N ALA D 45 -22.82 -15.67 -34.95
CA ALA D 45 -22.39 -15.51 -33.58
C ALA D 45 -21.68 -16.78 -33.13
N LEU D 46 -20.49 -16.63 -32.55
CA LEU D 46 -19.74 -17.75 -31.98
C LEU D 46 -19.65 -17.52 -30.47
N PHE D 47 -20.48 -18.24 -29.72
CA PHE D 47 -20.42 -18.18 -28.27
C PHE D 47 -19.43 -19.22 -27.76
N THR D 48 -18.70 -18.86 -26.70
CA THR D 48 -17.66 -19.73 -26.15
C THR D 48 -17.73 -19.91 -24.64
N SER D 49 -18.59 -19.18 -23.94
CA SER D 49 -18.62 -19.24 -22.48
C SER D 49 -19.65 -20.23 -21.99
N TYR D 50 -19.49 -20.65 -20.73
CA TYR D 50 -20.46 -21.54 -20.10
C TYR D 50 -21.87 -20.98 -20.21
N HIS D 51 -22.04 -19.71 -19.81
CA HIS D 51 -23.38 -19.17 -19.62
C HIS D 51 -24.07 -18.91 -20.95
N CYS D 52 -23.36 -18.31 -21.92
CA CYS D 52 -23.97 -18.06 -23.22
C CYS D 52 -24.32 -19.36 -23.92
N ILE D 53 -23.45 -20.36 -23.84
CA ILE D 53 -23.75 -21.65 -24.46
C ILE D 53 -24.91 -22.33 -23.76
N ASN D 54 -24.95 -22.26 -22.42
CA ASN D 54 -26.06 -22.87 -21.70
C ASN D 54 -27.36 -22.11 -21.92
N TYR D 55 -27.29 -20.79 -22.08
CA TYR D 55 -28.51 -20.00 -22.26
C TYR D 55 -29.16 -20.30 -23.61
N TYR D 56 -28.38 -20.38 -24.68
CA TYR D 56 -28.94 -20.47 -26.02
C TYR D 56 -29.12 -21.90 -26.50
N SER D 57 -28.38 -22.87 -25.93
CA SER D 57 -28.58 -24.27 -26.28
C SER D 57 -29.22 -25.09 -25.18
N GLY D 58 -29.12 -24.66 -23.92
CA GLY D 58 -29.59 -25.46 -22.81
C GLY D 58 -28.57 -26.45 -22.28
N TRP D 59 -27.41 -26.55 -22.92
CA TRP D 59 -26.37 -27.51 -22.57
C TRP D 59 -25.23 -26.79 -21.87
N LEU D 60 -24.79 -27.33 -20.74
CA LEU D 60 -23.68 -26.79 -19.96
C LEU D 60 -22.46 -27.67 -20.16
N TYR D 61 -21.40 -27.11 -20.73
CA TYR D 61 -20.25 -27.93 -21.05
C TYR D 61 -19.30 -28.05 -19.87
N CYS D 62 -18.46 -29.08 -19.93
CA CYS D 62 -17.36 -29.26 -19.00
C CYS D 62 -16.07 -28.88 -19.70
N TYR D 63 -15.32 -27.96 -19.09
CA TYR D 63 -14.16 -27.34 -19.73
C TYR D 63 -12.96 -28.28 -19.79
N PHE D 64 -12.27 -28.44 -18.67
CA PHE D 64 -11.08 -29.29 -18.58
C PHE D 64 -10.06 -28.95 -19.66
N GLY D 65 -9.93 -27.65 -19.95
CA GLY D 65 -8.88 -27.18 -20.83
C GLY D 65 -9.20 -27.20 -22.32
N ARG D 66 -10.39 -27.60 -22.71
CA ARG D 66 -10.76 -27.73 -24.10
C ARG D 66 -11.64 -26.56 -24.54
N LYS D 67 -11.53 -26.23 -25.82
CA LYS D 67 -12.36 -25.18 -26.41
C LYS D 67 -13.75 -25.70 -26.73
N TYR D 68 -14.75 -24.87 -26.47
CA TYR D 68 -16.13 -25.18 -26.79
C TYR D 68 -16.78 -23.98 -27.46
N GLY D 69 -17.79 -24.25 -28.30
CA GLY D 69 -18.41 -23.19 -29.07
C GLY D 69 -19.85 -23.48 -29.39
N MET D 70 -20.54 -22.43 -29.86
CA MET D 70 -21.87 -22.57 -30.43
C MET D 70 -22.05 -21.49 -31.50
N VAL D 71 -22.34 -21.91 -32.73
CA VAL D 71 -22.52 -21.00 -33.84
C VAL D 71 -24.01 -20.82 -34.08
N ILE D 72 -24.46 -19.57 -34.00
CA ILE D 72 -25.83 -19.20 -34.35
C ILE D 72 -25.77 -18.28 -35.56
N ASP D 73 -26.42 -18.69 -36.65
CA ASP D 73 -26.58 -17.89 -37.85
C ASP D 73 -28.05 -17.55 -38.04
N HIS D 74 -28.36 -16.88 -39.15
CA HIS D 74 -29.74 -16.50 -39.42
C HIS D 74 -30.67 -17.70 -39.58
N ASN D 75 -30.12 -18.90 -39.75
CA ASN D 75 -30.92 -20.10 -39.95
C ASN D 75 -30.70 -21.17 -38.88
N ASN D 76 -29.46 -21.38 -38.45
CA ASN D 76 -29.09 -22.56 -37.68
C ASN D 76 -28.58 -22.20 -36.30
N ALA D 77 -28.50 -23.23 -35.45
CA ALA D 77 -27.87 -23.13 -34.13
C ALA D 77 -27.18 -24.46 -33.86
N THR D 78 -25.85 -24.44 -33.73
CA THR D 78 -25.07 -25.66 -33.60
C THR D 78 -24.01 -25.49 -32.53
N THR D 79 -24.01 -26.38 -31.55
CA THR D 79 -22.95 -26.40 -30.54
C THR D 79 -21.77 -27.24 -31.03
N ILE D 80 -20.59 -26.89 -30.54
CA ILE D 80 -19.34 -27.53 -30.93
C ILE D 80 -18.72 -28.14 -29.67
N SER D 81 -18.64 -29.47 -29.64
CA SER D 81 -18.16 -30.19 -28.47
C SER D 81 -17.06 -31.16 -28.88
N ALA D 82 -16.37 -31.69 -27.88
CA ALA D 82 -15.17 -32.52 -28.10
C ALA D 82 -15.54 -34.00 -28.11
N GLY D 83 -14.62 -34.80 -28.66
CA GLY D 83 -14.83 -36.23 -28.72
C GLY D 83 -15.04 -36.87 -27.37
N ILE D 84 -14.38 -36.34 -26.33
CA ILE D 84 -14.51 -36.87 -24.98
C ILE D 84 -15.95 -36.83 -24.49
N ASP D 85 -16.77 -35.93 -25.04
CA ASP D 85 -18.13 -35.75 -24.56
C ASP D 85 -19.12 -36.70 -25.20
N GLY D 86 -18.74 -37.42 -26.26
CA GLY D 86 -19.65 -38.36 -26.88
C GLY D 86 -20.88 -37.64 -27.43
N GLY D 87 -22.05 -38.20 -27.15
CA GLY D 87 -23.31 -37.64 -27.59
C GLY D 87 -24.06 -36.82 -26.57
N GLN D 88 -23.55 -36.69 -25.34
CA GLN D 88 -24.23 -35.90 -24.33
C GLN D 88 -24.47 -34.45 -24.77
N PRO D 89 -23.55 -33.76 -25.43
CA PRO D 89 -23.88 -32.41 -25.91
C PRO D 89 -25.04 -32.40 -26.89
N TRP D 90 -25.12 -33.38 -27.80
CA TRP D 90 -26.20 -33.36 -28.78
C TRP D 90 -27.54 -33.69 -28.12
N ARG D 91 -27.57 -34.66 -27.20
CA ARG D 91 -28.81 -34.96 -26.48
C ARG D 91 -29.27 -33.77 -25.66
N ARG D 92 -28.35 -32.89 -25.28
CA ARG D 92 -28.60 -31.83 -24.32
C ARG D 92 -28.84 -30.48 -24.98
N SER D 93 -28.49 -30.32 -26.25
CA SER D 93 -28.51 -29.04 -26.92
C SER D 93 -29.78 -28.86 -27.73
N PHE D 94 -30.34 -27.65 -27.67
CA PHE D 94 -31.46 -27.30 -28.54
C PHE D 94 -30.89 -26.87 -29.89
N GLY D 95 -31.08 -27.72 -30.90
CA GLY D 95 -30.51 -27.50 -32.21
C GLY D 95 -29.57 -28.62 -32.61
N ASP D 96 -28.61 -28.28 -33.46
CA ASP D 96 -27.68 -29.25 -34.00
C ASP D 96 -26.40 -29.28 -33.16
N ASN D 97 -25.52 -30.24 -33.47
CA ASN D 97 -24.31 -30.42 -32.71
C ASN D 97 -23.30 -31.16 -33.57
N ILE D 98 -22.03 -30.75 -33.49
CA ILE D 98 -20.94 -31.44 -34.14
C ILE D 98 -19.82 -31.63 -33.14
N THR D 99 -18.92 -32.57 -33.46
CA THR D 99 -17.87 -33.00 -32.55
C THR D 99 -16.52 -32.84 -33.24
N TYR D 100 -15.55 -32.29 -32.51
CA TYR D 100 -14.17 -32.21 -32.97
C TYR D 100 -13.28 -33.05 -32.05
N THR D 101 -12.19 -33.55 -32.59
CA THR D 101 -11.32 -34.50 -31.90
C THR D 101 -10.02 -33.85 -31.47
N ASP D 102 -9.32 -34.52 -30.54
CA ASP D 102 -8.06 -34.05 -30.00
C ASP D 102 -6.86 -34.30 -30.90
N TRP D 103 -7.03 -35.02 -32.02
CA TRP D 103 -5.87 -35.50 -32.76
C TRP D 103 -5.09 -34.40 -33.44
N ARG D 104 -5.71 -33.24 -33.69
CA ARG D 104 -5.01 -32.10 -34.26
C ARG D 104 -5.41 -30.83 -33.52
N ARG D 105 -4.49 -29.87 -33.47
CA ARG D 105 -4.69 -28.67 -32.68
C ARG D 105 -5.88 -27.86 -33.20
N ASP D 106 -5.93 -27.61 -34.50
CA ASP D 106 -6.93 -26.72 -35.09
C ASP D 106 -8.24 -27.42 -35.43
N ASN D 107 -8.53 -28.55 -34.79
CA ASN D 107 -9.78 -29.26 -35.10
C ASN D 107 -11.00 -28.48 -34.63
N PHE D 108 -10.89 -27.71 -33.54
CA PHE D 108 -11.98 -26.86 -33.12
C PHE D 108 -12.22 -25.74 -34.14
N TYR D 109 -11.15 -25.19 -34.71
CA TYR D 109 -11.29 -24.13 -35.70
C TYR D 109 -11.79 -24.67 -37.02
N ARG D 110 -11.53 -25.94 -37.33
CA ARG D 110 -12.18 -26.58 -38.47
C ARG D 110 -13.69 -26.61 -38.28
N ALA D 111 -14.15 -26.99 -37.08
CA ALA D 111 -15.58 -27.04 -36.81
C ALA D 111 -16.22 -25.67 -36.91
N VAL D 112 -15.55 -24.64 -36.37
CA VAL D 112 -16.07 -23.27 -36.49
C VAL D 112 -16.17 -22.87 -37.95
N ARG D 113 -15.16 -23.22 -38.75
CA ARG D 113 -15.12 -22.83 -40.15
C ARG D 113 -16.24 -23.47 -40.95
N GLN D 114 -16.63 -24.71 -40.60
CA GLN D 114 -17.72 -25.38 -41.32
C GLN D 114 -19.05 -24.70 -41.08
N LEU D 115 -19.23 -24.06 -39.93
CA LEU D 115 -20.50 -23.48 -39.53
C LEU D 115 -20.61 -21.99 -39.84
N THR D 116 -19.58 -21.38 -40.42
CA THR D 116 -19.55 -19.94 -40.64
C THR D 116 -19.10 -19.58 -42.05
N THR D 117 -19.31 -20.49 -43.01
CA THR D 117 -18.86 -20.26 -44.37
C THR D 117 -19.53 -19.00 -44.94
N GLY D 118 -18.74 -18.15 -45.58
CA GLY D 118 -19.23 -16.93 -46.16
C GLY D 118 -19.43 -15.79 -45.18
N ALA D 119 -19.18 -15.99 -43.90
CA ALA D 119 -19.37 -14.93 -42.92
C ALA D 119 -18.26 -13.89 -43.03
N LYS D 120 -18.64 -12.62 -42.98
CA LYS D 120 -17.69 -11.52 -42.97
C LYS D 120 -17.61 -10.81 -41.63
N ARG D 121 -18.70 -10.78 -40.87
CA ARG D 121 -18.72 -10.18 -39.54
C ARG D 121 -19.26 -11.22 -38.57
N ILE D 122 -18.49 -11.52 -37.53
CA ILE D 122 -18.85 -12.55 -36.56
C ILE D 122 -18.80 -11.94 -35.15
N GLY D 123 -19.86 -12.14 -34.37
CA GLY D 123 -19.88 -11.71 -32.99
C GLY D 123 -19.29 -12.78 -32.09
N ILE D 124 -18.35 -12.36 -31.23
CA ILE D 124 -17.74 -13.22 -30.23
C ILE D 124 -17.83 -12.52 -28.87
N GLU D 125 -17.49 -13.26 -27.82
CA GLU D 125 -17.59 -12.74 -26.46
C GLU D 125 -16.26 -12.12 -26.06
N PHE D 126 -16.15 -10.81 -26.23
CA PHE D 126 -15.00 -10.07 -25.70
C PHE D 126 -14.89 -10.22 -24.19
N ASP D 127 -16.00 -10.56 -23.52
CA ASP D 127 -15.98 -10.87 -22.10
C ASP D 127 -15.16 -12.12 -21.79
N HIS D 128 -15.08 -13.05 -22.75
CA HIS D 128 -14.59 -14.39 -22.47
C HIS D 128 -13.37 -14.79 -23.28
N VAL D 129 -13.28 -14.38 -24.55
CA VAL D 129 -12.19 -14.81 -25.40
C VAL D 129 -10.88 -14.20 -24.93
N ASN D 130 -9.89 -15.05 -24.64
CA ASN D 130 -8.60 -14.56 -24.20
C ASN D 130 -7.77 -14.11 -25.40
N LEU D 131 -6.59 -13.55 -25.13
CA LEU D 131 -5.77 -12.96 -26.17
C LEU D 131 -5.28 -14.01 -27.16
N ASP D 132 -4.79 -15.15 -26.66
CA ASP D 132 -4.33 -16.21 -27.54
C ASP D 132 -5.49 -16.77 -28.37
N PHE D 133 -6.66 -16.92 -27.75
CA PHE D 133 -7.82 -17.44 -28.47
C PHE D 133 -8.23 -16.50 -29.60
N ARG D 134 -8.25 -15.19 -29.33
CA ARG D 134 -8.62 -14.24 -30.38
C ARG D 134 -7.61 -14.24 -31.52
N ARG D 135 -6.32 -14.36 -31.19
CA ARG D 135 -5.29 -14.45 -32.22
C ARG D 135 -5.52 -15.67 -33.11
N GLN D 136 -5.82 -16.82 -32.50
CA GLN D 136 -6.05 -18.03 -33.28
C GLN D 136 -7.32 -17.93 -34.13
N LEU D 137 -8.35 -17.25 -33.63
CA LEU D 137 -9.60 -17.16 -34.38
C LEU D 137 -9.42 -16.42 -35.70
N GLU D 138 -8.67 -15.31 -35.69
CA GLU D 138 -8.51 -14.55 -36.93
C GLU D 138 -7.55 -15.26 -37.89
N GLU D 139 -6.62 -16.07 -37.37
CA GLU D 139 -5.80 -16.90 -38.24
C GLU D 139 -6.62 -18.02 -38.87
N ALA D 140 -7.64 -18.51 -38.17
CA ALA D 140 -8.50 -19.55 -38.72
C ALA D 140 -9.58 -18.97 -39.62
N LEU D 141 -10.00 -17.73 -39.36
CA LEU D 141 -11.07 -17.08 -40.11
C LEU D 141 -10.53 -15.79 -40.72
N PRO D 142 -9.75 -15.89 -41.80
CA PRO D 142 -9.19 -14.68 -42.42
C PRO D 142 -10.27 -13.85 -43.08
N GLY D 143 -10.10 -12.52 -43.01
CA GLY D 143 -11.05 -11.60 -43.60
C GLY D 143 -12.34 -11.44 -42.86
N VAL D 144 -12.45 -12.00 -41.65
CA VAL D 144 -13.65 -11.89 -40.83
C VAL D 144 -13.42 -10.81 -39.78
N GLU D 145 -14.35 -9.86 -39.69
CA GLU D 145 -14.32 -8.83 -38.67
C GLU D 145 -15.02 -9.34 -37.41
N PHE D 146 -14.37 -9.21 -36.27
CA PHE D 146 -14.91 -9.67 -35.00
C PHE D 146 -15.46 -8.50 -34.20
N VAL D 147 -16.72 -8.63 -33.77
CA VAL D 147 -17.39 -7.60 -32.98
C VAL D 147 -17.92 -8.27 -31.71
N ASP D 148 -18.09 -7.47 -30.66
CA ASP D 148 -18.52 -8.03 -29.39
C ASP D 148 -20.00 -8.39 -29.43
N ILE D 149 -20.32 -9.54 -28.85
CA ILE D 149 -21.70 -9.94 -28.64
C ILE D 149 -22.00 -10.26 -27.18
N SER D 150 -20.99 -10.23 -26.30
CA SER D 150 -21.24 -10.55 -24.89
C SER D 150 -22.08 -9.48 -24.22
N GLN D 151 -21.85 -8.21 -24.54
CA GLN D 151 -22.65 -7.14 -23.92
C GLN D 151 -24.10 -7.18 -24.38
N PRO D 152 -24.43 -7.19 -25.68
CA PRO D 152 -25.84 -7.29 -26.05
C PRO D 152 -26.51 -8.56 -25.55
N SER D 153 -25.77 -9.68 -25.48
CA SER D 153 -26.35 -10.90 -24.91
C SER D 153 -26.63 -10.72 -23.43
N MET D 154 -25.72 -10.08 -22.70
CA MET D 154 -25.91 -9.84 -21.27
C MET D 154 -27.20 -9.06 -21.01
N TRP D 155 -27.43 -7.99 -21.77
CA TRP D 155 -28.60 -7.16 -21.55
C TRP D 155 -29.88 -7.91 -21.85
N MET D 156 -29.90 -8.69 -22.94
CA MET D 156 -31.07 -9.51 -23.25
C MET D 156 -31.30 -10.58 -22.20
N ARG D 157 -30.25 -11.02 -21.51
CA ARG D 157 -30.37 -12.05 -20.49
C ARG D 157 -30.86 -11.52 -19.15
N THR D 158 -30.93 -10.19 -18.97
CA THR D 158 -31.38 -9.62 -17.69
C THR D 158 -32.89 -9.69 -17.52
N ILE D 159 -33.64 -9.91 -18.60
CA ILE D 159 -35.09 -10.07 -18.53
C ILE D 159 -35.40 -11.55 -18.62
N LYS D 160 -35.99 -12.10 -17.56
CA LYS D 160 -36.27 -13.53 -17.47
C LYS D 160 -37.68 -13.82 -17.93
N SER D 161 -37.82 -14.81 -18.81
CA SER D 161 -39.13 -15.25 -19.26
C SER D 161 -39.88 -15.94 -18.12
N LEU D 162 -41.19 -16.11 -18.31
CA LEU D 162 -41.99 -16.80 -17.30
C LEU D 162 -41.53 -18.23 -17.10
N GLU D 163 -41.04 -18.89 -18.15
CA GLU D 163 -40.50 -20.24 -17.99
C GLU D 163 -39.21 -20.22 -17.18
N GLU D 164 -38.40 -19.18 -17.36
CA GLU D 164 -37.20 -19.03 -16.53
C GLU D 164 -37.58 -18.77 -15.08
N GLN D 165 -38.54 -17.86 -14.85
CA GLN D 165 -38.99 -17.59 -13.49
C GLN D 165 -39.55 -18.83 -12.82
N LYS D 166 -40.27 -19.66 -13.59
CA LYS D 166 -40.81 -20.89 -13.03
C LYS D 166 -39.69 -21.80 -12.55
N LEU D 167 -38.63 -21.97 -13.36
CA LEU D 167 -37.49 -22.76 -12.92
C LEU D 167 -36.77 -22.10 -11.75
N ILE D 168 -36.72 -20.77 -11.72
CA ILE D 168 -36.08 -20.07 -10.62
C ILE D 168 -36.89 -20.22 -9.33
N ARG D 169 -38.22 -20.17 -9.45
CA ARG D 169 -39.07 -20.41 -8.28
C ARG D 169 -38.86 -21.82 -7.73
N GLU D 170 -38.64 -22.79 -8.62
CA GLU D 170 -38.39 -24.16 -8.16
C GLU D 170 -37.02 -24.27 -7.50
N GLY D 171 -36.04 -23.52 -7.98
CA GLY D 171 -34.75 -23.49 -7.32
C GLY D 171 -34.81 -22.88 -5.94
N ALA D 172 -35.64 -21.84 -5.78
CA ALA D 172 -35.82 -21.25 -4.47
C ALA D 172 -36.51 -22.21 -3.51
N ARG D 173 -37.36 -23.10 -4.03
CA ARG D 173 -38.00 -24.10 -3.18
C ARG D 173 -36.99 -25.13 -2.69
N VAL D 174 -36.05 -25.52 -3.55
CA VAL D 174 -35.00 -26.45 -3.12
C VAL D 174 -34.05 -25.77 -2.15
N CYS D 175 -33.90 -24.44 -2.26
CA CYS D 175 -33.11 -23.70 -1.29
C CYS D 175 -33.65 -23.89 0.13
N ASP D 176 -34.97 -23.78 0.29
CA ASP D 176 -35.56 -23.90 1.62
C ASP D 176 -35.52 -25.34 2.13
N VAL D 177 -35.60 -26.32 1.23
CA VAL D 177 -35.44 -27.72 1.62
C VAL D 177 -34.04 -27.95 2.18
N GLY D 178 -33.02 -27.42 1.49
CA GLY D 178 -31.67 -27.50 2.02
C GLY D 178 -31.47 -26.67 3.27
N GLY D 179 -32.18 -25.54 3.38
CA GLY D 179 -32.11 -24.74 4.58
C GLY D 179 -32.60 -25.48 5.81
N ALA D 180 -33.69 -26.24 5.65
CA ALA D 180 -34.21 -27.02 6.77
C ALA D 180 -33.26 -28.16 7.13
N ALA D 181 -32.68 -28.82 6.13
CA ALA D 181 -31.72 -29.88 6.41
C ALA D 181 -30.45 -29.33 7.04
N CYS D 182 -30.06 -28.11 6.69
CA CYS D 182 -28.88 -27.51 7.29
C CYS D 182 -29.13 -27.17 8.76
N ALA D 183 -30.26 -26.53 9.06
CA ALA D 183 -30.57 -26.17 10.43
C ALA D 183 -30.76 -27.39 11.32
N ALA D 184 -31.33 -28.47 10.77
CA ALA D 184 -31.54 -29.68 11.53
C ALA D 184 -30.23 -30.40 11.86
N ALA D 185 -29.18 -30.16 11.08
CA ALA D 185 -27.90 -30.82 11.27
C ALA D 185 -26.93 -30.02 12.12
N ILE D 186 -27.36 -28.87 12.65
CA ILE D 186 -26.49 -28.00 13.44
C ILE D 186 -26.55 -28.41 14.90
N LYS D 187 -25.38 -28.52 15.52
CA LYS D 187 -25.28 -28.85 16.94
C LYS D 187 -23.88 -28.50 17.41
N ALA D 188 -23.77 -28.00 18.63
CA ALA D 188 -22.47 -27.69 19.21
C ALA D 188 -21.59 -28.93 19.26
N GLY D 189 -20.56 -28.97 18.42
CA GLY D 189 -19.67 -30.12 18.34
C GLY D 189 -19.58 -30.76 16.96
N VAL D 190 -20.50 -30.45 16.04
CA VAL D 190 -20.48 -31.06 14.72
C VAL D 190 -19.50 -30.27 13.84
N PRO D 191 -18.73 -30.94 12.97
CA PRO D 191 -17.89 -30.19 12.04
C PRO D 191 -18.71 -29.53 10.93
N GLU D 192 -18.10 -28.52 10.29
CA GLU D 192 -18.80 -27.79 9.26
C GLU D 192 -19.11 -28.67 8.06
N HIS D 193 -18.18 -29.55 7.67
CA HIS D 193 -18.40 -30.38 6.49
C HIS D 193 -19.54 -31.36 6.67
N GLU D 194 -19.81 -31.78 7.91
CA GLU D 194 -20.94 -32.68 8.14
C GLU D 194 -22.26 -31.96 7.91
N VAL D 195 -22.37 -30.71 8.36
CA VAL D 195 -23.57 -29.93 8.08
C VAL D 195 -23.69 -29.70 6.57
N ALA D 196 -22.59 -29.40 5.90
CA ALA D 196 -22.63 -29.14 4.47
C ALA D 196 -22.99 -30.39 3.68
N ILE D 197 -22.49 -31.55 4.12
CA ILE D 197 -22.84 -32.81 3.46
C ILE D 197 -24.33 -33.08 3.60
N ALA D 198 -24.88 -32.91 4.81
CA ALA D 198 -26.30 -33.11 5.01
C ALA D 198 -27.13 -32.13 4.19
N THR D 199 -26.64 -30.90 4.04
CA THR D 199 -27.37 -29.89 3.27
C THR D 199 -27.36 -30.22 1.78
N THR D 200 -26.18 -30.50 1.23
CA THR D 200 -26.06 -30.75 -0.20
C THR D 200 -26.80 -32.02 -0.61
N ASN D 201 -26.72 -33.07 0.21
CA ASN D 201 -27.37 -34.33 -0.13
C ASN D 201 -28.90 -34.16 -0.18
N ALA D 202 -29.46 -33.38 0.74
CA ALA D 202 -30.90 -33.14 0.72
C ALA D 202 -31.32 -32.39 -0.54
N MET D 203 -30.52 -31.43 -0.98
CA MET D 203 -30.87 -30.68 -2.18
C MET D 203 -30.72 -31.54 -3.43
N ILE D 204 -29.67 -32.36 -3.50
CA ILE D 204 -29.48 -33.25 -4.64
C ILE D 204 -30.66 -34.22 -4.76
N ARG D 205 -31.11 -34.76 -3.63
CA ARG D 205 -32.24 -35.70 -3.67
C ARG D 205 -33.54 -34.98 -4.01
N GLU D 206 -33.71 -33.74 -3.54
CA GLU D 206 -34.90 -32.98 -3.91
C GLU D 206 -34.90 -32.65 -5.39
N ILE D 207 -33.74 -32.30 -5.95
CA ILE D 207 -33.64 -32.03 -7.38
C ILE D 207 -33.91 -33.28 -8.19
N ALA D 208 -33.36 -34.42 -7.75
CA ALA D 208 -33.44 -35.65 -8.53
C ALA D 208 -34.87 -36.14 -8.68
N LYS D 209 -35.72 -35.91 -7.68
CA LYS D 209 -37.09 -36.39 -7.71
C LYS D 209 -38.07 -35.31 -8.17
N SER D 210 -37.58 -34.16 -8.62
CA SER D 210 -38.42 -33.07 -9.08
C SER D 210 -38.46 -32.95 -10.61
N PHE D 211 -37.67 -33.76 -11.33
CA PHE D 211 -37.61 -33.71 -12.78
C PHE D 211 -37.52 -35.13 -13.33
N PRO D 212 -38.20 -35.42 -14.45
CA PRO D 212 -38.04 -36.75 -15.06
C PRO D 212 -36.62 -37.03 -15.53
N PHE D 213 -35.93 -36.00 -16.01
CA PHE D 213 -34.50 -36.07 -16.27
C PHE D 213 -33.85 -34.79 -15.75
N VAL D 214 -32.69 -34.93 -15.12
CA VAL D 214 -31.95 -33.78 -14.61
C VAL D 214 -30.52 -34.20 -14.39
N GLU D 215 -29.58 -33.29 -14.69
CA GLU D 215 -28.17 -33.48 -14.39
C GLU D 215 -27.90 -32.91 -13.00
N LEU D 216 -27.43 -33.77 -12.09
CA LEU D 216 -27.15 -33.35 -10.73
C LEU D 216 -25.67 -32.98 -10.64
N MET D 217 -25.38 -31.69 -10.78
CA MET D 217 -24.02 -31.20 -10.86
C MET D 217 -23.93 -29.85 -10.16
N ASP D 218 -22.73 -29.54 -9.66
CA ASP D 218 -22.37 -28.20 -9.21
C ASP D 218 -23.09 -27.71 -7.97
N THR D 219 -24.11 -28.43 -7.51
CA THR D 219 -24.83 -28.02 -6.31
C THR D 219 -23.93 -28.11 -5.08
N TRP D 220 -23.83 -27.02 -4.32
CA TRP D 220 -22.94 -26.96 -3.18
C TRP D 220 -23.59 -26.19 -2.04
N THR D 221 -22.95 -26.27 -0.88
CA THR D 221 -23.38 -25.59 0.34
C THR D 221 -22.16 -24.94 0.98
N TRP D 222 -22.35 -23.74 1.54
CA TRP D 222 -21.33 -23.04 2.31
C TRP D 222 -21.87 -22.85 3.73
N PHE D 223 -21.44 -23.71 4.65
CA PHE D 223 -21.81 -23.57 6.07
C PHE D 223 -20.56 -23.10 6.82
N GLN D 224 -20.54 -21.83 7.18
CA GLN D 224 -19.40 -21.19 7.82
C GLN D 224 -19.71 -20.89 9.27
N SER D 225 -18.69 -21.01 10.13
CA SER D 225 -18.86 -20.76 11.55
C SER D 225 -17.66 -19.97 12.06
N GLY D 226 -17.91 -19.10 13.03
CA GLY D 226 -16.84 -18.33 13.65
C GLY D 226 -16.17 -17.42 12.64
N ILE D 227 -14.84 -17.47 12.61
CA ILE D 227 -14.06 -16.60 11.72
C ILE D 227 -14.32 -16.93 10.26
N ASN D 228 -14.76 -18.15 9.95
CA ASN D 228 -15.05 -18.52 8.56
C ASN D 228 -16.24 -17.77 7.99
N THR D 229 -17.01 -17.06 8.82
CA THR D 229 -18.15 -16.29 8.33
C THR D 229 -17.75 -14.92 7.79
N ASP D 230 -16.48 -14.52 7.95
CA ASP D 230 -16.05 -13.20 7.49
C ASP D 230 -15.97 -13.09 5.98
N GLY D 231 -16.29 -14.16 5.25
CA GLY D 231 -16.34 -14.13 3.80
C GLY D 231 -17.51 -14.92 3.27
N ALA D 232 -18.27 -14.34 2.33
CA ALA D 232 -19.47 -15.01 1.84
C ALA D 232 -19.14 -16.26 1.04
N HIS D 233 -17.97 -16.31 0.39
CA HIS D 233 -17.58 -17.44 -0.43
C HIS D 233 -16.55 -18.34 0.25
N ASN D 234 -16.36 -18.20 1.56
CA ASN D 234 -15.34 -18.96 2.26
C ASN D 234 -15.65 -20.46 2.20
N PRO D 235 -14.74 -21.28 1.72
CA PRO D 235 -15.04 -22.71 1.55
C PRO D 235 -15.29 -23.41 2.87
N VAL D 236 -16.06 -24.50 2.80
CA VAL D 236 -16.32 -25.31 3.97
C VAL D 236 -15.01 -25.88 4.51
N THR D 237 -14.82 -25.79 5.82
CA THR D 237 -13.65 -26.35 6.48
C THR D 237 -14.07 -27.49 7.40
N ASN D 238 -13.10 -27.96 8.20
CA ASN D 238 -13.36 -28.99 9.20
C ASN D 238 -13.43 -28.40 10.61
N ARG D 239 -13.68 -27.10 10.73
CA ARG D 239 -13.78 -26.48 12.04
C ARG D 239 -15.01 -26.98 12.78
N ILE D 240 -14.86 -27.22 14.07
CA ILE D 240 -15.93 -27.75 14.90
C ILE D 240 -16.78 -26.60 15.42
N VAL D 241 -18.09 -26.70 15.22
CA VAL D 241 -19.01 -25.69 15.72
C VAL D 241 -19.06 -25.77 17.24
N GLN D 242 -18.97 -24.61 17.89
CA GLN D 242 -19.03 -24.52 19.34
C GLN D 242 -20.20 -23.64 19.75
N SER D 243 -20.58 -23.75 21.02
CA SER D 243 -21.75 -23.03 21.52
C SER D 243 -21.53 -21.53 21.45
N GLY D 244 -22.51 -20.82 20.90
CA GLY D 244 -22.46 -19.37 20.79
C GLY D 244 -21.81 -18.85 19.52
N ASP D 245 -21.27 -19.73 18.68
CA ASP D 245 -20.60 -19.28 17.47
C ASP D 245 -21.60 -18.72 16.47
N ILE D 246 -21.18 -17.68 15.75
CA ILE D 246 -21.98 -17.14 14.66
C ILE D 246 -21.89 -18.08 13.46
N LEU D 247 -23.04 -18.39 12.87
CA LEU D 247 -23.12 -19.32 11.75
C LEU D 247 -23.55 -18.59 10.49
N SER D 248 -23.51 -19.32 9.37
CA SER D 248 -23.88 -18.76 8.08
C SER D 248 -24.39 -19.89 7.19
N LEU D 249 -25.70 -19.99 7.06
CA LEU D 249 -26.31 -20.96 6.15
C LEU D 249 -26.28 -20.45 4.73
N ASN D 250 -25.88 -21.31 3.79
CA ASN D 250 -25.83 -20.93 2.38
C ASN D 250 -26.14 -22.17 1.54
N THR D 251 -27.23 -22.11 0.77
CA THR D 251 -27.66 -23.23 -0.06
C THR D 251 -27.72 -22.79 -1.52
N PHE D 252 -27.08 -23.55 -2.40
CA PHE D 252 -26.97 -23.20 -3.82
C PHE D 252 -27.30 -24.40 -4.69
N PRO D 253 -28.59 -24.67 -4.92
CA PRO D 253 -28.97 -25.70 -5.89
C PRO D 253 -28.76 -25.21 -7.31
N MET D 254 -28.13 -26.04 -8.14
CA MET D 254 -27.87 -25.72 -9.54
C MET D 254 -28.73 -26.64 -10.40
N ILE D 255 -29.72 -26.06 -11.07
CA ILE D 255 -30.71 -26.83 -11.82
C ILE D 255 -30.65 -26.39 -13.27
N PHE D 256 -30.13 -27.27 -14.14
CA PHE D 256 -30.01 -26.99 -15.57
C PHE D 256 -29.24 -25.70 -15.83
N GLY D 257 -28.16 -25.50 -15.06
CA GLY D 257 -27.31 -24.34 -15.23
C GLY D 257 -27.82 -23.06 -14.61
N TYR D 258 -28.99 -23.07 -13.99
CA TYR D 258 -29.57 -21.89 -13.37
C TYR D 258 -29.29 -21.89 -11.87
N TYR D 259 -29.04 -20.71 -11.33
CA TYR D 259 -28.52 -20.53 -9.98
C TYR D 259 -29.57 -19.86 -9.09
N THR D 260 -29.77 -20.44 -7.91
CA THR D 260 -30.56 -19.82 -6.85
C THR D 260 -29.80 -19.95 -5.54
N ALA D 261 -30.15 -19.11 -4.58
CA ALA D 261 -29.40 -19.07 -3.32
C ALA D 261 -30.31 -18.69 -2.16
N LEU D 262 -30.09 -19.35 -1.02
CA LEU D 262 -30.67 -18.96 0.25
C LEU D 262 -29.54 -18.83 1.26
N GLU D 263 -29.40 -17.65 1.87
CA GLU D 263 -28.33 -17.39 2.82
C GLU D 263 -28.91 -16.72 4.06
N ARG D 264 -28.51 -17.23 5.22
CA ARG D 264 -29.06 -16.79 6.49
C ARG D 264 -27.97 -16.76 7.55
N THR D 265 -28.04 -15.78 8.44
CA THR D 265 -27.21 -15.73 9.64
C THR D 265 -27.85 -16.57 10.73
N LEU D 266 -27.06 -17.45 11.35
CA LEU D 266 -27.54 -18.31 12.40
C LEU D 266 -26.62 -18.18 13.61
N PHE D 267 -27.10 -18.72 14.74
CA PHE D 267 -26.30 -18.80 15.95
C PHE D 267 -26.58 -20.12 16.64
N CYS D 268 -25.52 -20.75 17.15
CA CYS D 268 -25.65 -22.03 17.83
C CYS D 268 -25.98 -21.79 19.30
N ASP D 269 -27.07 -22.44 19.76
CA ASP D 269 -27.51 -22.39 21.15
C ASP D 269 -27.94 -21.00 21.59
N HIS D 270 -27.03 -20.02 21.53
CA HIS D 270 -27.33 -18.70 22.02
C HIS D 270 -26.53 -17.66 21.25
N VAL D 271 -26.95 -16.40 21.38
CA VAL D 271 -26.30 -15.26 20.76
C VAL D 271 -26.09 -14.20 21.84
N ASP D 272 -24.87 -13.67 21.91
CA ASP D 272 -24.57 -12.65 22.90
C ASP D 272 -25.20 -11.31 22.51
N ASP D 273 -25.20 -10.39 23.48
CA ASP D 273 -25.86 -9.10 23.27
C ASP D 273 -25.14 -8.27 22.21
N ALA D 274 -23.81 -8.33 22.17
CA ALA D 274 -23.06 -7.53 21.20
C ALA D 274 -23.35 -7.98 19.77
N SER D 275 -23.35 -9.29 19.53
CA SER D 275 -23.59 -9.79 18.19
C SER D 275 -25.07 -9.71 17.81
N LEU D 276 -25.98 -9.80 18.78
CA LEU D 276 -27.40 -9.68 18.49
C LEU D 276 -27.74 -8.28 17.98
N ASP D 277 -27.09 -7.26 18.54
CA ASP D 277 -27.32 -5.88 18.10
C ASP D 277 -26.93 -5.72 16.63
N ILE D 278 -25.79 -6.27 16.24
CA ILE D 278 -25.37 -6.20 14.84
C ILE D 278 -26.33 -7.01 13.97
N TRP D 279 -26.80 -8.15 14.47
CA TRP D 279 -27.73 -8.97 13.70
C TRP D 279 -29.05 -8.24 13.46
N GLU D 280 -29.58 -7.60 14.51
CA GLU D 280 -30.83 -6.86 14.37
C GLU D 280 -30.68 -5.68 13.41
N LYS D 281 -29.52 -5.04 13.40
CA LYS D 281 -29.30 -3.91 12.49
C LYS D 281 -29.19 -4.38 11.05
N ASN D 282 -28.45 -5.48 10.82
CA ASN D 282 -28.29 -5.98 9.46
C ASN D 282 -29.60 -6.52 8.90
N VAL D 283 -30.44 -7.11 9.76
CA VAL D 283 -31.76 -7.54 9.33
C VAL D 283 -32.62 -6.34 8.98
N ALA D 284 -32.47 -5.24 9.72
CA ALA D 284 -33.22 -4.02 9.42
C ALA D 284 -32.91 -3.51 8.02
N VAL D 285 -31.63 -3.49 7.64
CA VAL D 285 -31.25 -3.08 6.30
C VAL D 285 -31.83 -4.04 5.27
N HIS D 286 -31.88 -5.34 5.62
CA HIS D 286 -32.50 -6.32 4.74
C HIS D 286 -34.00 -6.07 4.60
N ARG D 287 -34.65 -5.65 5.69
CA ARG D 287 -36.07 -5.31 5.62
C ARG D 287 -36.30 -4.13 4.68
N ARG D 288 -35.49 -3.08 4.81
CA ARG D 288 -35.64 -1.92 3.95
C ARG D 288 -35.27 -2.22 2.51
N GLY D 289 -34.28 -3.08 2.30
CA GLY D 289 -33.88 -3.43 0.95
C GLY D 289 -34.99 -4.12 0.17
N LEU D 290 -35.76 -4.99 0.86
CA LEU D 290 -36.83 -5.72 0.20
C LEU D 290 -37.88 -4.77 -0.39
N GLU D 291 -38.12 -3.64 0.27
CA GLU D 291 -39.09 -2.68 -0.22
C GLU D 291 -38.55 -1.76 -1.31
N LEU D 292 -37.23 -1.77 -1.54
CA LEU D 292 -36.63 -0.85 -2.49
C LEU D 292 -36.55 -1.41 -3.91
N ILE D 293 -36.56 -2.74 -4.07
CA ILE D 293 -36.55 -3.33 -5.41
C ILE D 293 -37.88 -3.03 -6.08
N LYS D 294 -37.87 -2.05 -6.98
CA LYS D 294 -39.03 -1.59 -7.73
C LYS D 294 -38.65 -1.48 -9.19
N PRO D 295 -39.63 -1.50 -10.10
CA PRO D 295 -39.31 -1.33 -11.52
C PRO D 295 -38.53 -0.06 -11.81
N GLY D 296 -39.10 1.10 -11.50
CA GLY D 296 -38.45 2.36 -11.84
C GLY D 296 -37.16 2.65 -11.10
N ALA D 297 -36.85 1.87 -10.06
CA ALA D 297 -35.68 2.15 -9.24
C ALA D 297 -34.38 1.90 -10.01
N ARG D 298 -33.32 2.59 -9.60
CA ARG D 298 -32.00 2.42 -10.16
C ARG D 298 -31.07 1.76 -9.14
N CYS D 299 -30.11 0.99 -9.65
CA CYS D 299 -29.24 0.19 -8.79
C CYS D 299 -28.47 1.07 -7.81
N LYS D 300 -27.89 2.17 -8.29
CA LYS D 300 -27.08 3.01 -7.42
C LYS D 300 -27.92 3.66 -6.33
N ASP D 301 -29.15 4.07 -6.65
CA ASP D 301 -30.00 4.71 -5.66
C ASP D 301 -30.44 3.73 -4.57
N ILE D 302 -30.48 2.44 -4.88
CA ILE D 302 -30.77 1.44 -3.85
C ILE D 302 -29.64 1.36 -2.85
N ALA D 303 -28.38 1.34 -3.34
CA ALA D 303 -27.24 1.19 -2.44
C ALA D 303 -27.04 2.42 -1.58
N LEU D 304 -27.20 3.62 -2.16
CA LEU D 304 -26.95 4.84 -1.41
C LEU D 304 -27.96 5.00 -0.27
N GLU D 305 -29.22 4.66 -0.50
CA GLU D 305 -30.22 4.77 0.55
C GLU D 305 -29.96 3.77 1.67
N LEU D 306 -29.52 2.56 1.33
CA LEU D 306 -29.20 1.58 2.35
C LEU D 306 -27.90 1.93 3.07
N ASN D 307 -26.95 2.56 2.38
CA ASN D 307 -25.74 3.02 3.04
C ASN D 307 -26.04 4.07 4.10
N GLU D 308 -27.16 4.79 3.97
CA GLU D 308 -27.55 5.76 4.99
C GLU D 308 -27.85 5.08 6.32
N MET D 309 -28.53 3.93 6.28
CA MET D 309 -28.84 3.21 7.51
C MET D 309 -27.57 2.71 8.19
N TYR D 310 -26.61 2.21 7.39
CA TYR D 310 -25.35 1.75 7.95
C TYR D 310 -24.55 2.89 8.55
N ARG D 311 -24.53 4.04 7.86
CA ARG D 311 -23.73 5.18 8.34
C ARG D 311 -24.23 5.70 9.68
N GLU D 312 -25.54 5.64 9.92
CA GLU D 312 -26.10 6.12 11.18
C GLU D 312 -25.65 5.24 12.35
N TRP D 313 -25.54 3.94 12.12
CA TRP D 313 -25.13 2.99 13.15
C TRP D 313 -23.63 2.74 13.16
N ASP D 314 -22.86 3.51 12.39
CA ASP D 314 -21.41 3.36 12.30
C ASP D 314 -21.02 1.95 11.86
N LEU D 315 -21.77 1.41 10.90
CA LEU D 315 -21.50 0.10 10.34
C LEU D 315 -21.18 0.13 8.86
N LEU D 316 -21.13 1.32 8.25
CA LEU D 316 -20.83 1.41 6.83
C LEU D 316 -19.40 0.99 6.53
N LYS D 317 -18.48 1.23 7.46
CA LYS D 317 -17.07 0.86 7.28
C LYS D 317 -16.85 -0.64 7.25
N TYR D 318 -17.86 -1.45 7.60
CA TYR D 318 -17.72 -2.89 7.64
C TYR D 318 -18.51 -3.59 6.54
N ARG D 319 -18.99 -2.85 5.53
CA ARG D 319 -19.70 -3.49 4.43
C ARG D 319 -18.76 -4.35 3.61
N SER D 320 -19.26 -5.50 3.16
CA SER D 320 -18.43 -6.46 2.45
C SER D 320 -18.52 -6.29 0.93
N PHE D 321 -19.72 -6.38 0.38
CA PHE D 321 -19.89 -6.36 -1.06
C PHE D 321 -21.23 -5.71 -1.40
N GLY D 322 -21.60 -5.76 -2.68
CA GLY D 322 -22.80 -5.09 -3.13
C GLY D 322 -24.07 -5.71 -2.55
N TYR D 323 -25.17 -4.97 -2.68
CA TYR D 323 -26.43 -5.39 -2.07
C TYR D 323 -27.13 -6.49 -2.86
N GLY D 324 -26.81 -6.67 -4.13
CA GLY D 324 -27.47 -7.71 -4.90
C GLY D 324 -26.93 -7.76 -6.32
N HIS D 325 -27.41 -8.76 -7.06
CA HIS D 325 -26.95 -9.03 -8.41
C HIS D 325 -28.09 -9.68 -9.20
N SER D 326 -27.83 -9.89 -10.49
CA SER D 326 -28.81 -10.53 -11.37
C SER D 326 -28.67 -12.04 -11.31
N PHE D 327 -29.75 -12.73 -11.67
CA PHE D 327 -29.79 -14.19 -11.62
C PHE D 327 -29.86 -14.76 -13.04
N GLY D 328 -30.32 -15.99 -13.15
CA GLY D 328 -30.40 -16.67 -14.43
C GLY D 328 -29.30 -17.71 -14.57
N VAL D 329 -28.58 -17.67 -15.69
CA VAL D 329 -27.52 -18.62 -15.97
C VAL D 329 -26.23 -18.07 -15.36
N LEU D 330 -25.92 -18.53 -14.15
CA LEU D 330 -24.65 -18.19 -13.51
C LEU D 330 -24.33 -19.27 -12.50
N CYS D 331 -23.11 -19.21 -11.97
CA CYS D 331 -22.64 -20.08 -10.91
C CYS D 331 -21.42 -19.41 -10.30
N HIS D 332 -20.74 -20.10 -9.38
CA HIS D 332 -19.54 -19.50 -8.81
C HIS D 332 -18.41 -19.43 -9.83
N TYR D 333 -18.49 -20.21 -10.91
CA TYR D 333 -17.42 -20.26 -11.90
C TYR D 333 -17.87 -19.85 -13.30
N TYR D 334 -19.07 -19.27 -13.44
CA TYR D 334 -19.47 -18.73 -14.73
C TYR D 334 -20.66 -17.78 -14.57
N GLY D 335 -20.86 -16.96 -15.60
CA GLY D 335 -22.04 -16.14 -15.73
C GLY D 335 -22.05 -14.84 -14.93
N ARG D 336 -23.26 -14.41 -14.54
CA ARG D 336 -23.55 -13.18 -13.81
C ARG D 336 -23.53 -11.98 -14.76
N GLU D 337 -24.62 -11.20 -14.77
CA GLU D 337 -24.77 -10.07 -15.67
C GLU D 337 -24.32 -8.80 -14.94
N ALA D 338 -23.17 -8.28 -15.35
CA ALA D 338 -22.57 -7.13 -14.66
C ALA D 338 -23.40 -5.86 -14.79
N GLY D 339 -24.36 -5.83 -15.72
CA GLY D 339 -25.17 -4.64 -15.90
C GLY D 339 -26.18 -4.40 -14.79
N VAL D 340 -26.49 -5.42 -14.00
CA VAL D 340 -27.50 -5.31 -12.94
C VAL D 340 -26.79 -5.69 -11.64
N GLU D 341 -26.17 -4.71 -10.99
CA GLU D 341 -25.50 -4.90 -9.72
C GLU D 341 -25.88 -3.74 -8.81
N LEU D 342 -26.25 -4.05 -7.57
CA LEU D 342 -26.66 -3.03 -6.60
C LEU D 342 -25.43 -2.37 -5.99
N ARG D 343 -24.73 -1.62 -6.84
CA ARG D 343 -23.51 -0.93 -6.46
C ARG D 343 -23.67 0.57 -6.69
N GLU D 344 -22.80 1.34 -6.04
CA GLU D 344 -23.01 2.78 -5.93
C GLU D 344 -22.79 3.55 -7.23
N ASP D 345 -22.09 2.97 -8.21
CA ASP D 345 -21.75 3.67 -9.44
C ASP D 345 -22.40 3.01 -10.66
N ILE D 346 -23.50 2.32 -10.46
CA ILE D 346 -24.21 1.63 -11.54
C ILE D 346 -25.61 2.23 -11.61
N ASP D 347 -25.85 3.07 -12.61
CA ASP D 347 -27.11 3.78 -12.75
C ASP D 347 -28.13 3.05 -13.62
N THR D 348 -27.99 1.72 -13.75
CA THR D 348 -28.93 0.96 -14.56
C THR D 348 -30.27 0.84 -13.85
N GLU D 349 -31.35 1.02 -14.61
CA GLU D 349 -32.69 0.98 -14.08
C GLU D 349 -33.21 -0.45 -14.06
N LEU D 350 -33.82 -0.85 -12.95
CA LEU D 350 -34.47 -2.14 -12.89
C LEU D 350 -35.64 -2.19 -13.88
N LYS D 351 -36.05 -3.40 -14.23
CA LYS D 351 -37.11 -3.60 -15.20
C LYS D 351 -37.96 -4.79 -14.79
N PRO D 352 -39.23 -4.81 -15.19
CA PRO D 352 -40.06 -5.99 -14.94
C PRO D 352 -39.48 -7.22 -15.63
N GLY D 353 -39.48 -8.34 -14.90
CA GLY D 353 -38.89 -9.57 -15.39
C GLY D 353 -37.47 -9.81 -14.92
N MET D 354 -36.84 -8.84 -14.27
CA MET D 354 -35.52 -9.03 -13.69
C MET D 354 -35.63 -9.84 -12.40
N VAL D 355 -34.62 -10.66 -12.16
CA VAL D 355 -34.52 -11.45 -10.94
C VAL D 355 -33.28 -10.98 -10.20
N VAL D 356 -33.48 -10.29 -9.08
CA VAL D 356 -32.41 -9.63 -8.34
C VAL D 356 -32.42 -10.14 -6.91
N SER D 357 -31.25 -10.13 -6.29
CA SER D 357 -31.12 -10.50 -4.89
C SER D 357 -31.02 -9.27 -3.99
N MET D 358 -31.22 -9.49 -2.70
CA MET D 358 -31.00 -8.49 -1.67
C MET D 358 -30.20 -9.18 -0.57
N GLU D 359 -28.91 -8.91 -0.51
CA GLU D 359 -27.98 -9.61 0.40
C GLU D 359 -27.07 -8.61 1.09
N PRO D 360 -27.60 -7.84 2.04
CA PRO D 360 -26.74 -6.94 2.82
C PRO D 360 -25.84 -7.74 3.75
N MET D 361 -24.56 -7.41 3.75
CA MET D 361 -23.59 -8.11 4.58
C MET D 361 -22.71 -7.12 5.31
N VAL D 362 -22.52 -7.35 6.61
CA VAL D 362 -21.57 -6.61 7.43
C VAL D 362 -20.59 -7.61 8.01
N MET D 363 -19.35 -7.16 8.23
CA MET D 363 -18.27 -8.03 8.69
C MET D 363 -17.48 -7.31 9.76
N LEU D 364 -17.53 -7.82 10.99
CA LEU D 364 -16.75 -7.33 12.10
C LEU D 364 -15.53 -8.21 12.31
N PRO D 365 -14.33 -7.63 12.39
CA PRO D 365 -13.12 -8.46 12.51
C PRO D 365 -12.98 -9.07 13.91
N GLU D 366 -12.13 -10.08 13.99
CA GLU D 366 -11.90 -10.77 15.25
C GLU D 366 -11.22 -9.85 16.25
N GLY D 367 -11.42 -10.13 17.53
CA GLY D 367 -10.94 -9.24 18.57
C GLY D 367 -11.81 -8.01 18.75
N MET D 368 -13.09 -8.11 18.42
CA MET D 368 -14.03 -7.01 18.46
C MET D 368 -15.38 -7.57 18.82
N PRO D 369 -16.14 -6.94 19.72
CA PRO D 369 -17.45 -7.46 20.10
C PRO D 369 -18.36 -7.59 18.88
N GLY D 370 -19.06 -8.72 18.80
CA GLY D 370 -19.89 -9.01 17.66
C GLY D 370 -19.11 -9.40 16.42
N ALA D 371 -17.96 -10.04 16.60
CA ALA D 371 -17.14 -10.43 15.46
C ALA D 371 -17.81 -11.54 14.66
N GLY D 372 -17.75 -11.42 13.33
CA GLY D 372 -18.36 -12.41 12.46
C GLY D 372 -19.04 -11.78 11.26
N GLY D 373 -19.50 -12.62 10.33
CA GLY D 373 -20.18 -12.16 9.14
C GLY D 373 -21.68 -12.36 9.25
N TYR D 374 -22.42 -11.28 9.05
CA TYR D 374 -23.88 -11.28 9.06
C TYR D 374 -24.36 -11.00 7.65
N ARG D 375 -25.34 -11.77 7.20
CA ARG D 375 -25.84 -11.63 5.83
C ARG D 375 -27.17 -12.36 5.71
N GLU D 376 -28.15 -11.69 5.10
CA GLU D 376 -29.43 -12.31 4.75
C GLU D 376 -29.66 -12.11 3.26
N HIS D 377 -29.97 -13.20 2.57
CA HIS D 377 -30.09 -13.20 1.11
C HIS D 377 -31.48 -13.67 0.72
N ASP D 378 -32.20 -12.82 -0.01
CA ASP D 378 -33.49 -13.16 -0.57
C ASP D 378 -33.49 -12.91 -2.07
N ILE D 379 -34.35 -13.62 -2.79
CA ILE D 379 -34.48 -13.49 -4.24
C ILE D 379 -35.79 -12.79 -4.53
N LEU D 380 -35.75 -11.78 -5.41
CA LEU D 380 -36.94 -11.01 -5.76
C LEU D 380 -37.13 -11.02 -7.27
N ILE D 381 -38.38 -11.19 -7.69
CA ILE D 381 -38.77 -11.13 -9.09
C ILE D 381 -39.50 -9.81 -9.31
N VAL D 382 -38.94 -8.96 -10.18
CA VAL D 382 -39.50 -7.63 -10.42
C VAL D 382 -40.74 -7.77 -11.30
N GLY D 383 -41.83 -7.13 -10.87
CA GLY D 383 -43.08 -7.12 -11.59
C GLY D 383 -43.36 -5.79 -12.25
N GLU D 384 -44.65 -5.54 -12.49
CA GLU D 384 -45.04 -4.31 -13.17
C GLU D 384 -44.95 -3.10 -12.23
N ASP D 385 -45.40 -3.26 -10.99
CA ASP D 385 -45.36 -2.18 -10.01
C ASP D 385 -44.50 -2.50 -8.80
N GLY D 386 -44.37 -3.77 -8.42
CA GLY D 386 -43.55 -4.15 -7.29
C GLY D 386 -42.80 -5.44 -7.52
N ALA D 387 -42.21 -6.00 -6.47
CA ALA D 387 -41.46 -7.23 -6.56
C ALA D 387 -42.11 -8.31 -5.70
N GLU D 388 -41.84 -9.56 -6.06
CA GLU D 388 -42.31 -10.72 -5.33
C GLU D 388 -41.12 -11.44 -4.72
N ASN D 389 -41.16 -11.64 -3.41
CA ASN D 389 -40.12 -12.37 -2.69
C ASN D 389 -40.44 -13.86 -2.75
N ILE D 390 -39.52 -14.64 -3.32
CA ILE D 390 -39.69 -16.09 -3.46
C ILE D 390 -38.80 -16.86 -2.49
N THR D 391 -38.23 -16.18 -1.50
CA THR D 391 -37.43 -16.85 -0.47
C THR D 391 -38.26 -16.93 0.80
N GLY D 392 -38.62 -18.15 1.21
CA GLY D 392 -39.52 -18.38 2.32
C GLY D 392 -38.91 -18.74 3.64
N PHE D 393 -37.60 -18.96 3.71
CA PHE D 393 -36.98 -19.37 4.97
C PHE D 393 -36.95 -18.19 5.95
N PRO D 394 -37.16 -18.43 7.24
CA PRO D 394 -37.11 -17.34 8.22
C PRO D 394 -35.76 -16.61 8.20
N VAL D 395 -35.80 -15.35 8.61
CA VAL D 395 -34.67 -14.43 8.47
C VAL D 395 -34.02 -14.13 9.82
N GLY D 396 -34.76 -13.49 10.73
CA GLY D 396 -34.16 -12.89 11.90
C GLY D 396 -33.97 -13.82 13.08
N PRO D 397 -33.64 -13.23 14.23
CA PRO D 397 -33.37 -14.04 15.43
C PRO D 397 -34.60 -14.68 16.06
N GLU D 398 -35.80 -14.41 15.54
CA GLU D 398 -37.01 -14.99 16.10
C GLU D 398 -37.08 -16.50 15.88
N HIS D 399 -36.37 -17.04 14.90
CA HIS D 399 -36.37 -18.48 14.65
C HIS D 399 -35.02 -19.06 14.26
N ASN D 400 -33.98 -18.25 14.07
CA ASN D 400 -32.69 -18.74 13.57
C ASN D 400 -31.66 -18.94 14.68
N ILE D 401 -32.10 -19.03 15.93
CA ILE D 401 -31.22 -19.40 17.04
C ILE D 401 -31.34 -20.92 17.20
N ILE D 402 -30.39 -21.65 16.61
CA ILE D 402 -30.48 -23.10 16.56
C ILE D 402 -30.19 -23.67 17.94
N ARG D 403 -31.17 -24.35 18.53
CA ARG D 403 -31.03 -25.02 19.83
C ARG D 403 -31.27 -26.51 19.61
N ASN D 404 -30.21 -27.22 19.21
CA ASN D 404 -30.29 -28.66 19.03
C ASN D 404 -29.31 -29.38 19.95
N MET E 5 -15.89 6.09 1.94
CA MET E 5 -15.99 4.63 1.93
C MET E 5 -14.68 3.99 1.48
N LEU E 6 -14.50 2.73 1.86
CA LEU E 6 -13.24 2.02 1.61
C LEU E 6 -13.02 1.80 0.12
N HIS E 7 -11.84 2.19 -0.36
CA HIS E 7 -11.45 1.95 -1.75
C HIS E 7 -10.57 0.72 -1.88
N VAL E 8 -9.37 0.76 -1.28
CA VAL E 8 -8.46 -0.38 -1.22
C VAL E 8 -7.92 -0.45 0.20
N MET E 9 -8.31 -1.49 0.93
CA MET E 9 -7.99 -1.64 2.35
C MET E 9 -7.26 -2.96 2.59
N LYS E 10 -6.86 -3.18 3.83
CA LYS E 10 -6.28 -4.44 4.27
C LYS E 10 -7.17 -5.04 5.35
N TRP E 11 -7.69 -6.24 5.09
CA TRP E 11 -8.55 -6.92 6.04
C TRP E 11 -7.91 -8.23 6.50
N HIS E 12 -6.78 -8.14 7.21
CA HIS E 12 -6.06 -9.33 7.68
C HIS E 12 -6.72 -9.82 8.97
N ASN E 13 -7.91 -10.40 8.80
CA ASN E 13 -8.74 -10.82 9.93
C ASN E 13 -8.43 -12.28 10.26
N GLY E 14 -7.42 -12.49 11.10
CA GLY E 14 -7.06 -13.82 11.55
C GLY E 14 -5.56 -14.03 11.44
N GLU E 15 -5.15 -15.30 11.52
CA GLU E 15 -3.76 -15.68 11.37
C GLU E 15 -3.63 -16.72 10.27
N LYS E 16 -2.42 -16.85 9.74
CA LYS E 16 -2.15 -17.71 8.58
C LYS E 16 -2.64 -19.13 8.83
N ASP E 17 -3.35 -19.68 7.85
CA ASP E 17 -3.85 -21.04 7.94
C ASP E 17 -2.75 -22.05 7.65
N TYR E 18 -3.01 -23.29 8.02
CA TYR E 18 -2.08 -24.38 7.72
C TYR E 18 -2.03 -24.63 6.21
N SER E 19 -0.85 -25.02 5.74
CA SER E 19 -0.65 -25.36 4.34
C SER E 19 0.12 -26.66 4.22
N PRO E 20 -0.20 -27.50 3.23
CA PRO E 20 0.56 -28.74 3.03
C PRO E 20 1.96 -28.51 2.49
N PHE E 21 2.29 -27.30 2.05
CA PHE E 21 3.59 -26.97 1.50
C PHE E 21 4.39 -26.15 2.51
N SER E 22 5.68 -26.42 2.60
CA SER E 22 6.54 -25.65 3.48
C SER E 22 6.79 -24.26 2.92
N ASP E 23 7.37 -23.40 3.76
CA ASP E 23 7.71 -22.05 3.33
C ASP E 23 8.76 -22.07 2.22
N ALA E 24 9.67 -23.04 2.25
CA ALA E 24 10.67 -23.15 1.21
C ALA E 24 10.06 -23.58 -0.13
N GLU E 25 9.01 -24.40 -0.10
CA GLU E 25 8.36 -24.83 -1.33
C GLU E 25 7.61 -23.68 -1.99
N MET E 26 6.93 -22.85 -1.18
CA MET E 26 6.27 -21.68 -1.74
C MET E 26 7.24 -20.59 -2.12
N THR E 27 8.44 -20.59 -1.52
CA THR E 27 9.45 -19.59 -1.86
C THR E 27 10.11 -19.91 -3.19
N ARG E 28 10.40 -21.19 -3.48
CA ARG E 28 11.00 -21.52 -4.76
C ARG E 28 10.05 -21.25 -5.92
N ARG E 29 8.73 -21.34 -5.68
CA ARG E 29 7.77 -21.04 -6.74
C ARG E 29 7.78 -19.54 -7.07
N GLN E 30 7.73 -18.70 -6.03
CA GLN E 30 7.75 -17.25 -6.26
C GLN E 30 9.11 -16.79 -6.75
N ASN E 31 10.20 -17.41 -6.29
CA ASN E 31 11.51 -17.05 -6.78
C ASN E 31 11.72 -17.49 -8.23
N ASP E 32 11.07 -18.57 -8.66
CA ASP E 32 11.13 -18.96 -10.07
C ASP E 32 10.51 -17.89 -10.95
N VAL E 33 9.44 -17.24 -10.49
CA VAL E 33 8.87 -16.11 -11.22
C VAL E 33 9.86 -14.95 -11.25
N ARG E 34 10.47 -14.65 -10.10
CA ARG E 34 11.45 -13.57 -10.04
C ARG E 34 12.64 -13.85 -10.93
N GLY E 35 13.05 -15.12 -11.04
CA GLY E 35 14.16 -15.46 -11.92
C GLY E 35 13.82 -15.33 -13.39
N TRP E 36 12.59 -15.68 -13.76
CA TRP E 36 12.17 -15.52 -15.15
C TRP E 36 12.07 -14.05 -15.53
N MET E 37 11.51 -13.23 -14.64
CA MET E 37 11.38 -11.80 -14.93
C MET E 37 12.74 -11.12 -15.09
N ALA E 38 13.76 -11.58 -14.35
CA ALA E 38 15.07 -10.96 -14.42
C ALA E 38 15.71 -11.19 -15.78
N LYS E 39 15.51 -12.37 -16.37
CA LYS E 39 16.08 -12.68 -17.67
C LYS E 39 15.35 -11.99 -18.81
N ASN E 40 14.13 -11.51 -18.59
CA ASN E 40 13.33 -10.92 -19.65
C ASN E 40 13.02 -9.45 -19.42
N ASN E 41 13.72 -8.79 -18.50
CA ASN E 41 13.53 -7.37 -18.21
C ASN E 41 12.09 -7.06 -17.83
N VAL E 42 11.48 -7.97 -17.07
CA VAL E 42 10.10 -7.81 -16.60
C VAL E 42 10.15 -7.33 -15.16
N ASP E 43 9.42 -6.23 -14.88
CA ASP E 43 9.48 -5.61 -13.57
C ASP E 43 8.51 -6.23 -12.58
N ALA E 44 7.41 -6.82 -13.05
CA ALA E 44 6.43 -7.42 -12.15
C ALA E 44 5.59 -8.41 -12.93
N ALA E 45 4.96 -9.33 -12.19
CA ALA E 45 4.08 -10.34 -12.74
C ALA E 45 2.70 -10.19 -12.12
N LEU E 46 1.67 -10.19 -12.96
CA LEU E 46 0.28 -10.08 -12.51
C LEU E 46 -0.49 -11.31 -12.98
N PHE E 47 -0.66 -12.27 -12.08
CA PHE E 47 -1.45 -13.46 -12.37
C PHE E 47 -2.91 -13.22 -12.02
N THR E 48 -3.81 -13.83 -12.80
CA THR E 48 -5.24 -13.64 -12.62
C THR E 48 -6.05 -14.93 -12.61
N SER E 49 -5.49 -16.05 -13.04
CA SER E 49 -6.26 -17.28 -13.13
C SER E 49 -6.30 -18.01 -11.80
N TYR E 50 -7.28 -18.90 -11.66
CA TYR E 50 -7.32 -19.80 -10.51
C TYR E 50 -5.99 -20.48 -10.30
N HIS E 51 -5.49 -21.15 -11.34
CA HIS E 51 -4.37 -22.07 -11.17
C HIS E 51 -3.08 -21.34 -10.82
N CYS E 52 -2.79 -20.24 -11.51
CA CYS E 52 -1.54 -19.53 -11.21
C CYS E 52 -1.61 -18.87 -9.84
N ILE E 53 -2.75 -18.31 -9.47
CA ILE E 53 -2.87 -17.70 -8.14
C ILE E 53 -2.80 -18.77 -7.05
N ASN E 54 -3.44 -19.92 -7.28
CA ASN E 54 -3.35 -21.00 -6.29
C ASN E 54 -1.97 -21.63 -6.27
N TYR E 55 -1.26 -21.65 -7.40
CA TYR E 55 0.05 -22.27 -7.45
C TYR E 55 1.08 -21.44 -6.68
N TYR E 56 1.12 -20.14 -6.93
CA TYR E 56 2.16 -19.30 -6.34
C TYR E 56 1.79 -18.74 -4.97
N SER E 57 0.51 -18.66 -4.63
CA SER E 57 0.11 -18.19 -3.31
C SER E 57 -0.45 -19.28 -2.40
N GLY E 58 -0.92 -20.39 -2.96
CA GLY E 58 -1.55 -21.43 -2.18
C GLY E 58 -3.02 -21.22 -1.91
N TRP E 59 -3.63 -20.18 -2.47
CA TRP E 59 -5.01 -19.81 -2.18
C TRP E 59 -5.83 -19.85 -3.47
N LEU E 60 -6.98 -20.51 -3.42
CA LEU E 60 -7.86 -20.66 -4.57
C LEU E 60 -9.05 -19.74 -4.40
N TYR E 61 -9.20 -18.77 -5.31
CA TYR E 61 -10.26 -17.80 -5.14
C TYR E 61 -11.57 -18.30 -5.71
N CYS E 62 -12.66 -17.69 -5.26
CA CYS E 62 -14.00 -17.94 -5.78
C CYS E 62 -14.37 -16.77 -6.69
N TYR E 63 -14.63 -17.08 -7.96
CA TYR E 63 -14.78 -16.07 -9.01
C TYR E 63 -16.04 -15.23 -8.82
N PHE E 64 -17.20 -15.78 -9.20
CA PHE E 64 -18.48 -15.09 -9.08
C PHE E 64 -18.45 -13.70 -9.74
N GLY E 65 -17.80 -13.62 -10.91
CA GLY E 65 -17.84 -12.42 -11.71
C GLY E 65 -16.87 -11.33 -11.31
N ARG E 66 -16.05 -11.54 -10.29
CA ARG E 66 -15.14 -10.52 -9.80
C ARG E 66 -13.71 -10.79 -10.24
N LYS E 67 -12.94 -9.72 -10.39
CA LYS E 67 -11.54 -9.83 -10.76
C LYS E 67 -10.71 -10.21 -9.54
N TYR E 68 -9.68 -11.03 -9.79
CA TYR E 68 -8.71 -11.39 -8.76
C TYR E 68 -7.33 -11.37 -9.39
N GLY E 69 -6.33 -11.08 -8.55
CA GLY E 69 -4.98 -10.95 -9.06
C GLY E 69 -3.95 -11.27 -7.99
N MET E 70 -2.70 -11.36 -8.45
CA MET E 70 -1.55 -11.50 -7.56
C MET E 70 -0.35 -10.86 -8.23
N VAL E 71 0.33 -9.97 -7.50
CA VAL E 71 1.48 -9.24 -8.00
C VAL E 71 2.73 -9.78 -7.33
N ILE E 72 3.68 -10.24 -8.13
CA ILE E 72 4.96 -10.73 -7.65
C ILE E 72 6.05 -9.85 -8.23
N ASP E 73 6.66 -9.03 -7.39
CA ASP E 73 7.80 -8.20 -7.77
C ASP E 73 9.09 -8.87 -7.32
N HIS E 74 10.22 -8.20 -7.57
CA HIS E 74 11.51 -8.76 -7.18
C HIS E 74 11.71 -8.77 -5.67
N ASN E 75 10.75 -8.30 -4.88
CA ASN E 75 10.88 -8.26 -3.44
C ASN E 75 9.62 -8.63 -2.67
N ASN E 76 8.44 -8.68 -3.31
CA ASN E 76 7.20 -8.90 -2.58
C ASN E 76 6.31 -9.86 -3.36
N ALA E 77 5.26 -10.33 -2.68
CA ALA E 77 4.25 -11.19 -3.28
C ALA E 77 2.93 -10.91 -2.59
N THR E 78 1.94 -10.41 -3.34
CA THR E 78 0.68 -9.96 -2.76
C THR E 78 -0.49 -10.47 -3.58
N THR E 79 -1.50 -11.00 -2.90
CA THR E 79 -2.75 -11.38 -3.54
C THR E 79 -3.75 -10.22 -3.47
N ILE E 80 -4.59 -10.14 -4.49
CA ILE E 80 -5.60 -9.10 -4.62
C ILE E 80 -6.96 -9.76 -4.56
N SER E 81 -7.71 -9.50 -3.49
CA SER E 81 -9.02 -10.11 -3.28
C SER E 81 -10.06 -9.01 -3.04
N ALA E 82 -11.32 -9.42 -3.07
CA ALA E 82 -12.46 -8.52 -2.94
C ALA E 82 -12.94 -8.44 -1.49
N GLY E 83 -13.70 -7.39 -1.20
CA GLY E 83 -14.25 -7.21 0.13
C GLY E 83 -15.18 -8.32 0.58
N ILE E 84 -15.79 -9.02 -0.36
CA ILE E 84 -16.69 -10.12 -0.02
C ILE E 84 -15.94 -11.27 0.67
N ASP E 85 -14.62 -11.37 0.45
CA ASP E 85 -13.84 -12.50 0.95
C ASP E 85 -13.28 -12.26 2.35
N GLY E 86 -12.98 -11.01 2.71
CA GLY E 86 -12.54 -10.73 4.06
C GLY E 86 -11.10 -11.19 4.28
N GLY E 87 -10.87 -11.86 5.40
CA GLY E 87 -9.55 -12.31 5.77
C GLY E 87 -9.17 -13.68 5.26
N GLN E 88 -10.13 -14.42 4.68
CA GLN E 88 -9.82 -15.76 4.18
C GLN E 88 -8.70 -15.77 3.14
N PRO E 89 -8.63 -14.85 2.17
CA PRO E 89 -7.47 -14.86 1.27
C PRO E 89 -6.15 -14.63 1.99
N TRP E 90 -6.08 -13.63 2.86
CA TRP E 90 -4.84 -13.36 3.58
C TRP E 90 -4.44 -14.53 4.49
N ARG E 91 -5.43 -15.20 5.07
CA ARG E 91 -5.14 -16.37 5.91
C ARG E 91 -4.59 -17.53 5.09
N ARG E 92 -4.96 -17.60 3.80
CA ARG E 92 -4.60 -18.71 2.94
C ARG E 92 -3.47 -18.37 1.96
N SER E 93 -3.14 -17.09 1.79
CA SER E 93 -2.11 -16.68 0.85
C SER E 93 -0.74 -16.73 1.50
N PHE E 94 0.25 -17.18 0.73
CA PHE E 94 1.65 -17.14 1.16
C PHE E 94 2.20 -15.79 0.76
N GLY E 95 2.30 -14.88 1.73
CA GLY E 95 2.75 -13.53 1.46
C GLY E 95 1.78 -12.48 1.96
N ASP E 96 1.65 -11.38 1.21
CA ASP E 96 0.76 -10.29 1.57
C ASP E 96 -0.57 -10.43 0.84
N ASN E 97 -1.51 -9.56 1.21
CA ASN E 97 -2.86 -9.58 0.62
C ASN E 97 -3.53 -8.23 0.86
N ILE E 98 -4.06 -7.65 -0.20
CA ILE E 98 -4.83 -6.41 -0.12
C ILE E 98 -6.25 -6.69 -0.62
N THR E 99 -7.14 -5.72 -0.38
CA THR E 99 -8.56 -5.91 -0.63
C THR E 99 -9.14 -4.68 -1.29
N TYR E 100 -9.97 -4.89 -2.30
CA TYR E 100 -10.72 -3.83 -2.98
C TYR E 100 -12.21 -4.09 -2.85
N THR E 101 -13.00 -3.03 -2.91
CA THR E 101 -14.44 -3.11 -2.71
C THR E 101 -15.17 -3.05 -4.05
N ASP E 102 -16.49 -3.19 -3.99
CA ASP E 102 -17.35 -3.16 -5.17
C ASP E 102 -17.98 -1.79 -5.40
N TRP E 103 -17.59 -0.77 -4.64
CA TRP E 103 -18.27 0.52 -4.76
C TRP E 103 -17.88 1.27 -6.02
N ARG E 104 -16.72 0.96 -6.60
CA ARG E 104 -16.31 1.52 -7.88
C ARG E 104 -15.67 0.43 -8.72
N ARG E 105 -15.90 0.51 -10.04
CA ARG E 105 -15.42 -0.55 -10.94
C ARG E 105 -13.90 -0.60 -10.98
N ASP E 106 -13.24 0.56 -10.89
CA ASP E 106 -11.79 0.63 -10.99
C ASP E 106 -11.08 0.30 -9.68
N ASN E 107 -11.79 -0.22 -8.68
CA ASN E 107 -11.14 -0.52 -7.41
C ASN E 107 -10.07 -1.60 -7.57
N PHE E 108 -10.32 -2.59 -8.42
CA PHE E 108 -9.33 -3.63 -8.65
C PHE E 108 -8.08 -3.08 -9.32
N TYR E 109 -8.26 -2.20 -10.31
CA TYR E 109 -7.12 -1.65 -11.03
C TYR E 109 -6.32 -0.67 -10.17
N ARG E 110 -6.95 -0.05 -9.17
CA ARG E 110 -6.19 0.73 -8.20
C ARG E 110 -5.33 -0.17 -7.32
N ALA E 111 -5.87 -1.33 -6.95
CA ALA E 111 -5.07 -2.29 -6.19
C ALA E 111 -3.88 -2.79 -7.00
N VAL E 112 -4.10 -3.05 -8.29
CA VAL E 112 -2.99 -3.42 -9.17
C VAL E 112 -1.98 -2.29 -9.26
N ARG E 113 -2.47 -1.04 -9.26
CA ARG E 113 -1.58 0.11 -9.44
C ARG E 113 -0.68 0.31 -8.22
N GLN E 114 -1.19 0.03 -7.02
CA GLN E 114 -0.39 0.19 -5.81
C GLN E 114 0.78 -0.79 -5.78
N LEU E 115 0.62 -1.97 -6.37
CA LEU E 115 1.63 -3.02 -6.31
C LEU E 115 2.58 -3.01 -7.50
N THR E 116 2.37 -2.13 -8.48
CA THR E 116 3.19 -2.10 -9.68
C THR E 116 3.75 -0.71 -9.96
N THR E 117 3.93 0.09 -8.91
CA THR E 117 4.48 1.43 -9.09
C THR E 117 5.91 1.33 -9.62
N GLY E 118 6.22 2.15 -10.63
CA GLY E 118 7.53 2.15 -11.21
C GLY E 118 7.80 1.04 -12.20
N ALA E 119 6.81 0.24 -12.54
CA ALA E 119 6.98 -0.85 -13.50
C ALA E 119 6.73 -0.34 -14.92
N LYS E 120 7.54 -0.85 -15.86
CA LYS E 120 7.38 -0.52 -17.27
C LYS E 120 7.08 -1.73 -18.14
N ARG E 121 7.50 -2.92 -17.73
CA ARG E 121 7.15 -4.16 -18.42
C ARG E 121 6.55 -5.12 -17.39
N ILE E 122 5.30 -5.51 -17.60
CA ILE E 122 4.56 -6.36 -16.69
C ILE E 122 4.10 -7.60 -17.44
N GLY E 123 4.31 -8.78 -16.84
CA GLY E 123 3.87 -10.02 -17.44
C GLY E 123 2.50 -10.43 -16.96
N ILE E 124 1.66 -10.84 -17.90
CA ILE E 124 0.29 -11.27 -17.62
C ILE E 124 0.02 -12.57 -18.35
N GLU E 125 -1.09 -13.21 -17.98
CA GLU E 125 -1.47 -14.51 -18.55
C GLU E 125 -2.30 -14.26 -19.81
N PHE E 126 -1.66 -14.41 -20.97
CA PHE E 126 -2.41 -14.31 -22.23
C PHE E 126 -3.42 -15.45 -22.39
N ASP E 127 -3.23 -16.54 -21.66
CA ASP E 127 -4.18 -17.65 -21.67
C ASP E 127 -5.48 -17.33 -20.96
N HIS E 128 -5.51 -16.28 -20.16
CA HIS E 128 -6.64 -16.05 -19.26
C HIS E 128 -7.27 -14.67 -19.44
N VAL E 129 -6.48 -13.64 -19.67
CA VAL E 129 -6.98 -12.28 -19.75
C VAL E 129 -7.82 -12.13 -21.02
N ASN E 130 -9.10 -11.79 -20.86
CA ASN E 130 -9.97 -11.59 -22.01
C ASN E 130 -9.69 -10.23 -22.65
N LEU E 131 -10.40 -9.95 -23.75
CA LEU E 131 -10.11 -8.77 -24.54
C LEU E 131 -10.45 -7.48 -23.79
N ASP E 132 -11.60 -7.45 -23.11
CA ASP E 132 -11.97 -6.27 -22.33
C ASP E 132 -11.01 -6.05 -21.17
N PHE E 133 -10.64 -7.14 -20.48
CA PHE E 133 -9.69 -7.05 -19.38
C PHE E 133 -8.36 -6.47 -19.84
N ARG E 134 -7.90 -6.87 -21.03
CA ARG E 134 -6.63 -6.36 -21.54
C ARG E 134 -6.71 -4.87 -21.82
N ARG E 135 -7.82 -4.42 -22.42
CA ARG E 135 -7.98 -2.99 -22.68
C ARG E 135 -8.05 -2.19 -21.38
N GLN E 136 -8.75 -2.72 -20.38
CA GLN E 136 -8.85 -2.01 -19.10
C GLN E 136 -7.51 -1.97 -18.36
N LEU E 137 -6.70 -3.01 -18.49
CA LEU E 137 -5.39 -3.00 -17.83
C LEU E 137 -4.48 -1.93 -18.41
N GLU E 138 -4.44 -1.81 -19.75
CA GLU E 138 -3.56 -0.83 -20.35
C GLU E 138 -4.11 0.59 -20.18
N GLU E 139 -5.42 0.74 -20.04
CA GLU E 139 -5.99 2.03 -19.66
C GLU E 139 -5.68 2.38 -18.23
N ALA E 140 -5.58 1.37 -17.35
CA ALA E 140 -5.25 1.62 -15.95
C ALA E 140 -3.76 1.77 -15.73
N LEU E 141 -2.94 1.16 -16.60
CA LEU E 141 -1.48 1.19 -16.47
C LEU E 141 -0.88 1.71 -17.76
N PRO E 142 -0.94 3.02 -18.00
CA PRO E 142 -0.40 3.57 -19.25
C PRO E 142 1.11 3.54 -19.26
N GLY E 143 1.67 3.39 -20.46
CA GLY E 143 3.10 3.34 -20.63
C GLY E 143 3.75 2.05 -20.18
N VAL E 144 2.95 1.04 -19.85
CA VAL E 144 3.45 -0.26 -19.38
C VAL E 144 3.26 -1.25 -20.51
N GLU E 145 4.34 -1.92 -20.90
CA GLU E 145 4.29 -2.97 -21.91
C GLU E 145 3.93 -4.30 -21.24
N PHE E 146 3.07 -5.06 -21.90
CA PHE E 146 2.58 -6.33 -21.36
C PHE E 146 3.17 -7.50 -22.14
N VAL E 147 3.73 -8.46 -21.41
CA VAL E 147 4.33 -9.66 -21.98
C VAL E 147 3.64 -10.87 -21.35
N ASP E 148 3.78 -12.02 -22.00
CA ASP E 148 3.12 -13.23 -21.55
C ASP E 148 3.94 -13.97 -20.50
N ILE E 149 3.27 -14.42 -19.45
CA ILE E 149 3.86 -15.32 -18.47
C ILE E 149 3.11 -16.65 -18.36
N SER E 150 1.90 -16.76 -18.90
CA SER E 150 1.15 -18.01 -18.77
C SER E 150 1.92 -19.19 -19.36
N GLN E 151 2.58 -18.98 -20.51
CA GLN E 151 3.32 -20.09 -21.12
C GLN E 151 4.55 -20.48 -20.33
N PRO E 152 5.46 -19.55 -19.94
CA PRO E 152 6.59 -19.99 -19.10
C PRO E 152 6.15 -20.50 -17.74
N SER E 153 5.07 -19.96 -17.17
CA SER E 153 4.54 -20.52 -15.93
C SER E 153 3.99 -21.92 -16.12
N MET E 154 3.41 -22.19 -17.29
CA MET E 154 2.90 -23.53 -17.58
C MET E 154 4.03 -24.55 -17.68
N TRP E 155 5.13 -24.19 -18.37
CA TRP E 155 6.23 -25.14 -18.52
C TRP E 155 6.89 -25.44 -17.18
N MET E 156 7.12 -24.41 -16.36
CA MET E 156 7.72 -24.63 -15.05
C MET E 156 6.82 -25.43 -14.11
N ARG E 157 5.51 -25.39 -14.33
CA ARG E 157 4.55 -26.06 -13.47
C ARG E 157 4.42 -27.55 -13.79
N THR E 158 4.92 -28.00 -14.94
CA THR E 158 4.82 -29.41 -15.28
C THR E 158 5.77 -30.27 -14.45
N ILE E 159 6.86 -29.70 -13.97
CA ILE E 159 7.81 -30.41 -13.13
C ILE E 159 7.37 -30.25 -11.68
N LYS E 160 6.92 -31.34 -11.07
CA LYS E 160 6.40 -31.30 -9.71
C LYS E 160 7.53 -31.53 -8.72
N SER E 161 7.57 -30.70 -7.67
CA SER E 161 8.55 -30.90 -6.62
C SER E 161 8.19 -32.13 -5.80
N LEU E 162 9.13 -32.52 -4.91
CA LEU E 162 8.88 -33.67 -4.05
C LEU E 162 7.67 -33.44 -3.15
N GLU E 163 7.47 -32.20 -2.71
CA GLU E 163 6.33 -31.91 -1.84
C GLU E 163 5.02 -31.99 -2.61
N GLU E 164 5.01 -31.55 -3.87
CA GLU E 164 3.82 -31.69 -4.69
C GLU E 164 3.49 -33.15 -4.94
N GLN E 165 4.50 -33.97 -5.18
CA GLN E 165 4.25 -35.41 -5.38
C GLN E 165 3.67 -36.05 -4.13
N LYS E 166 4.15 -35.64 -2.95
CA LYS E 166 3.58 -36.14 -1.71
C LYS E 166 2.10 -35.81 -1.59
N LEU E 167 1.71 -34.58 -1.95
CA LEU E 167 0.30 -34.22 -1.90
C LEU E 167 -0.50 -34.94 -2.98
N ILE E 168 0.10 -35.18 -4.15
CA ILE E 168 -0.59 -35.93 -5.19
C ILE E 168 -0.77 -37.39 -4.76
N ARG E 169 0.22 -37.96 -4.08
CA ARG E 169 0.08 -39.32 -3.57
C ARG E 169 -1.07 -39.43 -2.59
N GLU E 170 -1.24 -38.42 -1.73
CA GLU E 170 -2.34 -38.44 -0.77
C GLU E 170 -3.69 -38.37 -1.47
N GLY E 171 -3.80 -37.56 -2.52
CA GLY E 171 -5.03 -37.52 -3.29
C GLY E 171 -5.33 -38.83 -3.98
N ALA E 172 -4.28 -39.54 -4.41
CA ALA E 172 -4.48 -40.85 -5.03
C ALA E 172 -5.08 -41.85 -4.04
N ARG E 173 -4.66 -41.77 -2.77
CA ARG E 173 -5.23 -42.65 -1.76
C ARG E 173 -6.70 -42.33 -1.50
N VAL E 174 -7.06 -41.04 -1.50
CA VAL E 174 -8.45 -40.66 -1.34
C VAL E 174 -9.26 -41.10 -2.56
N CYS E 175 -8.63 -41.12 -3.74
CA CYS E 175 -9.27 -41.69 -4.92
C CYS E 175 -9.67 -43.14 -4.68
N ASP E 176 -8.75 -43.94 -4.14
CA ASP E 176 -9.06 -45.34 -3.87
C ASP E 176 -10.11 -45.48 -2.78
N VAL E 177 -10.07 -44.60 -1.78
CA VAL E 177 -11.10 -44.60 -0.74
C VAL E 177 -12.47 -44.31 -1.36
N GLY E 178 -12.53 -43.34 -2.27
CA GLY E 178 -13.78 -43.07 -2.96
C GLY E 178 -14.21 -44.21 -3.84
N GLY E 179 -13.26 -44.85 -4.52
CA GLY E 179 -13.59 -45.98 -5.37
C GLY E 179 -14.22 -47.13 -4.60
N ALA E 180 -13.72 -47.38 -3.39
CA ALA E 180 -14.30 -48.45 -2.57
C ALA E 180 -15.73 -48.11 -2.16
N ALA E 181 -15.99 -46.85 -1.81
CA ALA E 181 -17.34 -46.46 -1.46
C ALA E 181 -18.27 -46.46 -2.67
N CYS E 182 -17.73 -46.18 -3.85
CA CYS E 182 -18.55 -46.20 -5.06
C CYS E 182 -19.01 -47.61 -5.39
N ALA E 183 -18.09 -48.59 -5.33
CA ALA E 183 -18.45 -49.96 -5.66
C ALA E 183 -19.41 -50.56 -4.64
N ALA E 184 -19.26 -50.20 -3.36
CA ALA E 184 -20.13 -50.74 -2.32
C ALA E 184 -21.57 -50.25 -2.43
N ALA E 185 -21.79 -49.09 -3.05
CA ALA E 185 -23.13 -48.54 -3.18
C ALA E 185 -23.80 -48.93 -4.49
N ILE E 186 -23.13 -49.69 -5.33
CA ILE E 186 -23.66 -50.06 -6.65
C ILE E 186 -24.53 -51.29 -6.51
N LYS E 187 -25.76 -51.20 -7.01
CA LYS E 187 -26.68 -52.32 -7.03
C LYS E 187 -27.79 -52.00 -8.02
N ALA E 188 -28.26 -53.02 -8.74
CA ALA E 188 -29.34 -52.84 -9.70
C ALA E 188 -30.56 -52.24 -9.02
N GLY E 189 -30.95 -51.04 -9.46
CA GLY E 189 -32.04 -50.31 -8.86
C GLY E 189 -31.64 -49.03 -8.16
N VAL E 190 -30.34 -48.82 -7.93
CA VAL E 190 -29.89 -47.62 -7.24
C VAL E 190 -29.71 -46.50 -8.28
N PRO E 191 -30.22 -45.29 -8.02
CA PRO E 191 -30.01 -44.19 -8.96
C PRO E 191 -28.55 -43.76 -8.97
N GLU E 192 -28.15 -43.16 -10.09
CA GLU E 192 -26.76 -42.71 -10.24
C GLU E 192 -26.38 -41.72 -9.15
N HIS E 193 -27.29 -40.79 -8.81
CA HIS E 193 -26.96 -39.74 -7.85
C HIS E 193 -26.84 -40.29 -6.43
N GLU E 194 -27.45 -41.44 -6.14
CA GLU E 194 -27.22 -42.06 -4.84
C GLU E 194 -25.81 -42.64 -4.75
N VAL E 195 -25.34 -43.26 -5.83
CA VAL E 195 -23.97 -43.77 -5.84
C VAL E 195 -22.97 -42.62 -5.78
N ALA E 196 -23.29 -41.50 -6.44
CA ALA E 196 -22.40 -40.34 -6.40
C ALA E 196 -22.36 -39.71 -5.01
N ILE E 197 -23.50 -39.69 -4.30
CA ILE E 197 -23.53 -39.11 -2.96
C ILE E 197 -22.62 -39.88 -2.01
N ALA E 198 -22.77 -41.21 -2.00
CA ALA E 198 -21.95 -42.02 -1.09
C ALA E 198 -20.47 -41.90 -1.43
N THR E 199 -20.14 -41.78 -2.71
CA THR E 199 -18.73 -41.69 -3.11
C THR E 199 -18.14 -40.36 -2.69
N THR E 200 -18.83 -39.25 -2.97
CA THR E 200 -18.31 -37.94 -2.61
C THR E 200 -18.26 -37.75 -1.10
N ASN E 201 -19.30 -38.22 -0.39
CA ASN E 201 -19.32 -38.11 1.06
C ASN E 201 -18.14 -38.83 1.70
N ALA E 202 -17.74 -39.97 1.12
CA ALA E 202 -16.61 -40.71 1.68
C ALA E 202 -15.30 -39.97 1.45
N MET E 203 -15.11 -39.41 0.26
CA MET E 203 -13.88 -38.66 -0.02
C MET E 203 -13.80 -37.39 0.83
N ILE E 204 -14.92 -36.69 0.99
CA ILE E 204 -14.94 -35.48 1.81
C ILE E 204 -14.59 -35.81 3.25
N ARG E 205 -15.19 -36.87 3.80
CA ARG E 205 -14.89 -37.27 5.16
C ARG E 205 -13.45 -37.74 5.32
N GLU E 206 -12.88 -38.36 4.27
CA GLU E 206 -11.49 -38.79 4.36
C GLU E 206 -10.54 -37.59 4.30
N ILE E 207 -10.87 -36.59 3.47
CA ILE E 207 -10.01 -35.41 3.37
C ILE E 207 -10.04 -34.62 4.67
N ALA E 208 -11.22 -34.50 5.29
CA ALA E 208 -11.35 -33.66 6.49
C ALA E 208 -10.50 -34.20 7.64
N LYS E 209 -10.44 -35.52 7.80
CA LYS E 209 -9.69 -36.12 8.88
C LYS E 209 -8.25 -36.42 8.53
N SER E 210 -7.79 -35.95 7.36
CA SER E 210 -6.41 -36.18 6.91
C SER E 210 -5.54 -34.94 7.03
N PHE E 211 -6.07 -33.82 7.51
CA PHE E 211 -5.32 -32.58 7.62
C PHE E 211 -5.76 -31.85 8.89
N PRO E 212 -4.84 -31.15 9.55
CA PRO E 212 -5.25 -30.30 10.69
C PRO E 212 -6.16 -29.16 10.26
N PHE E 213 -5.96 -28.63 9.05
CA PHE E 213 -6.87 -27.68 8.43
C PHE E 213 -6.90 -27.97 6.94
N VAL E 214 -8.10 -27.88 6.35
CA VAL E 214 -8.27 -28.11 4.93
C VAL E 214 -9.64 -27.58 4.51
N GLU E 215 -9.69 -26.93 3.36
CA GLU E 215 -10.95 -26.50 2.78
C GLU E 215 -11.54 -27.66 1.97
N LEU E 216 -12.79 -28.00 2.27
CA LEU E 216 -13.48 -29.10 1.60
C LEU E 216 -14.35 -28.51 0.51
N MET E 217 -13.82 -28.49 -0.71
CA MET E 217 -14.48 -27.82 -1.81
C MET E 217 -14.19 -28.57 -3.10
N ASP E 218 -15.10 -28.42 -4.06
CA ASP E 218 -14.90 -28.87 -5.44
C ASP E 218 -14.83 -30.38 -5.62
N THR E 219 -14.66 -31.15 -4.55
CA THR E 219 -14.62 -32.60 -4.70
C THR E 219 -15.94 -33.11 -5.27
N TRP E 220 -15.85 -33.94 -6.30
CA TRP E 220 -17.05 -34.44 -6.98
C TRP E 220 -16.79 -35.84 -7.50
N THR E 221 -17.89 -36.52 -7.85
CA THR E 221 -17.88 -37.87 -8.38
C THR E 221 -18.73 -37.92 -9.63
N TRP E 222 -18.23 -38.62 -10.66
CA TRP E 222 -19.01 -38.94 -11.85
C TRP E 222 -19.26 -40.44 -11.85
N PHE E 223 -20.53 -40.81 -11.69
CA PHE E 223 -20.96 -42.21 -11.80
C PHE E 223 -21.95 -42.32 -12.96
N GLN E 224 -21.51 -42.93 -14.04
CA GLN E 224 -22.28 -43.02 -15.28
C GLN E 224 -22.69 -44.46 -15.54
N SER E 225 -23.93 -44.63 -16.03
CA SER E 225 -24.47 -45.94 -16.34
C SER E 225 -25.16 -45.90 -17.69
N GLY E 226 -25.02 -46.98 -18.46
CA GLY E 226 -25.69 -47.06 -19.74
C GLY E 226 -25.10 -46.08 -20.73
N ILE E 227 -25.97 -45.29 -21.37
CA ILE E 227 -25.52 -44.33 -22.37
C ILE E 227 -24.78 -43.16 -21.72
N ASN E 228 -24.96 -42.93 -20.43
CA ASN E 228 -24.24 -41.86 -19.75
C ASN E 228 -22.73 -42.09 -19.71
N THR E 229 -22.27 -43.30 -20.03
CA THR E 229 -20.85 -43.59 -20.07
C THR E 229 -20.18 -43.14 -21.37
N ASP E 230 -20.95 -42.71 -22.37
CA ASP E 230 -20.39 -42.34 -23.66
C ASP E 230 -19.61 -41.03 -23.62
N GLY E 231 -19.57 -40.36 -22.48
CA GLY E 231 -18.79 -39.14 -22.31
C GLY E 231 -18.10 -39.11 -20.96
N ALA E 232 -16.78 -38.94 -20.95
CA ALA E 232 -16.02 -39.05 -19.72
C ALA E 232 -16.42 -38.00 -18.70
N HIS E 233 -16.85 -36.82 -19.15
CA HIS E 233 -17.25 -35.74 -18.27
C HIS E 233 -18.77 -35.63 -18.11
N ASN E 234 -19.50 -36.66 -18.52
CA ASN E 234 -20.95 -36.59 -18.47
C ASN E 234 -21.44 -36.47 -17.03
N PRO E 235 -22.31 -35.51 -16.74
CA PRO E 235 -22.75 -35.30 -15.34
C PRO E 235 -23.56 -36.47 -14.82
N VAL E 236 -23.70 -36.48 -13.49
CA VAL E 236 -24.57 -37.44 -12.83
C VAL E 236 -26.03 -37.11 -13.15
N THR E 237 -26.82 -38.15 -13.38
CA THR E 237 -28.25 -38.02 -13.63
C THR E 237 -29.03 -38.86 -12.62
N ASN E 238 -30.36 -38.80 -12.72
CA ASN E 238 -31.24 -39.63 -11.90
C ASN E 238 -31.51 -40.99 -12.54
N ARG E 239 -30.70 -41.40 -13.50
CA ARG E 239 -30.92 -42.67 -14.18
C ARG E 239 -30.68 -43.84 -13.23
N ILE E 240 -31.56 -44.84 -13.31
CA ILE E 240 -31.49 -45.99 -12.43
C ILE E 240 -30.59 -47.05 -13.05
N VAL E 241 -29.64 -47.55 -12.26
CA VAL E 241 -28.78 -48.63 -12.73
C VAL E 241 -29.60 -49.89 -12.92
N GLN E 242 -29.42 -50.55 -14.05
CA GLN E 242 -30.07 -51.82 -14.34
C GLN E 242 -29.04 -52.93 -14.44
N SER E 243 -29.52 -54.16 -14.33
CA SER E 243 -28.62 -55.31 -14.33
C SER E 243 -27.92 -55.42 -15.68
N GLY E 244 -26.60 -55.62 -15.63
CA GLY E 244 -25.81 -55.74 -16.83
C GLY E 244 -25.38 -54.44 -17.47
N ASP E 245 -25.78 -53.30 -16.91
CA ASP E 245 -25.40 -52.01 -17.48
C ASP E 245 -23.90 -51.78 -17.34
N ILE E 246 -23.30 -51.23 -18.39
CA ILE E 246 -21.92 -50.77 -18.31
C ILE E 246 -21.88 -49.52 -17.41
N LEU E 247 -20.86 -49.46 -16.55
CA LEU E 247 -20.74 -48.40 -15.57
C LEU E 247 -19.39 -47.70 -15.73
N SER E 248 -19.29 -46.54 -15.08
CA SER E 248 -18.06 -45.75 -15.09
C SER E 248 -17.86 -45.13 -13.72
N LEU E 249 -16.85 -45.59 -13.00
CA LEU E 249 -16.48 -45.03 -11.70
C LEU E 249 -15.48 -43.91 -11.92
N ASN E 250 -15.73 -42.75 -11.30
CA ASN E 250 -14.86 -41.58 -11.48
C ASN E 250 -14.84 -40.79 -10.18
N THR E 251 -13.68 -40.77 -9.51
CA THR E 251 -13.51 -40.03 -8.26
C THR E 251 -12.52 -38.90 -8.45
N PHE E 252 -12.85 -37.72 -7.94
CA PHE E 252 -12.03 -36.52 -8.10
C PHE E 252 -11.98 -35.73 -6.81
N PRO E 253 -11.12 -36.14 -5.86
CA PRO E 253 -10.89 -35.31 -4.69
C PRO E 253 -10.07 -34.08 -5.04
N MET E 254 -10.39 -32.96 -4.41
CA MET E 254 -9.68 -31.70 -4.63
C MET E 254 -9.13 -31.24 -3.29
N ILE E 255 -7.80 -31.25 -3.16
CA ILE E 255 -7.13 -30.96 -1.90
C ILE E 255 -6.20 -29.78 -2.12
N PHE E 256 -6.54 -28.63 -1.54
CA PHE E 256 -5.77 -27.40 -1.68
C PHE E 256 -5.49 -27.06 -3.14
N GLY E 257 -6.50 -27.27 -3.98
CA GLY E 257 -6.41 -26.91 -5.38
C GLY E 257 -5.68 -27.90 -6.26
N TYR E 258 -5.26 -29.04 -5.74
CA TYR E 258 -4.59 -30.06 -6.54
C TYR E 258 -5.56 -31.18 -6.89
N TYR E 259 -5.42 -31.69 -8.10
CA TYR E 259 -6.38 -32.61 -8.69
C TYR E 259 -5.78 -34.00 -8.80
N THR E 260 -6.53 -35.01 -8.38
CA THR E 260 -6.24 -36.40 -8.65
C THR E 260 -7.50 -37.07 -9.16
N ALA E 261 -7.35 -38.24 -9.78
CA ALA E 261 -8.49 -38.91 -10.38
C ALA E 261 -8.27 -40.41 -10.39
N LEU E 262 -9.35 -41.15 -10.16
CA LEU E 262 -9.43 -42.57 -10.39
C LEU E 262 -10.65 -42.84 -11.27
N GLU E 263 -10.45 -43.54 -12.38
CA GLU E 263 -11.53 -43.85 -13.31
C GLU E 263 -11.44 -45.31 -13.72
N ARG E 264 -12.57 -46.02 -13.68
CA ARG E 264 -12.62 -47.45 -13.92
C ARG E 264 -13.92 -47.82 -14.61
N THR E 265 -13.83 -48.77 -15.55
CA THR E 265 -15.01 -49.39 -16.14
C THR E 265 -15.55 -50.46 -15.19
N LEU E 266 -16.86 -50.42 -14.95
CA LEU E 266 -17.53 -51.40 -14.10
C LEU E 266 -18.76 -51.94 -14.83
N PHE E 267 -19.31 -53.02 -14.30
CA PHE E 267 -20.56 -53.58 -14.80
C PHE E 267 -21.42 -53.98 -13.61
N CYS E 268 -22.74 -53.80 -13.76
CA CYS E 268 -23.65 -53.87 -12.62
C CYS E 268 -23.64 -55.26 -11.98
N ASP E 269 -24.04 -56.28 -12.73
CA ASP E 269 -24.08 -57.65 -12.22
C ASP E 269 -23.28 -58.61 -13.08
N HIS E 270 -23.34 -58.46 -14.40
CA HIS E 270 -22.64 -59.31 -15.34
C HIS E 270 -22.18 -58.45 -16.51
N VAL E 271 -21.46 -59.07 -17.43
CA VAL E 271 -20.98 -58.38 -18.62
C VAL E 271 -21.18 -59.32 -19.81
N ASP E 272 -21.82 -58.82 -20.87
CA ASP E 272 -22.06 -59.63 -22.04
C ASP E 272 -20.76 -59.85 -22.81
N ASP E 273 -20.77 -60.87 -23.68
CA ASP E 273 -19.56 -61.24 -24.39
C ASP E 273 -19.08 -60.13 -25.32
N ALA E 274 -20.02 -59.46 -25.99
CA ALA E 274 -19.63 -58.39 -26.91
C ALA E 274 -18.95 -57.24 -26.16
N SER E 275 -19.50 -56.84 -25.02
CA SER E 275 -18.89 -55.73 -24.28
C SER E 275 -17.68 -56.17 -23.47
N LEU E 276 -17.64 -57.43 -23.03
CA LEU E 276 -16.45 -57.95 -22.35
C LEU E 276 -15.26 -57.97 -23.30
N ASP E 277 -15.49 -58.33 -24.56
CA ASP E 277 -14.41 -58.34 -25.54
C ASP E 277 -13.82 -56.95 -25.72
N ILE E 278 -14.68 -55.93 -25.80
CA ILE E 278 -14.19 -54.56 -25.90
C ILE E 278 -13.46 -54.16 -24.62
N TRP E 279 -14.04 -54.50 -23.46
CA TRP E 279 -13.42 -54.17 -22.19
C TRP E 279 -12.02 -54.75 -22.08
N GLU E 280 -11.84 -56.01 -22.49
CA GLU E 280 -10.52 -56.62 -22.43
C GLU E 280 -9.53 -55.93 -23.35
N LYS E 281 -9.97 -55.55 -24.55
CA LYS E 281 -9.06 -54.89 -25.49
C LYS E 281 -8.66 -53.51 -24.98
N ASN E 282 -9.58 -52.80 -24.32
CA ASN E 282 -9.25 -51.49 -23.79
C ASN E 282 -8.27 -51.60 -22.62
N VAL E 283 -8.43 -52.63 -21.79
CA VAL E 283 -7.47 -52.87 -20.72
C VAL E 283 -6.11 -53.21 -21.30
N ALA E 284 -6.09 -53.92 -22.43
CA ALA E 284 -4.83 -54.24 -23.10
C ALA E 284 -4.09 -52.99 -23.54
N VAL E 285 -4.80 -52.03 -24.13
CA VAL E 285 -4.18 -50.77 -24.50
C VAL E 285 -3.73 -50.01 -23.25
N HIS E 286 -4.52 -50.11 -22.18
CA HIS E 286 -4.16 -49.42 -20.94
C HIS E 286 -2.88 -49.99 -20.34
N ARG E 287 -2.72 -51.32 -20.36
CA ARG E 287 -1.52 -51.94 -19.81
C ARG E 287 -0.29 -51.57 -20.65
N ARG E 288 -0.44 -51.51 -21.97
CA ARG E 288 0.67 -51.09 -22.81
C ARG E 288 1.04 -49.63 -22.55
N GLY E 289 0.04 -48.78 -22.35
CA GLY E 289 0.32 -47.37 -22.10
C GLY E 289 1.07 -47.13 -20.81
N LEU E 290 0.81 -47.93 -19.78
CA LEU E 290 1.54 -47.80 -18.53
C LEU E 290 3.03 -48.02 -18.72
N GLU E 291 3.41 -48.80 -19.74
CA GLU E 291 4.81 -49.10 -20.00
C GLU E 291 5.48 -48.09 -20.90
N LEU E 292 4.71 -47.29 -21.64
CA LEU E 292 5.30 -46.38 -22.61
C LEU E 292 5.72 -45.05 -22.00
N ILE E 293 5.19 -44.70 -20.83
CA ILE E 293 5.54 -43.45 -20.15
C ILE E 293 6.97 -43.54 -19.61
N LYS E 294 7.91 -42.94 -20.31
CA LYS E 294 9.33 -42.98 -20.00
C LYS E 294 9.88 -41.56 -19.95
N PRO E 295 10.97 -41.33 -19.22
CA PRO E 295 11.56 -39.99 -19.14
C PRO E 295 12.17 -39.48 -20.44
N GLY E 296 12.06 -40.21 -21.55
CA GLY E 296 12.59 -39.75 -22.81
C GLY E 296 11.57 -39.79 -23.93
N ALA E 297 10.43 -40.44 -23.68
CA ALA E 297 9.44 -40.63 -24.72
C ALA E 297 8.69 -39.33 -25.01
N ARG E 298 8.37 -39.12 -26.28
CA ARG E 298 7.62 -37.95 -26.70
C ARG E 298 6.12 -38.24 -26.64
N CYS E 299 5.34 -37.17 -26.48
CA CYS E 299 3.89 -37.33 -26.30
C CYS E 299 3.24 -37.94 -27.54
N LYS E 300 3.59 -37.43 -28.72
CA LYS E 300 2.98 -37.92 -29.94
C LYS E 300 3.37 -39.37 -30.23
N ASP E 301 4.60 -39.75 -29.87
CA ASP E 301 5.02 -41.13 -30.12
C ASP E 301 4.25 -42.13 -29.26
N ILE E 302 3.88 -41.74 -28.04
CA ILE E 302 3.09 -42.62 -27.18
C ILE E 302 1.72 -42.86 -27.79
N ALA E 303 1.09 -41.81 -28.31
CA ALA E 303 -0.24 -41.96 -28.89
C ALA E 303 -0.21 -42.79 -30.16
N LEU E 304 0.84 -42.62 -30.98
CA LEU E 304 0.90 -43.32 -32.26
C LEU E 304 1.05 -44.82 -32.06
N GLU E 305 1.83 -45.24 -31.07
CA GLU E 305 1.98 -46.69 -30.84
C GLU E 305 0.69 -47.30 -30.31
N LEU E 306 0.01 -46.60 -29.40
CA LEU E 306 -1.24 -47.13 -28.87
C LEU E 306 -2.34 -47.16 -29.92
N ASN E 307 -2.27 -46.29 -30.92
CA ASN E 307 -3.25 -46.32 -31.99
C ASN E 307 -3.12 -47.56 -32.85
N GLU E 308 -1.92 -48.13 -32.94
CA GLU E 308 -1.72 -49.36 -33.70
C GLU E 308 -2.44 -50.54 -33.06
N MET E 309 -2.51 -50.58 -31.74
CA MET E 309 -3.28 -51.64 -31.08
C MET E 309 -4.77 -51.48 -31.38
N TYR E 310 -5.26 -50.24 -31.38
CA TYR E 310 -6.67 -50.01 -31.71
C TYR E 310 -6.97 -50.35 -33.16
N ARG E 311 -6.08 -49.97 -34.08
CA ARG E 311 -6.34 -50.21 -35.49
C ARG E 311 -6.31 -51.70 -35.83
N GLU E 312 -5.43 -52.45 -35.17
CA GLU E 312 -5.39 -53.89 -35.36
C GLU E 312 -6.72 -54.54 -35.00
N TRP E 313 -7.40 -54.02 -33.98
CA TRP E 313 -8.69 -54.51 -33.54
C TRP E 313 -9.86 -53.74 -34.13
N ASP E 314 -9.59 -52.85 -35.10
CA ASP E 314 -10.63 -52.03 -35.74
C ASP E 314 -11.41 -51.23 -34.70
N LEU E 315 -10.69 -50.65 -33.74
CA LEU E 315 -11.30 -49.83 -32.71
C LEU E 315 -10.79 -48.39 -32.70
N LEU E 316 -9.86 -48.04 -33.60
CA LEU E 316 -9.32 -46.69 -33.62
C LEU E 316 -10.40 -45.66 -33.95
N LYS E 317 -11.41 -46.05 -34.73
CA LYS E 317 -12.48 -45.13 -35.08
C LYS E 317 -13.37 -44.78 -33.90
N TYR E 318 -13.33 -45.56 -32.82
CA TYR E 318 -14.16 -45.32 -31.65
C TYR E 318 -13.42 -44.60 -30.53
N ARG E 319 -12.19 -44.14 -30.78
CA ARG E 319 -11.44 -43.41 -29.76
C ARG E 319 -12.16 -42.11 -29.40
N SER E 320 -12.09 -41.74 -28.13
CA SER E 320 -12.82 -40.58 -27.61
C SER E 320 -11.94 -39.35 -27.48
N PHE E 321 -10.78 -39.46 -26.83
CA PHE E 321 -9.94 -38.30 -26.58
C PHE E 321 -8.50 -38.77 -26.36
N GLY E 322 -7.63 -37.84 -26.00
CA GLY E 322 -6.22 -38.15 -25.81
C GLY E 322 -5.98 -39.14 -24.69
N TYR E 323 -4.77 -39.67 -24.66
CA TYR E 323 -4.44 -40.75 -23.72
C TYR E 323 -4.10 -40.26 -22.32
N GLY E 324 -3.78 -38.97 -22.15
CA GLY E 324 -3.42 -38.50 -20.83
C GLY E 324 -3.04 -37.03 -20.86
N HIS E 325 -2.89 -36.48 -19.66
CA HIS E 325 -2.59 -35.06 -19.49
C HIS E 325 -1.74 -34.90 -18.23
N SER E 326 -1.27 -33.67 -18.02
CA SER E 326 -0.46 -33.35 -16.85
C SER E 326 -1.34 -33.01 -15.66
N PHE E 327 -0.76 -33.14 -14.46
CA PHE E 327 -1.48 -32.91 -13.22
C PHE E 327 -0.97 -31.64 -12.54
N GLY E 328 -1.22 -31.53 -11.23
CA GLY E 328 -0.85 -30.35 -10.49
C GLY E 328 -2.05 -29.50 -10.13
N VAL E 329 -1.95 -28.19 -10.32
CA VAL E 329 -3.03 -27.26 -9.98
C VAL E 329 -3.95 -27.18 -11.19
N LEU E 330 -4.99 -28.00 -11.19
CA LEU E 330 -6.00 -28.00 -12.23
C LEU E 330 -7.30 -28.55 -11.65
N CYS E 331 -8.37 -28.40 -12.42
CA CYS E 331 -9.68 -28.91 -12.05
C CYS E 331 -10.54 -28.91 -13.32
N HIS E 332 -11.82 -29.19 -13.18
CA HIS E 332 -12.69 -29.13 -14.35
C HIS E 332 -12.94 -27.69 -14.79
N TYR E 333 -12.72 -26.71 -13.91
CA TYR E 333 -13.00 -25.32 -14.23
C TYR E 333 -11.79 -24.39 -14.17
N TYR E 334 -10.59 -24.90 -13.90
CA TYR E 334 -9.37 -24.12 -14.14
C TYR E 334 -8.34 -25.00 -14.83
N GLY E 335 -7.68 -24.41 -15.83
CA GLY E 335 -7.03 -25.17 -16.87
C GLY E 335 -5.84 -25.98 -16.41
N ARG E 336 -5.41 -26.84 -17.33
CA ARG E 336 -4.28 -27.74 -17.15
C ARG E 336 -3.07 -27.20 -17.92
N GLU E 337 -1.98 -27.95 -17.90
CA GLU E 337 -0.76 -27.60 -18.61
C GLU E 337 -0.84 -28.21 -20.00
N ALA E 338 -1.28 -27.42 -20.98
CA ALA E 338 -1.54 -27.92 -22.33
C ALA E 338 -0.27 -28.42 -23.03
N GLY E 339 0.91 -28.11 -22.52
CA GLY E 339 2.14 -28.58 -23.13
C GLY E 339 2.36 -30.06 -22.99
N VAL E 340 1.74 -30.71 -22.00
CA VAL E 340 1.90 -32.14 -21.78
C VAL E 340 0.57 -32.84 -22.04
N GLU E 341 0.34 -33.24 -23.28
CA GLU E 341 -0.86 -33.97 -23.68
C GLU E 341 -0.45 -35.09 -24.62
N LEU E 342 -0.99 -36.29 -24.40
CA LEU E 342 -0.67 -37.45 -25.23
C LEU E 342 -1.52 -37.41 -26.49
N ARG E 343 -1.17 -36.49 -27.38
CA ARG E 343 -1.90 -36.25 -28.62
C ARG E 343 -0.95 -36.36 -29.81
N GLU E 344 -1.53 -36.67 -30.97
CA GLU E 344 -0.75 -37.09 -32.14
C GLU E 344 0.05 -35.96 -32.78
N ASP E 345 -0.10 -34.72 -32.33
CA ASP E 345 0.68 -33.62 -32.91
C ASP E 345 1.43 -32.82 -31.86
N ILE E 346 1.67 -33.41 -30.69
CA ILE E 346 2.39 -32.76 -29.60
C ILE E 346 3.68 -33.54 -29.39
N ASP E 347 4.81 -32.95 -29.77
CA ASP E 347 6.11 -33.62 -29.74
C ASP E 347 6.89 -33.29 -28.48
N THR E 348 6.24 -32.78 -27.43
CA THR E 348 6.95 -32.43 -26.22
C THR E 348 7.47 -33.69 -25.53
N GLU E 349 8.75 -33.66 -25.15
CA GLU E 349 9.38 -34.80 -24.51
C GLU E 349 9.06 -34.83 -23.02
N LEU E 350 8.77 -36.02 -22.51
CA LEU E 350 8.56 -36.20 -21.08
C LEU E 350 9.87 -36.03 -20.32
N LYS E 351 9.76 -35.54 -19.09
CA LYS E 351 10.92 -35.26 -18.25
C LYS E 351 10.65 -35.76 -16.84
N PRO E 352 11.70 -36.10 -16.09
CA PRO E 352 11.50 -36.51 -14.69
C PRO E 352 10.84 -35.41 -13.88
N GLY E 353 9.94 -35.81 -12.98
CA GLY E 353 9.19 -34.89 -12.16
C GLY E 353 7.79 -34.62 -12.64
N MET E 354 7.45 -35.01 -13.87
CA MET E 354 6.11 -34.82 -14.38
C MET E 354 5.15 -35.83 -13.76
N VAL E 355 3.88 -35.45 -13.69
CA VAL E 355 2.82 -36.31 -13.19
C VAL E 355 1.78 -36.39 -14.30
N VAL E 356 1.78 -37.51 -15.03
CA VAL E 356 0.94 -37.68 -16.21
C VAL E 356 0.00 -38.85 -15.98
N SER E 357 -1.12 -38.85 -16.71
CA SER E 357 -2.10 -39.92 -16.64
C SER E 357 -2.07 -40.77 -17.91
N MET E 358 -2.61 -41.98 -17.77
CA MET E 358 -2.84 -42.89 -18.89
C MET E 358 -4.30 -43.31 -18.83
N GLU E 359 -5.11 -42.84 -19.78
CA GLU E 359 -6.55 -43.02 -19.74
C GLU E 359 -7.11 -43.24 -21.14
N PRO E 360 -6.79 -44.38 -21.75
CA PRO E 360 -7.37 -44.68 -23.07
C PRO E 360 -8.86 -44.94 -22.96
N MET E 361 -9.63 -44.35 -23.87
CA MET E 361 -11.08 -44.48 -23.88
C MET E 361 -11.56 -44.82 -25.28
N VAL E 362 -12.49 -45.76 -25.36
CA VAL E 362 -13.20 -46.10 -26.59
C VAL E 362 -14.69 -46.01 -26.29
N MET E 363 -15.45 -45.47 -27.24
CA MET E 363 -16.88 -45.29 -27.09
C MET E 363 -17.61 -46.01 -28.21
N LEU E 364 -18.56 -46.89 -27.85
CA LEU E 364 -19.37 -47.58 -28.83
C LEU E 364 -20.77 -46.97 -28.84
N PRO E 365 -21.27 -46.49 -29.97
CA PRO E 365 -22.59 -45.84 -29.98
C PRO E 365 -23.70 -46.83 -29.66
N GLU E 366 -24.84 -46.27 -29.26
CA GLU E 366 -25.99 -47.08 -28.89
C GLU E 366 -26.51 -47.84 -30.11
N GLY E 367 -27.31 -48.87 -29.85
CA GLY E 367 -27.80 -49.72 -30.91
C GLY E 367 -26.76 -50.65 -31.49
N MET E 368 -25.66 -50.87 -30.77
CA MET E 368 -24.55 -51.66 -31.23
C MET E 368 -24.11 -52.57 -30.09
N PRO E 369 -23.76 -53.82 -30.37
CA PRO E 369 -23.29 -54.71 -29.30
C PRO E 369 -22.06 -54.14 -28.63
N GLY E 370 -22.11 -54.07 -27.30
CA GLY E 370 -21.04 -53.45 -26.53
C GLY E 370 -21.13 -51.96 -26.41
N ALA E 371 -22.33 -51.39 -26.56
CA ALA E 371 -22.48 -49.94 -26.53
C ALA E 371 -22.09 -49.38 -25.17
N GLY E 372 -21.49 -48.20 -25.18
CA GLY E 372 -21.05 -47.51 -23.99
C GLY E 372 -19.63 -47.03 -24.11
N GLY E 373 -19.16 -46.39 -23.03
CA GLY E 373 -17.81 -45.89 -22.95
C GLY E 373 -16.99 -46.71 -21.97
N TYR E 374 -15.81 -47.13 -22.43
CA TYR E 374 -14.86 -47.90 -21.63
C TYR E 374 -13.64 -47.04 -21.38
N ARG E 375 -13.16 -47.01 -20.14
CA ARG E 375 -12.06 -46.12 -19.80
C ARG E 375 -11.44 -46.55 -18.47
N GLU E 376 -10.12 -46.73 -18.48
CA GLU E 376 -9.35 -46.94 -17.27
C GLU E 376 -8.36 -45.78 -17.12
N HIS E 377 -8.12 -45.35 -15.89
CA HIS E 377 -7.31 -44.15 -15.64
C HIS E 377 -6.38 -44.41 -14.46
N ASP E 378 -5.08 -44.28 -14.71
CA ASP E 378 -4.07 -44.32 -13.66
C ASP E 378 -3.23 -43.05 -13.70
N ILE E 379 -2.51 -42.80 -12.62
CA ILE E 379 -1.62 -41.65 -12.49
C ILE E 379 -0.19 -42.16 -12.35
N LEU E 380 0.71 -41.59 -13.14
CA LEU E 380 2.12 -42.00 -13.15
C LEU E 380 3.01 -40.81 -12.80
N ILE E 381 3.98 -41.04 -11.93
CA ILE E 381 4.97 -40.03 -11.56
C ILE E 381 6.26 -40.37 -12.32
N VAL E 382 6.63 -39.50 -13.27
CA VAL E 382 7.82 -39.74 -14.07
C VAL E 382 9.06 -39.48 -13.22
N GLY E 383 9.90 -40.49 -13.07
CA GLY E 383 11.15 -40.36 -12.35
C GLY E 383 12.33 -40.15 -13.29
N GLU E 384 13.53 -40.23 -12.70
CA GLU E 384 14.74 -40.07 -13.49
C GLU E 384 15.03 -41.28 -14.37
N ASP E 385 14.48 -42.45 -14.04
CA ASP E 385 14.73 -43.68 -14.77
C ASP E 385 13.49 -44.35 -15.32
N GLY E 386 12.37 -44.27 -14.62
CA GLY E 386 11.13 -44.90 -15.06
C GLY E 386 9.91 -44.09 -14.65
N ALA E 387 8.81 -44.79 -14.42
CA ALA E 387 7.56 -44.16 -13.98
C ALA E 387 6.91 -45.02 -12.92
N GLU E 388 6.32 -44.37 -11.93
CA GLU E 388 5.66 -45.05 -10.82
C GLU E 388 4.15 -44.82 -10.90
N ASN E 389 3.40 -45.92 -10.89
CA ASN E 389 1.94 -45.87 -10.89
C ASN E 389 1.45 -45.78 -9.44
N ILE E 390 0.76 -44.68 -9.11
CA ILE E 390 0.30 -44.46 -7.75
C ILE E 390 -1.19 -44.77 -7.59
N THR E 391 -1.83 -45.31 -8.62
CA THR E 391 -3.22 -45.73 -8.54
C THR E 391 -3.28 -47.21 -8.16
N GLY E 392 -4.02 -47.52 -7.10
CA GLY E 392 -4.01 -48.87 -6.55
C GLY E 392 -5.29 -49.65 -6.70
N PHE E 393 -6.34 -49.02 -7.21
CA PHE E 393 -7.61 -49.70 -7.38
C PHE E 393 -7.52 -50.71 -8.53
N PRO E 394 -8.20 -51.86 -8.42
CA PRO E 394 -8.15 -52.86 -9.50
C PRO E 394 -8.67 -52.29 -10.81
N VAL E 395 -8.16 -52.85 -11.91
CA VAL E 395 -8.37 -52.28 -13.24
C VAL E 395 -9.55 -52.94 -13.97
N GLY E 396 -9.36 -54.16 -14.46
CA GLY E 396 -10.27 -54.74 -15.42
C GLY E 396 -11.32 -55.67 -14.86
N PRO E 397 -11.72 -56.66 -15.66
CA PRO E 397 -12.85 -57.53 -15.30
C PRO E 397 -12.54 -58.57 -14.23
N GLU E 398 -11.29 -58.67 -13.78
CA GLU E 398 -10.97 -59.62 -12.72
C GLU E 398 -11.60 -59.23 -11.39
N HIS E 399 -11.90 -57.95 -11.18
CA HIS E 399 -12.45 -57.50 -9.91
C HIS E 399 -13.62 -56.53 -10.03
N ASN E 400 -13.86 -55.92 -11.21
CA ASN E 400 -14.80 -54.82 -11.31
C ASN E 400 -16.14 -55.24 -11.89
N ILE E 401 -16.50 -56.51 -11.76
CA ILE E 401 -17.87 -56.97 -12.05
C ILE E 401 -18.58 -56.99 -10.71
N ILE E 402 -19.23 -55.87 -10.37
CA ILE E 402 -19.85 -55.71 -9.07
C ILE E 402 -20.94 -56.75 -8.87
N ARG E 403 -21.08 -57.24 -7.62
CA ARG E 403 -22.11 -58.22 -7.28
C ARG E 403 -22.52 -57.98 -5.82
N ASN E 404 -23.40 -57.01 -5.63
CA ASN E 404 -23.92 -56.70 -4.31
C ASN E 404 -25.34 -57.25 -4.15
N ASP F 4 -39.48 55.56 -54.48
CA ASP F 4 -39.32 54.90 -55.77
C ASP F 4 -38.23 53.83 -55.73
N MET F 5 -37.77 53.52 -54.51
CA MET F 5 -36.74 52.50 -54.31
C MET F 5 -37.35 51.28 -53.65
N LEU F 6 -36.85 50.10 -54.02
CA LEU F 6 -37.39 48.86 -53.50
C LEU F 6 -37.06 48.69 -52.02
N HIS F 7 -38.04 48.22 -51.25
CA HIS F 7 -37.85 47.97 -49.82
C HIS F 7 -37.90 46.49 -49.47
N VAL F 8 -38.92 45.78 -49.96
CA VAL F 8 -39.02 44.33 -49.84
C VAL F 8 -39.46 43.79 -51.19
N MET F 9 -38.66 42.91 -51.78
CA MET F 9 -38.96 42.37 -53.10
C MET F 9 -38.31 40.99 -53.24
N LYS F 10 -38.49 40.39 -54.42
CA LYS F 10 -37.97 39.06 -54.71
C LYS F 10 -36.88 39.17 -55.78
N TRP F 11 -35.70 38.68 -55.45
CA TRP F 11 -34.56 38.62 -56.38
C TRP F 11 -34.14 37.16 -56.53
N HIS F 12 -34.96 36.38 -57.22
CA HIS F 12 -34.68 34.96 -57.43
C HIS F 12 -33.78 34.81 -58.66
N ASN F 13 -32.55 35.29 -58.51
CA ASN F 13 -31.58 35.32 -59.60
C ASN F 13 -30.81 34.01 -59.62
N GLY F 14 -31.02 33.22 -60.67
CA GLY F 14 -30.32 31.97 -60.85
C GLY F 14 -31.21 30.76 -60.65
N GLU F 15 -30.57 29.62 -60.42
CA GLU F 15 -31.25 28.35 -60.19
C GLU F 15 -30.80 27.76 -58.85
N LYS F 16 -31.61 26.83 -58.34
CA LYS F 16 -31.32 26.21 -57.06
C LYS F 16 -30.02 25.43 -57.11
N ASP F 17 -29.12 25.73 -56.17
CA ASP F 17 -27.84 25.05 -56.12
C ASP F 17 -27.99 23.60 -55.62
N TYR F 18 -26.97 22.80 -55.92
CA TYR F 18 -26.91 21.45 -55.38
C TYR F 18 -26.88 21.48 -53.86
N SER F 19 -27.49 20.46 -53.25
CA SER F 19 -27.50 20.32 -51.80
C SER F 19 -27.17 18.87 -51.43
N PRO F 20 -26.35 18.66 -50.39
CA PRO F 20 -26.05 17.28 -49.98
C PRO F 20 -27.25 16.56 -49.40
N PHE F 21 -28.30 17.28 -49.01
CA PHE F 21 -29.49 16.70 -48.42
C PHE F 21 -30.62 16.67 -49.44
N SER F 22 -31.40 15.59 -49.43
CA SER F 22 -32.48 15.45 -50.37
C SER F 22 -33.63 16.40 -50.03
N ASP F 23 -34.61 16.45 -50.92
CA ASP F 23 -35.80 17.26 -50.67
C ASP F 23 -36.56 16.75 -49.46
N ALA F 24 -36.61 15.43 -49.29
CA ALA F 24 -37.33 14.83 -48.15
C ALA F 24 -36.64 15.18 -46.83
N GLU F 25 -35.31 15.16 -46.80
CA GLU F 25 -34.59 15.49 -45.57
C GLU F 25 -34.85 16.93 -45.15
N MET F 26 -34.80 17.87 -46.11
CA MET F 26 -35.10 19.26 -45.77
C MET F 26 -36.59 19.44 -45.44
N THR F 27 -37.46 18.71 -46.13
CA THR F 27 -38.88 18.75 -45.79
C THR F 27 -39.13 18.16 -44.41
N ARG F 28 -38.38 17.12 -44.05
CA ARG F 28 -38.52 16.52 -42.73
C ARG F 28 -38.21 17.52 -41.62
N ARG F 29 -37.12 18.29 -41.78
CA ARG F 29 -36.75 19.28 -40.78
C ARG F 29 -37.79 20.38 -40.67
N GLN F 30 -38.30 20.86 -41.80
CA GLN F 30 -39.28 21.93 -41.78
C GLN F 30 -40.63 21.44 -41.26
N ASN F 31 -40.97 20.18 -41.52
CA ASN F 31 -42.20 19.61 -40.96
C ASN F 31 -42.09 19.38 -39.46
N ASP F 32 -40.88 19.09 -38.97
CA ASP F 32 -40.68 18.94 -37.52
C ASP F 32 -41.02 20.24 -36.78
N VAL F 33 -40.64 21.39 -37.36
CA VAL F 33 -41.01 22.67 -36.77
C VAL F 33 -42.53 22.83 -36.80
N ARG F 34 -43.14 22.57 -37.95
CA ARG F 34 -44.59 22.69 -38.07
C ARG F 34 -45.31 21.79 -37.07
N GLY F 35 -44.78 20.59 -36.84
CA GLY F 35 -45.37 19.71 -35.85
C GLY F 35 -45.31 20.29 -34.45
N TRP F 36 -44.16 20.84 -34.08
CA TRP F 36 -44.03 21.46 -32.76
C TRP F 36 -44.93 22.70 -32.65
N MET F 37 -45.06 23.45 -33.74
CA MET F 37 -45.89 24.67 -33.71
C MET F 37 -47.36 24.32 -33.48
N ALA F 38 -47.85 23.27 -34.13
CA ALA F 38 -49.26 22.91 -33.98
C ALA F 38 -49.54 22.38 -32.58
N LYS F 39 -48.60 21.66 -31.98
CA LYS F 39 -48.78 21.16 -30.61
C LYS F 39 -48.78 22.30 -29.61
N ASN F 40 -48.11 23.42 -29.91
CA ASN F 40 -47.99 24.54 -28.99
C ASN F 40 -48.79 25.76 -29.46
N ASN F 41 -49.68 25.59 -30.43
CA ASN F 41 -50.53 26.67 -30.93
C ASN F 41 -49.71 27.87 -31.39
N VAL F 42 -48.61 27.59 -32.08
CA VAL F 42 -47.74 28.62 -32.64
C VAL F 42 -48.08 28.78 -34.12
N ASP F 43 -48.34 30.01 -34.53
CA ASP F 43 -48.77 30.30 -35.89
C ASP F 43 -47.63 30.42 -36.88
N ALA F 44 -46.44 30.81 -36.42
CA ALA F 44 -45.29 30.93 -37.30
C ALA F 44 -44.02 30.91 -36.46
N ALA F 45 -42.92 30.52 -37.11
CA ALA F 45 -41.61 30.50 -36.48
C ALA F 45 -40.71 31.48 -37.21
N LEU F 46 -39.97 32.28 -36.44
CA LEU F 46 -39.01 33.25 -36.99
C LEU F 46 -37.63 32.90 -36.44
N PHE F 47 -36.83 32.19 -37.24
CA PHE F 47 -35.45 31.89 -36.88
C PHE F 47 -34.54 33.01 -37.34
N THR F 48 -33.49 33.28 -36.54
CA THR F 48 -32.60 34.40 -36.80
C THR F 48 -31.12 34.05 -36.71
N SER F 49 -30.75 32.89 -36.20
CA SER F 49 -29.35 32.54 -36.01
C SER F 49 -28.78 31.86 -37.25
N TYR F 50 -27.45 31.82 -37.33
CA TYR F 50 -26.79 31.07 -38.39
C TYR F 50 -27.27 29.63 -38.41
N HIS F 51 -27.20 28.97 -37.24
CA HIS F 51 -27.37 27.52 -37.22
C HIS F 51 -28.81 27.12 -37.52
N CYS F 52 -29.79 27.81 -36.93
CA CYS F 52 -31.17 27.45 -37.18
C CYS F 52 -31.56 27.73 -38.63
N ILE F 53 -31.08 28.84 -39.20
CA ILE F 53 -31.41 29.15 -40.59
C ILE F 53 -30.72 28.16 -41.53
N ASN F 54 -29.47 27.81 -41.24
CA ASN F 54 -28.78 26.85 -42.10
C ASN F 54 -29.35 25.44 -41.95
N TYR F 55 -29.84 25.10 -40.76
CA TYR F 55 -30.37 23.75 -40.56
C TYR F 55 -31.69 23.55 -41.30
N TYR F 56 -32.60 24.53 -41.22
CA TYR F 56 -33.92 24.37 -41.80
C TYR F 56 -34.01 24.81 -43.26
N SER F 57 -33.01 25.56 -43.76
CA SER F 57 -33.02 25.98 -45.15
C SER F 57 -31.81 25.51 -45.94
N GLY F 58 -30.74 25.10 -45.29
CA GLY F 58 -29.52 24.71 -45.98
C GLY F 58 -28.60 25.86 -46.33
N TRP F 59 -28.95 27.09 -45.97
CA TRP F 59 -28.24 28.29 -46.39
C TRP F 59 -27.63 28.96 -45.17
N LEU F 60 -26.32 29.16 -45.21
CA LEU F 60 -25.58 29.83 -44.14
C LEU F 60 -25.34 31.27 -44.55
N TYR F 61 -25.91 32.21 -43.79
CA TYR F 61 -25.80 33.60 -44.16
C TYR F 61 -24.51 34.23 -43.62
N CYS F 62 -24.12 35.34 -44.24
CA CYS F 62 -23.00 36.14 -43.78
C CYS F 62 -23.55 37.37 -43.06
N TYR F 63 -23.10 37.57 -41.82
CA TYR F 63 -23.59 38.65 -40.97
C TYR F 63 -22.57 39.78 -40.97
N PHE F 64 -22.93 40.90 -41.56
CA PHE F 64 -22.08 42.09 -41.43
C PHE F 64 -22.87 43.16 -40.70
N GLY F 65 -23.40 42.81 -39.53
CA GLY F 65 -24.25 43.72 -38.78
C GLY F 65 -25.68 43.78 -39.24
N ARG F 66 -26.09 42.93 -40.17
CA ARG F 66 -27.43 42.96 -40.72
C ARG F 66 -28.28 41.83 -40.15
N LYS F 67 -29.59 42.07 -40.13
CA LYS F 67 -30.54 41.09 -39.63
C LYS F 67 -30.92 40.11 -40.72
N TYR F 68 -31.04 38.83 -40.36
CA TYR F 68 -31.46 37.78 -41.27
C TYR F 68 -32.52 36.93 -40.58
N GLY F 69 -33.37 36.30 -41.40
CA GLY F 69 -34.47 35.55 -40.83
C GLY F 69 -34.95 34.45 -41.76
N MET F 70 -35.73 33.54 -41.17
CA MET F 70 -36.48 32.55 -41.93
C MET F 70 -37.82 32.39 -41.25
N VAL F 71 -38.90 32.50 -42.03
CA VAL F 71 -40.25 32.35 -41.52
C VAL F 71 -40.79 31.01 -42.00
N ILE F 72 -41.16 30.15 -41.06
CA ILE F 72 -41.80 28.88 -41.35
C ILE F 72 -43.22 28.94 -40.82
N ASP F 73 -44.19 28.65 -41.70
CA ASP F 73 -45.60 28.64 -41.35
C ASP F 73 -46.21 27.29 -41.70
N HIS F 74 -47.55 27.25 -41.76
CA HIS F 74 -48.22 25.98 -42.05
C HIS F 74 -47.84 25.44 -43.42
N ASN F 75 -47.77 26.32 -44.43
CA ASN F 75 -47.55 25.90 -45.81
C ASN F 75 -46.33 26.52 -46.47
N ASN F 76 -45.63 27.44 -45.80
CA ASN F 76 -44.55 28.17 -46.43
C ASN F 76 -43.30 28.14 -45.58
N ALA F 77 -42.15 28.20 -46.26
CA ALA F 77 -40.85 28.38 -45.63
C ALA F 77 -40.09 29.40 -46.45
N THR F 78 -39.78 30.55 -45.85
CA THR F 78 -39.19 31.66 -46.59
C THR F 78 -38.02 32.23 -45.80
N THR F 79 -36.84 32.23 -46.42
CA THR F 79 -35.71 32.92 -45.83
C THR F 79 -35.76 34.40 -46.18
N ILE F 80 -35.21 35.22 -45.30
CA ILE F 80 -35.19 36.67 -45.44
C ILE F 80 -33.73 37.10 -45.52
N SER F 81 -33.34 37.64 -46.67
CA SER F 81 -31.96 38.06 -46.90
C SER F 81 -31.93 39.53 -47.29
N ALA F 82 -30.73 40.10 -47.31
CA ALA F 82 -30.51 41.51 -47.60
C ALA F 82 -30.16 41.72 -49.07
N GLY F 83 -30.29 42.97 -49.51
CA GLY F 83 -29.99 43.29 -50.89
C GLY F 83 -28.55 43.02 -51.27
N ILE F 84 -27.63 43.07 -50.31
CA ILE F 84 -26.22 42.83 -50.60
C ILE F 84 -26.00 41.40 -51.07
N ASP F 85 -26.88 40.48 -50.67
CA ASP F 85 -26.69 39.07 -50.96
C ASP F 85 -27.19 38.68 -52.35
N GLY F 86 -28.00 39.51 -52.99
CA GLY F 86 -28.43 39.20 -54.35
C GLY F 86 -29.38 38.01 -54.37
N GLY F 87 -29.11 37.07 -55.27
CA GLY F 87 -29.88 35.86 -55.40
C GLY F 87 -29.25 34.63 -54.81
N GLN F 88 -28.05 34.74 -54.24
CA GLN F 88 -27.38 33.58 -53.65
C GLN F 88 -28.20 32.94 -52.53
N PRO F 89 -28.85 33.68 -51.61
CA PRO F 89 -29.70 33.01 -50.62
C PRO F 89 -30.82 32.19 -51.24
N TRP F 90 -31.51 32.73 -52.24
CA TRP F 90 -32.59 31.98 -52.87
C TRP F 90 -32.07 30.73 -53.60
N ARG F 91 -30.91 30.85 -54.26
CA ARG F 91 -30.31 29.68 -54.89
C ARG F 91 -29.86 28.66 -53.86
N ARG F 92 -29.62 29.08 -52.62
CA ARG F 92 -29.07 28.23 -51.59
C ARG F 92 -30.12 27.69 -50.63
N SER F 93 -31.29 28.33 -50.54
CA SER F 93 -32.30 27.99 -49.56
C SER F 93 -33.30 26.97 -50.12
N PHE F 94 -33.72 26.05 -49.26
CA PHE F 94 -34.77 25.10 -49.60
C PHE F 94 -36.11 25.76 -49.30
N GLY F 95 -36.77 26.25 -50.33
CA GLY F 95 -38.04 26.95 -50.16
C GLY F 95 -38.06 28.30 -50.84
N ASP F 96 -38.81 29.24 -50.28
CA ASP F 96 -38.95 30.56 -50.85
C ASP F 96 -37.94 31.52 -50.23
N ASN F 97 -37.83 32.71 -50.83
CA ASN F 97 -36.88 33.70 -50.37
C ASN F 97 -37.35 35.08 -50.81
N ILE F 98 -37.24 36.05 -49.91
CA ILE F 98 -37.50 37.45 -50.21
C ILE F 98 -36.32 38.27 -49.72
N THR F 99 -36.21 39.49 -50.26
CA THR F 99 -35.08 40.38 -50.01
C THR F 99 -35.58 41.70 -49.43
N TYR F 100 -34.84 42.24 -48.46
CA TYR F 100 -35.07 43.58 -47.95
C TYR F 100 -33.83 44.43 -48.20
N THR F 101 -34.03 45.74 -48.30
CA THR F 101 -32.95 46.68 -48.61
C THR F 101 -32.56 47.48 -47.37
N ASP F 102 -31.48 48.25 -47.52
CA ASP F 102 -30.93 49.04 -46.43
C ASP F 102 -31.52 50.45 -46.34
N TRP F 103 -32.39 50.84 -47.26
CA TRP F 103 -32.80 52.24 -47.33
C TRP F 103 -33.66 52.67 -46.15
N ARG F 104 -34.34 51.73 -45.48
CA ARG F 104 -35.12 52.03 -44.29
C ARG F 104 -34.75 51.04 -43.19
N ARG F 105 -34.82 51.52 -41.94
CA ARG F 105 -34.44 50.69 -40.81
C ARG F 105 -35.39 49.51 -40.64
N ASP F 106 -36.68 49.72 -40.86
CA ASP F 106 -37.69 48.70 -40.61
C ASP F 106 -37.94 47.80 -41.82
N ASN F 107 -37.08 47.85 -42.84
CA ASN F 107 -37.32 47.04 -44.04
C ASN F 107 -37.28 45.56 -43.71
N PHE F 108 -36.36 45.13 -42.84
CA PHE F 108 -36.35 43.73 -42.43
C PHE F 108 -37.65 43.36 -41.73
N TYR F 109 -38.18 44.26 -40.91
CA TYR F 109 -39.42 43.97 -40.19
C TYR F 109 -40.62 44.00 -41.13
N ARG F 110 -40.58 44.82 -42.18
CA ARG F 110 -41.60 44.74 -43.22
C ARG F 110 -41.60 43.37 -43.87
N ALA F 111 -40.41 42.81 -44.12
CA ALA F 111 -40.33 41.47 -44.69
C ALA F 111 -40.95 40.44 -43.74
N VAL F 112 -40.59 40.52 -42.46
CA VAL F 112 -41.18 39.61 -41.47
C VAL F 112 -42.69 39.79 -41.42
N ARG F 113 -43.15 41.04 -41.46
CA ARG F 113 -44.57 41.33 -41.41
C ARG F 113 -45.31 40.75 -42.62
N GLN F 114 -44.65 40.71 -43.79
CA GLN F 114 -45.29 40.16 -44.97
C GLN F 114 -45.52 38.65 -44.85
N LEU F 115 -44.68 37.96 -44.09
CA LEU F 115 -44.70 36.50 -44.02
C LEU F 115 -45.40 35.98 -42.77
N THR F 116 -46.02 36.86 -41.99
CA THR F 116 -46.62 36.45 -40.73
C THR F 116 -47.98 37.11 -40.50
N THR F 117 -48.64 37.53 -41.58
CA THR F 117 -49.94 38.18 -41.44
C THR F 117 -50.92 37.26 -40.75
N GLY F 118 -51.62 37.79 -39.75
CA GLY F 118 -52.61 37.03 -39.01
C GLY F 118 -52.07 36.26 -37.83
N ALA F 119 -50.76 36.18 -37.66
CA ALA F 119 -50.18 35.42 -36.55
C ALA F 119 -50.34 36.21 -35.25
N LYS F 120 -50.75 35.51 -34.20
CA LYS F 120 -50.81 36.10 -32.85
C LYS F 120 -49.78 35.50 -31.91
N ARG F 121 -49.20 34.36 -32.25
CA ARG F 121 -48.12 33.75 -31.48
C ARG F 121 -47.02 33.34 -32.46
N ILE F 122 -45.80 33.78 -32.18
CA ILE F 122 -44.66 33.56 -33.07
C ILE F 122 -43.50 33.03 -32.25
N GLY F 123 -42.88 31.96 -32.72
CA GLY F 123 -41.71 31.39 -32.07
C GLY F 123 -40.44 32.06 -32.53
N ILE F 124 -39.62 32.49 -31.56
CA ILE F 124 -38.33 33.11 -31.83
C ILE F 124 -37.28 32.44 -30.97
N GLU F 125 -36.02 32.69 -31.29
CA GLU F 125 -34.90 32.09 -30.57
C GLU F 125 -34.50 33.01 -29.43
N PHE F 126 -34.93 32.67 -28.21
CA PHE F 126 -34.48 33.41 -27.03
C PHE F 126 -32.98 33.27 -26.82
N ASP F 127 -32.37 32.23 -27.38
CA ASP F 127 -30.93 32.03 -27.33
C ASP F 127 -30.16 33.07 -28.14
N HIS F 128 -30.80 33.69 -29.12
CA HIS F 128 -30.09 34.50 -30.10
C HIS F 128 -30.52 35.96 -30.12
N VAL F 129 -31.82 36.22 -30.00
CA VAL F 129 -32.35 37.57 -30.13
C VAL F 129 -31.87 38.42 -28.95
N ASN F 130 -31.21 39.54 -29.24
CA ASN F 130 -30.76 40.43 -28.19
C ASN F 130 -31.92 41.31 -27.72
N LEU F 131 -31.65 42.11 -26.68
CA LEU F 131 -32.70 42.90 -26.03
C LEU F 131 -33.24 43.98 -26.95
N ASP F 132 -32.36 44.63 -27.72
CA ASP F 132 -32.82 45.63 -28.68
C ASP F 132 -33.60 45.00 -29.82
N PHE F 133 -33.13 43.84 -30.31
CA PHE F 133 -33.84 43.13 -31.37
C PHE F 133 -35.24 42.74 -30.91
N ARG F 134 -35.36 42.23 -29.69
CA ARG F 134 -36.68 41.85 -29.17
C ARG F 134 -37.59 43.06 -29.08
N ARG F 135 -37.06 44.21 -28.63
CA ARG F 135 -37.87 45.41 -28.54
C ARG F 135 -38.39 45.83 -29.91
N GLN F 136 -37.55 45.76 -30.93
CA GLN F 136 -37.98 46.13 -32.27
C GLN F 136 -39.02 45.17 -32.83
N LEU F 137 -38.93 43.88 -32.47
CA LEU F 137 -39.89 42.91 -32.98
C LEU F 137 -41.30 43.20 -32.48
N GLU F 138 -41.44 43.49 -31.18
CA GLU F 138 -42.78 43.73 -30.65
C GLU F 138 -43.32 45.09 -31.09
N GLU F 139 -42.43 46.07 -31.32
CA GLU F 139 -42.88 47.33 -31.91
C GLU F 139 -43.30 47.15 -33.36
N ALA F 140 -42.67 46.21 -34.07
CA ALA F 140 -43.04 45.95 -35.46
C ALA F 140 -44.24 45.03 -35.57
N LEU F 141 -44.44 44.15 -34.59
CA LEU F 141 -45.52 43.16 -34.61
C LEU F 141 -46.36 43.30 -33.34
N PRO F 142 -47.16 44.36 -33.25
CA PRO F 142 -47.99 44.55 -32.05
C PRO F 142 -49.07 43.49 -31.96
N GLY F 143 -49.37 43.09 -30.72
CA GLY F 143 -50.36 42.08 -30.47
C GLY F 143 -49.88 40.65 -30.64
N VAL F 144 -48.60 40.46 -30.95
CA VAL F 144 -48.04 39.12 -31.16
C VAL F 144 -47.32 38.68 -29.89
N GLU F 145 -47.70 37.52 -29.37
CA GLU F 145 -47.02 36.92 -28.24
C GLU F 145 -45.83 36.11 -28.75
N PHE F 146 -44.65 36.42 -28.25
CA PHE F 146 -43.43 35.73 -28.65
C PHE F 146 -43.12 34.62 -27.66
N VAL F 147 -42.86 33.42 -28.18
CA VAL F 147 -42.52 32.26 -27.36
C VAL F 147 -41.21 31.68 -27.87
N ASP F 148 -40.49 30.99 -27.00
CA ASP F 148 -39.18 30.48 -27.38
C ASP F 148 -39.28 29.24 -28.25
N ILE F 149 -38.43 29.18 -29.28
CA ILE F 149 -38.32 28.01 -30.13
C ILE F 149 -36.88 27.52 -30.25
N SER F 150 -35.92 28.20 -29.64
CA SER F 150 -34.53 27.76 -29.74
C SER F 150 -34.29 26.45 -29.00
N GLN F 151 -34.86 26.31 -27.78
CA GLN F 151 -34.69 25.06 -27.05
C GLN F 151 -35.38 23.89 -27.75
N PRO F 152 -36.64 24.00 -28.21
CA PRO F 152 -37.19 22.89 -29.01
C PRO F 152 -36.34 22.56 -30.23
N SER F 153 -35.88 23.57 -30.96
CA SER F 153 -35.04 23.33 -32.13
C SER F 153 -33.73 22.66 -31.75
N MET F 154 -33.11 23.12 -30.65
CA MET F 154 -31.84 22.55 -30.21
C MET F 154 -31.99 21.06 -29.92
N TRP F 155 -33.05 20.68 -29.19
CA TRP F 155 -33.23 19.27 -28.85
C TRP F 155 -33.49 18.42 -30.09
N MET F 156 -34.36 18.89 -30.98
CA MET F 156 -34.62 18.13 -32.20
C MET F 156 -33.38 17.99 -33.06
N ARG F 157 -32.43 18.93 -32.94
CA ARG F 157 -31.21 18.89 -33.75
C ARG F 157 -30.16 17.95 -33.16
N THR F 158 -30.29 17.53 -31.90
CA THR F 158 -29.30 16.63 -31.31
C THR F 158 -29.34 15.23 -31.94
N ILE F 159 -30.44 14.88 -32.61
CA ILE F 159 -30.58 13.59 -33.26
C ILE F 159 -30.28 13.78 -34.74
N LYS F 160 -29.18 13.19 -35.21
CA LYS F 160 -28.76 13.35 -36.59
C LYS F 160 -29.38 12.28 -37.47
N SER F 161 -29.84 12.69 -38.65
CA SER F 161 -30.37 11.76 -39.62
C SER F 161 -29.22 11.02 -40.31
N LEU F 162 -29.56 9.95 -41.05
CA LEU F 162 -28.55 9.20 -41.77
C LEU F 162 -27.88 10.05 -42.85
N GLU F 163 -28.62 11.01 -43.43
CA GLU F 163 -28.00 11.92 -44.39
C GLU F 163 -27.04 12.87 -43.69
N GLU F 164 -27.39 13.34 -42.49
CA GLU F 164 -26.45 14.15 -41.72
C GLU F 164 -25.24 13.34 -41.29
N GLN F 165 -25.45 12.10 -40.84
CA GLN F 165 -24.34 11.24 -40.49
C GLN F 165 -23.45 10.97 -41.70
N LYS F 166 -24.07 10.85 -42.89
CA LYS F 166 -23.28 10.65 -44.10
C LYS F 166 -22.38 11.85 -44.37
N LEU F 167 -22.89 13.07 -44.15
CA LEU F 167 -22.09 14.26 -44.38
C LEU F 167 -21.02 14.42 -43.31
N ILE F 168 -21.36 14.09 -42.05
CA ILE F 168 -20.37 14.20 -40.97
C ILE F 168 -19.25 13.20 -41.17
N ARG F 169 -19.56 12.00 -41.65
CA ARG F 169 -18.51 11.03 -41.98
C ARG F 169 -17.57 11.58 -43.04
N GLU F 170 -18.12 12.22 -44.08
CA GLU F 170 -17.28 12.80 -45.12
C GLU F 170 -16.42 13.94 -44.58
N GLY F 171 -16.94 14.71 -43.63
CA GLY F 171 -16.11 15.71 -42.99
C GLY F 171 -14.98 15.11 -42.18
N ALA F 172 -15.27 14.00 -41.49
CA ALA F 172 -14.24 13.31 -40.73
C ALA F 172 -13.13 12.77 -41.62
N ARG F 173 -13.47 12.38 -42.86
CA ARG F 173 -12.44 11.94 -43.79
C ARG F 173 -11.55 13.10 -44.22
N VAL F 174 -12.13 14.27 -44.47
CA VAL F 174 -11.34 15.44 -44.82
C VAL F 174 -10.47 15.86 -43.64
N CYS F 175 -10.95 15.61 -42.41
CA CYS F 175 -10.12 15.86 -41.23
C CYS F 175 -8.82 15.06 -41.30
N ASP F 176 -8.92 13.78 -41.67
CA ASP F 176 -7.72 12.95 -41.78
C ASP F 176 -6.86 13.36 -42.96
N VAL F 177 -7.48 13.83 -44.05
CA VAL F 177 -6.71 14.35 -45.18
C VAL F 177 -5.95 15.60 -44.77
N GLY F 178 -6.59 16.47 -43.99
CA GLY F 178 -5.89 17.63 -43.47
C GLY F 178 -4.85 17.27 -42.45
N GLY F 179 -5.16 16.32 -41.57
CA GLY F 179 -4.18 15.87 -40.59
C GLY F 179 -2.93 15.30 -41.21
N ALA F 180 -3.07 14.64 -42.37
CA ALA F 180 -1.90 14.10 -43.07
C ALA F 180 -1.05 15.23 -43.64
N ALA F 181 -1.68 16.27 -44.17
CA ALA F 181 -0.93 17.42 -44.66
C ALA F 181 -0.26 18.18 -43.52
N CYS F 182 -0.90 18.22 -42.36
CA CYS F 182 -0.30 18.89 -41.20
C CYS F 182 0.96 18.17 -40.74
N ALA F 183 0.89 16.84 -40.65
CA ALA F 183 2.04 16.07 -40.18
C ALA F 183 3.19 16.12 -41.18
N ALA F 184 2.88 16.19 -42.48
CA ALA F 184 3.93 16.22 -43.49
C ALA F 184 4.66 17.56 -43.55
N ALA F 185 4.02 18.63 -43.09
CA ALA F 185 4.64 19.95 -43.11
C ALA F 185 5.37 20.30 -41.82
N ILE F 186 5.28 19.46 -40.79
CA ILE F 186 5.92 19.74 -39.51
C ILE F 186 7.41 19.47 -39.64
N LYS F 187 8.21 20.48 -39.28
CA LYS F 187 9.66 20.37 -39.32
C LYS F 187 10.23 21.43 -38.38
N ALA F 188 11.27 21.05 -37.64
CA ALA F 188 11.89 21.99 -36.72
C ALA F 188 12.46 23.18 -37.48
N GLY F 189 11.96 24.38 -37.17
CA GLY F 189 12.41 25.60 -37.81
C GLY F 189 11.37 26.28 -38.68
N VAL F 190 10.18 25.69 -38.85
CA VAL F 190 9.15 26.32 -39.67
C VAL F 190 8.15 27.02 -38.76
N PRO F 191 7.56 28.13 -39.18
CA PRO F 191 6.56 28.80 -38.35
C PRO F 191 5.22 28.09 -38.40
N GLU F 192 4.37 28.42 -37.43
CA GLU F 192 3.08 27.75 -37.31
C GLU F 192 2.16 28.09 -38.48
N HIS F 193 2.23 29.31 -39.00
CA HIS F 193 1.30 29.71 -40.05
C HIS F 193 1.57 28.97 -41.35
N GLU F 194 2.84 28.61 -41.63
CA GLU F 194 3.12 27.81 -42.81
C GLU F 194 2.59 26.40 -42.67
N VAL F 195 2.52 25.88 -41.45
CA VAL F 195 1.93 24.56 -41.24
C VAL F 195 0.41 24.63 -41.36
N ALA F 196 -0.18 25.70 -40.84
CA ALA F 196 -1.63 25.86 -40.91
C ALA F 196 -2.11 26.11 -42.34
N ILE F 197 -1.28 26.78 -43.15
CA ILE F 197 -1.66 27.06 -44.53
C ILE F 197 -1.73 25.77 -45.35
N ALA F 198 -0.68 24.95 -45.25
CA ALA F 198 -0.67 23.68 -45.99
C ALA F 198 -1.83 22.79 -45.57
N THR F 199 -2.18 22.81 -44.29
CA THR F 199 -3.29 21.99 -43.81
C THR F 199 -4.62 22.47 -44.37
N THR F 200 -4.87 23.78 -44.31
CA THR F 200 -6.13 24.33 -44.82
C THR F 200 -6.23 24.18 -46.32
N ASN F 201 -5.12 24.39 -47.04
CA ASN F 201 -5.13 24.23 -48.49
C ASN F 201 -5.48 22.81 -48.90
N ALA F 202 -5.00 21.82 -48.13
CA ALA F 202 -5.30 20.43 -48.45
C ALA F 202 -6.78 20.11 -48.20
N MET F 203 -7.35 20.69 -47.14
CA MET F 203 -8.76 20.44 -46.86
C MET F 203 -9.65 21.17 -47.85
N ILE F 204 -9.32 22.43 -48.17
CA ILE F 204 -10.13 23.18 -49.12
C ILE F 204 -10.14 22.50 -50.49
N ARG F 205 -8.98 22.03 -50.93
CA ARG F 205 -8.91 21.36 -52.22
C ARG F 205 -9.60 20.00 -52.19
N GLU F 206 -9.64 19.34 -51.02
CA GLU F 206 -10.36 18.08 -50.93
C GLU F 206 -11.86 18.29 -50.90
N ILE F 207 -12.31 19.43 -50.39
CA ILE F 207 -13.74 19.72 -50.35
C ILE F 207 -14.25 20.08 -51.75
N ALA F 208 -13.50 20.89 -52.48
CA ALA F 208 -13.98 21.38 -53.77
C ALA F 208 -14.14 20.27 -54.79
N LYS F 209 -13.33 19.22 -54.71
CA LYS F 209 -13.40 18.14 -55.68
C LYS F 209 -14.29 16.98 -55.24
N SER F 210 -14.96 17.09 -54.09
CA SER F 210 -15.82 16.04 -53.59
C SER F 210 -17.30 16.35 -53.74
N PHE F 211 -17.64 17.51 -54.32
CA PHE F 211 -19.03 17.90 -54.52
C PHE F 211 -19.16 18.57 -55.89
N PRO F 212 -20.26 18.33 -56.61
CA PRO F 212 -20.47 19.04 -57.88
C PRO F 212 -20.62 20.54 -57.69
N PHE F 213 -21.10 20.97 -56.52
CA PHE F 213 -21.12 22.37 -56.13
C PHE F 213 -20.94 22.44 -54.62
N VAL F 214 -20.08 23.34 -54.16
CA VAL F 214 -19.85 23.51 -52.74
C VAL F 214 -19.27 24.90 -52.52
N GLU F 215 -19.69 25.52 -51.41
CA GLU F 215 -19.10 26.78 -50.96
C GLU F 215 -17.93 26.48 -50.06
N LEU F 216 -16.78 27.08 -50.36
CA LEU F 216 -15.55 26.85 -49.61
C LEU F 216 -15.35 28.04 -48.66
N MET F 217 -15.78 27.87 -47.41
CA MET F 217 -15.80 28.94 -46.44
C MET F 217 -15.48 28.39 -45.06
N ASP F 218 -14.89 29.26 -44.24
CA ASP F 218 -14.74 29.05 -42.79
C ASP F 218 -13.77 27.93 -42.42
N THR F 219 -13.41 27.07 -43.36
CA THR F 219 -12.47 25.98 -43.07
C THR F 219 -11.16 26.55 -42.53
N TRP F 220 -10.76 26.08 -41.35
CA TRP F 220 -9.57 26.62 -40.70
C TRP F 220 -8.80 25.51 -39.99
N THR F 221 -7.56 25.84 -39.63
CA THR F 221 -6.65 24.93 -38.93
C THR F 221 -6.07 25.67 -37.73
N TRP F 222 -5.89 24.95 -36.63
CA TRP F 222 -5.22 25.46 -35.44
C TRP F 222 -3.99 24.60 -35.19
N PHE F 223 -2.82 25.09 -35.57
CA PHE F 223 -1.56 24.43 -35.30
C PHE F 223 -0.83 25.20 -34.19
N GLN F 224 -0.67 24.56 -33.04
CA GLN F 224 -0.07 25.19 -31.87
C GLN F 224 1.22 24.46 -31.50
N SER F 225 2.24 25.22 -31.13
CA SER F 225 3.51 24.68 -30.68
C SER F 225 3.96 25.40 -29.42
N GLY F 226 4.62 24.66 -28.53
CA GLY F 226 5.12 25.28 -27.31
C GLY F 226 3.99 25.74 -26.43
N ILE F 227 4.11 26.97 -25.93
CA ILE F 227 3.12 27.50 -25.00
C ILE F 227 1.78 27.76 -25.67
N ASN F 228 1.75 27.83 -27.01
CA ASN F 228 0.50 28.03 -27.73
C ASN F 228 -0.44 26.82 -27.61
N THR F 229 0.04 25.68 -27.14
CA THR F 229 -0.80 24.51 -26.95
C THR F 229 -1.62 24.56 -25.66
N ASP F 230 -1.39 25.57 -24.82
CA ASP F 230 -2.10 25.66 -23.54
C ASP F 230 -3.58 26.03 -23.70
N GLY F 231 -4.02 26.30 -24.92
CA GLY F 231 -5.42 26.59 -25.17
C GLY F 231 -5.91 25.95 -26.45
N ALA F 232 -7.02 25.22 -26.38
CA ALA F 232 -7.49 24.47 -27.55
C ALA F 232 -7.86 25.41 -28.70
N HIS F 233 -8.31 26.62 -28.39
CA HIS F 233 -8.73 27.58 -29.41
C HIS F 233 -7.70 28.67 -29.66
N ASN F 234 -6.46 28.46 -29.22
CA ASN F 234 -5.43 29.47 -29.37
C ASN F 234 -5.15 29.72 -30.86
N PRO F 235 -5.25 30.95 -31.34
CA PRO F 235 -5.07 31.21 -32.77
C PRO F 235 -3.66 30.86 -33.23
N VAL F 236 -3.54 30.63 -34.54
CA VAL F 236 -2.24 30.36 -35.15
C VAL F 236 -1.39 31.62 -35.09
N THR F 237 -0.12 31.45 -34.73
CA THR F 237 0.84 32.55 -34.62
C THR F 237 2.02 32.30 -35.56
N ASN F 238 2.99 33.21 -35.50
CA ASN F 238 4.22 33.08 -36.28
C ASN F 238 5.35 32.45 -35.48
N ARG F 239 5.03 31.72 -34.41
CA ARG F 239 6.05 31.09 -33.60
C ARG F 239 6.76 30.00 -34.39
N ILE F 240 8.08 29.95 -34.26
CA ILE F 240 8.89 28.97 -34.98
C ILE F 240 8.91 27.68 -34.18
N VAL F 241 8.54 26.58 -34.83
CA VAL F 241 8.54 25.28 -34.17
C VAL F 241 9.98 24.85 -33.90
N GLN F 242 10.24 24.41 -32.67
CA GLN F 242 11.57 23.98 -32.26
C GLN F 242 11.53 22.53 -31.83
N SER F 243 12.71 21.91 -31.81
CA SER F 243 12.82 20.48 -31.55
C SER F 243 12.36 20.16 -30.13
N GLY F 244 11.54 19.12 -30.01
CA GLY F 244 11.05 18.68 -28.71
C GLY F 244 9.83 19.40 -28.20
N ASP F 245 9.39 20.48 -28.85
CA ASP F 245 8.23 21.21 -28.39
C ASP F 245 6.97 20.37 -28.50
N ILE F 246 6.06 20.54 -27.55
CA ILE F 246 4.75 19.91 -27.63
C ILE F 246 3.93 20.59 -28.71
N LEU F 247 3.23 19.80 -29.52
CA LEU F 247 2.44 20.31 -30.64
C LEU F 247 0.98 19.97 -30.44
N SER F 248 0.14 20.60 -31.26
CA SER F 248 -1.30 20.34 -31.23
C SER F 248 -1.83 20.47 -32.65
N LEU F 249 -2.21 19.35 -33.24
CA LEU F 249 -2.85 19.35 -34.55
C LEU F 249 -4.35 19.56 -34.36
N ASN F 250 -4.93 20.45 -35.16
CA ASN F 250 -6.38 20.70 -35.12
C ASN F 250 -6.86 21.06 -36.51
N THR F 251 -7.72 20.24 -37.09
CA THR F 251 -8.26 20.45 -38.43
C THR F 251 -9.77 20.57 -38.35
N PHE F 252 -10.33 21.60 -39.01
CA PHE F 252 -11.76 21.87 -38.95
C PHE F 252 -12.28 22.22 -40.34
N PRO F 253 -12.64 21.21 -41.14
CA PRO F 253 -13.29 21.49 -42.43
C PRO F 253 -14.77 21.77 -42.24
N MET F 254 -15.24 22.85 -42.84
CA MET F 254 -16.63 23.28 -42.76
C MET F 254 -17.31 23.00 -44.09
N ILE F 255 -18.28 22.08 -44.09
CA ILE F 255 -18.93 21.60 -45.30
C ILE F 255 -20.43 21.85 -45.15
N PHE F 256 -20.95 22.80 -45.94
CA PHE F 256 -22.38 23.15 -45.93
C PHE F 256 -22.87 23.47 -44.52
N GLY F 257 -22.05 24.18 -43.76
CA GLY F 257 -22.41 24.58 -42.42
C GLY F 257 -22.25 23.51 -41.36
N TYR F 258 -21.76 22.33 -41.71
CA TYR F 258 -21.56 21.25 -40.77
C TYR F 258 -20.09 21.13 -40.38
N TYR F 259 -19.87 20.85 -39.10
CA TYR F 259 -18.56 20.93 -38.48
C TYR F 259 -18.06 19.55 -38.10
N THR F 260 -16.81 19.26 -38.46
CA THR F 260 -16.09 18.09 -37.98
C THR F 260 -14.72 18.55 -37.48
N ALA F 261 -14.13 17.76 -36.58
CA ALA F 261 -12.87 18.13 -35.97
C ALA F 261 -11.97 16.92 -35.80
N LEU F 262 -10.67 17.14 -35.97
CA LEU F 262 -9.64 16.15 -35.67
C LEU F 262 -8.53 16.86 -34.92
N GLU F 263 -8.25 16.42 -33.69
CA GLU F 263 -7.25 17.07 -32.85
C GLU F 263 -6.34 16.02 -32.24
N ARG F 264 -5.03 16.21 -32.39
CA ARG F 264 -4.04 15.26 -31.92
C ARG F 264 -2.88 15.99 -31.27
N THR F 265 -2.31 15.36 -30.25
CA THR F 265 -1.08 15.86 -29.62
C THR F 265 0.12 15.29 -30.35
N LEU F 266 1.05 16.15 -30.76
CA LEU F 266 2.23 15.74 -31.48
C LEU F 266 3.48 16.30 -30.80
N PHE F 267 4.63 15.77 -31.17
CA PHE F 267 5.92 16.27 -30.72
C PHE F 267 6.86 16.33 -31.91
N CYS F 268 7.69 17.38 -31.94
CA CYS F 268 8.39 17.75 -33.18
C CYS F 268 9.46 16.73 -33.55
N ASP F 269 10.29 16.31 -32.59
CA ASP F 269 11.34 15.35 -32.89
C ASP F 269 11.36 14.22 -31.87
N HIS F 270 11.31 14.59 -30.59
CA HIS F 270 11.36 13.63 -29.50
C HIS F 270 10.37 14.10 -28.44
N VAL F 271 10.36 13.41 -27.31
CA VAL F 271 9.47 13.74 -26.19
C VAL F 271 10.16 13.35 -24.89
N ASP F 272 10.27 14.30 -23.97
CA ASP F 272 10.91 14.05 -22.70
C ASP F 272 10.04 13.12 -21.84
N ASP F 273 10.67 12.55 -20.81
CA ASP F 273 9.96 11.59 -19.96
C ASP F 273 8.82 12.23 -19.20
N ALA F 274 8.98 13.49 -18.78
CA ALA F 274 7.93 14.16 -18.02
C ALA F 274 6.68 14.37 -18.88
N SER F 275 6.86 14.89 -20.09
CA SER F 275 5.71 15.16 -20.95
C SER F 275 5.13 13.87 -21.54
N LEU F 276 5.97 12.85 -21.75
CA LEU F 276 5.46 11.58 -22.25
C LEU F 276 4.57 10.90 -21.23
N ASP F 277 4.94 10.99 -19.95
CA ASP F 277 4.13 10.38 -18.89
C ASP F 277 2.74 11.02 -18.84
N ILE F 278 2.66 12.34 -18.98
CA ILE F 278 1.38 13.01 -19.03
C ILE F 278 0.62 12.63 -20.30
N TRP F 279 1.34 12.52 -21.41
CA TRP F 279 0.70 12.18 -22.69
C TRP F 279 0.08 10.78 -22.63
N GLU F 280 0.79 9.81 -22.06
CA GLU F 280 0.24 8.46 -21.95
C GLU F 280 -0.99 8.42 -21.05
N LYS F 281 -0.96 9.17 -19.94
CA LYS F 281 -2.12 9.21 -19.05
C LYS F 281 -3.32 9.86 -19.73
N ASN F 282 -3.08 10.87 -20.56
CA ASN F 282 -4.19 11.54 -21.24
C ASN F 282 -4.81 10.65 -22.31
N VAL F 283 -3.98 9.86 -22.99
CA VAL F 283 -4.50 8.90 -23.96
C VAL F 283 -5.30 7.81 -23.25
N ALA F 284 -4.84 7.39 -22.06
CA ALA F 284 -5.58 6.40 -21.29
C ALA F 284 -6.97 6.90 -20.93
N VAL F 285 -7.09 8.18 -20.55
CA VAL F 285 -8.40 8.76 -20.31
C VAL F 285 -9.20 8.84 -21.60
N HIS F 286 -8.52 9.10 -22.72
CA HIS F 286 -9.20 9.12 -24.02
C HIS F 286 -9.71 7.73 -24.38
N ARG F 287 -8.87 6.71 -24.21
CA ARG F 287 -9.30 5.34 -24.49
C ARG F 287 -10.50 4.95 -23.63
N ARG F 288 -10.48 5.31 -22.35
CA ARG F 288 -11.60 4.98 -21.48
C ARG F 288 -12.85 5.76 -21.85
N GLY F 289 -12.68 7.06 -22.17
CA GLY F 289 -13.83 7.86 -22.57
C GLY F 289 -14.52 7.34 -23.80
N LEU F 290 -13.75 6.78 -24.75
CA LEU F 290 -14.35 6.23 -25.96
C LEU F 290 -15.31 5.09 -25.64
N GLU F 291 -15.04 4.34 -24.56
CA GLU F 291 -15.89 3.23 -24.18
C GLU F 291 -17.12 3.66 -23.40
N LEU F 292 -17.12 4.86 -22.84
CA LEU F 292 -18.24 5.33 -22.02
C LEU F 292 -19.35 5.99 -22.83
N ILE F 293 -19.14 6.21 -24.13
CA ILE F 293 -20.16 6.82 -24.97
C ILE F 293 -21.10 5.70 -25.42
N LYS F 294 -22.20 5.54 -24.69
CA LYS F 294 -23.22 4.53 -24.92
C LYS F 294 -24.58 5.19 -24.84
N PRO F 295 -25.62 4.57 -25.43
CA PRO F 295 -26.95 5.20 -25.42
C PRO F 295 -27.45 5.64 -24.05
N GLY F 296 -27.64 4.70 -23.12
CA GLY F 296 -28.29 5.06 -21.87
C GLY F 296 -27.49 5.95 -20.95
N ALA F 297 -26.22 6.21 -21.25
CA ALA F 297 -25.35 6.90 -20.31
C ALA F 297 -25.69 8.38 -20.21
N ARG F 298 -25.62 8.90 -18.99
CA ARG F 298 -25.79 10.33 -18.75
C ARG F 298 -24.48 11.07 -19.03
N CYS F 299 -24.61 12.34 -19.42
CA CYS F 299 -23.43 13.15 -19.72
C CYS F 299 -22.57 13.35 -18.48
N LYS F 300 -23.19 13.61 -17.33
CA LYS F 300 -22.43 13.83 -16.11
C LYS F 300 -21.74 12.56 -15.62
N ASP F 301 -22.36 11.40 -15.83
CA ASP F 301 -21.74 10.15 -15.38
C ASP F 301 -20.42 9.90 -16.11
N ILE F 302 -20.38 10.20 -17.40
CA ILE F 302 -19.14 10.00 -18.17
C ILE F 302 -18.03 10.87 -17.62
N ALA F 303 -18.35 12.13 -17.29
CA ALA F 303 -17.34 13.04 -16.76
C ALA F 303 -16.88 12.62 -15.37
N LEU F 304 -17.84 12.38 -14.47
CA LEU F 304 -17.48 12.01 -13.09
C LEU F 304 -16.64 10.74 -13.05
N GLU F 305 -16.90 9.79 -13.96
CA GLU F 305 -16.09 8.58 -13.98
C GLU F 305 -14.70 8.84 -14.53
N LEU F 306 -14.60 9.66 -15.59
CA LEU F 306 -13.29 9.99 -16.14
C LEU F 306 -12.48 10.84 -15.17
N ASN F 307 -13.15 11.71 -14.39
CA ASN F 307 -12.46 12.50 -13.38
C ASN F 307 -11.77 11.64 -12.33
N GLU F 308 -12.24 10.41 -12.13
CA GLU F 308 -11.60 9.52 -11.16
C GLU F 308 -10.19 9.15 -11.62
N MET F 309 -10.01 8.93 -12.93
CA MET F 309 -8.69 8.60 -13.46
C MET F 309 -7.72 9.75 -13.29
N TYR F 310 -8.16 10.98 -13.57
CA TYR F 310 -7.30 12.14 -13.37
C TYR F 310 -6.95 12.32 -11.89
N ARG F 311 -7.89 12.02 -11.00
CA ARG F 311 -7.64 12.16 -9.57
C ARG F 311 -6.59 11.17 -9.09
N GLU F 312 -6.50 10.00 -9.72
CA GLU F 312 -5.50 9.00 -9.34
C GLU F 312 -4.09 9.50 -9.62
N TRP F 313 -3.92 10.34 -10.64
CA TRP F 313 -2.61 10.79 -11.09
C TRP F 313 -2.36 12.26 -10.76
N ASP F 314 -3.18 12.86 -9.90
CA ASP F 314 -3.05 14.26 -9.51
C ASP F 314 -3.04 15.18 -10.73
N LEU F 315 -3.99 14.94 -11.63
CA LEU F 315 -4.16 15.75 -12.82
C LEU F 315 -5.55 16.37 -12.91
N LEU F 316 -6.41 16.16 -11.91
CA LEU F 316 -7.78 16.63 -11.98
C LEU F 316 -7.86 18.15 -12.04
N LYS F 317 -7.01 18.84 -11.27
CA LYS F 317 -7.00 20.30 -11.28
C LYS F 317 -6.28 20.88 -12.49
N TYR F 318 -5.71 20.04 -13.35
CA TYR F 318 -5.10 20.47 -14.59
C TYR F 318 -6.02 20.27 -15.80
N ARG F 319 -7.27 19.87 -15.57
CA ARG F 319 -8.24 19.76 -16.65
C ARG F 319 -8.54 21.14 -17.24
N SER F 320 -8.86 21.16 -18.53
CA SER F 320 -9.12 22.39 -19.25
C SER F 320 -10.60 22.67 -19.44
N PHE F 321 -11.36 21.71 -19.96
CA PHE F 321 -12.77 21.94 -20.28
C PHE F 321 -13.49 20.60 -20.33
N GLY F 322 -14.73 20.62 -20.81
CA GLY F 322 -15.55 19.42 -20.86
C GLY F 322 -14.98 18.36 -21.78
N TYR F 323 -15.51 17.15 -21.64
CA TYR F 323 -14.98 16.00 -22.36
C TYR F 323 -15.49 15.89 -23.80
N GLY F 324 -16.57 16.61 -24.14
CA GLY F 324 -17.10 16.49 -25.48
C GLY F 324 -18.38 17.28 -25.64
N HIS F 325 -18.89 17.27 -26.87
CA HIS F 325 -20.04 18.10 -27.23
C HIS F 325 -20.72 17.51 -28.46
N SER F 326 -21.92 18.04 -28.75
CA SER F 326 -22.70 17.59 -29.88
C SER F 326 -22.24 18.27 -31.17
N PHE F 327 -22.52 17.60 -32.29
CA PHE F 327 -22.11 18.11 -33.59
C PHE F 327 -23.33 18.57 -34.40
N GLY F 328 -23.20 18.59 -35.71
CA GLY F 328 -24.26 19.06 -36.58
C GLY F 328 -23.95 20.45 -37.12
N VAL F 329 -24.92 21.36 -37.03
CA VAL F 329 -24.77 22.71 -37.52
C VAL F 329 -24.16 23.55 -36.41
N LEU F 330 -22.84 23.71 -36.46
CA LEU F 330 -22.13 24.56 -35.51
C LEU F 330 -20.80 24.96 -36.15
N CYS F 331 -20.15 25.94 -35.54
CA CYS F 331 -18.82 26.37 -35.95
C CYS F 331 -18.21 27.14 -34.78
N HIS F 332 -17.05 27.75 -35.02
CA HIS F 332 -16.45 28.58 -34.00
C HIS F 332 -17.15 29.92 -33.83
N TYR F 333 -18.24 30.17 -34.56
CA TYR F 333 -18.95 31.43 -34.40
C TYR F 333 -20.47 31.31 -34.44
N TYR F 334 -21.02 30.12 -34.70
CA TYR F 334 -22.44 29.91 -34.44
C TYR F 334 -22.62 28.68 -33.56
N GLY F 335 -23.52 28.82 -32.59
CA GLY F 335 -23.52 27.98 -31.41
C GLY F 335 -23.82 26.52 -31.67
N ARG F 336 -23.53 25.72 -30.64
CA ARG F 336 -23.75 24.29 -30.62
C ARG F 336 -25.02 23.97 -29.83
N GLU F 337 -25.27 22.68 -29.61
CA GLU F 337 -26.43 22.21 -28.85
C GLU F 337 -25.99 22.00 -27.41
N ALA F 338 -26.25 22.99 -26.56
CA ALA F 338 -25.78 22.97 -25.18
C ALA F 338 -26.41 21.87 -24.35
N GLY F 339 -27.47 21.21 -24.85
CA GLY F 339 -28.10 20.14 -24.08
C GLY F 339 -27.28 18.87 -24.00
N VAL F 340 -26.29 18.71 -24.85
CA VAL F 340 -25.46 17.50 -24.88
C VAL F 340 -24.01 17.97 -24.67
N GLU F 341 -23.62 18.10 -23.40
CA GLU F 341 -22.26 18.48 -23.04
C GLU F 341 -21.78 17.53 -21.93
N LEU F 342 -20.57 17.00 -22.09
CA LEU F 342 -20.01 16.07 -21.11
C LEU F 342 -19.45 16.87 -19.93
N ARG F 343 -20.37 17.45 -19.15
CA ARG F 343 -20.04 18.30 -18.02
C ARG F 343 -20.71 17.76 -16.76
N GLU F 344 -20.10 18.09 -15.62
CA GLU F 344 -20.41 17.43 -14.35
C GLU F 344 -21.83 17.68 -13.85
N ASP F 345 -22.56 18.64 -14.42
CA ASP F 345 -23.91 18.94 -13.94
C ASP F 345 -24.95 18.86 -15.06
N ILE F 346 -24.66 18.13 -16.13
CA ILE F 346 -25.61 17.92 -17.21
C ILE F 346 -26.04 16.46 -17.18
N ASP F 347 -27.26 16.23 -16.69
CA ASP F 347 -27.79 14.89 -16.51
C ASP F 347 -28.60 14.40 -17.71
N THR F 348 -28.40 14.99 -18.88
CA THR F 348 -29.11 14.55 -20.07
C THR F 348 -28.59 13.19 -20.53
N GLU F 349 -29.51 12.36 -21.00
CA GLU F 349 -29.17 11.01 -21.46
C GLU F 349 -28.83 11.02 -22.94
N LEU F 350 -27.78 10.29 -23.31
CA LEU F 350 -27.49 10.08 -24.71
C LEU F 350 -28.59 9.25 -25.37
N LYS F 351 -28.70 9.38 -26.69
CA LYS F 351 -29.71 8.66 -27.46
C LYS F 351 -29.10 8.23 -28.80
N PRO F 352 -29.62 7.16 -29.39
CA PRO F 352 -29.15 6.77 -30.72
C PRO F 352 -29.40 7.87 -31.74
N GLY F 353 -28.36 8.16 -32.53
CA GLY F 353 -28.42 9.22 -33.51
C GLY F 353 -27.65 10.47 -33.15
N MET F 354 -27.24 10.61 -31.89
CA MET F 354 -26.41 11.74 -31.50
C MET F 354 -24.99 11.55 -32.04
N VAL F 355 -24.36 12.66 -32.38
CA VAL F 355 -22.97 12.69 -32.85
C VAL F 355 -22.20 13.53 -31.84
N VAL F 356 -21.40 12.87 -31.00
CA VAL F 356 -20.74 13.50 -29.88
C VAL F 356 -19.25 13.25 -30.00
N SER F 357 -18.47 14.03 -29.23
CA SER F 357 -17.02 13.95 -29.25
C SER F 357 -16.48 13.48 -27.91
N MET F 358 -15.23 13.01 -27.95
CA MET F 358 -14.47 12.67 -26.75
C MET F 358 -13.12 13.35 -26.89
N GLU F 359 -12.87 14.35 -26.05
CA GLU F 359 -11.67 15.19 -26.17
C GLU F 359 -11.18 15.61 -24.79
N PRO F 360 -10.63 14.68 -24.02
CA PRO F 360 -10.03 15.05 -22.72
C PRO F 360 -8.80 15.90 -22.95
N MET F 361 -8.70 17.00 -22.18
CA MET F 361 -7.56 17.89 -22.29
C MET F 361 -7.00 18.18 -20.91
N VAL F 362 -5.67 18.16 -20.82
CA VAL F 362 -4.93 18.55 -19.63
C VAL F 362 -3.95 19.63 -20.05
N MET F 363 -3.74 20.61 -19.17
CA MET F 363 -2.84 21.73 -19.43
C MET F 363 -1.90 21.91 -18.25
N LEU F 364 -0.59 21.84 -18.50
CA LEU F 364 0.43 22.02 -17.49
C LEU F 364 1.06 23.40 -17.65
N PRO F 365 1.20 24.17 -16.57
CA PRO F 365 1.73 25.54 -16.72
C PRO F 365 3.21 25.54 -17.04
N GLU F 366 3.63 26.63 -17.68
CA GLU F 366 5.02 26.77 -18.10
C GLU F 366 5.95 26.77 -16.90
N GLY F 367 7.14 26.20 -17.09
CA GLY F 367 8.10 26.04 -16.01
C GLY F 367 8.06 24.65 -15.42
N MET F 368 6.86 24.13 -15.19
CA MET F 368 6.69 22.78 -14.71
C MET F 368 7.11 21.79 -15.80
N PRO F 369 7.77 20.68 -15.43
CA PRO F 369 8.15 19.69 -16.44
C PRO F 369 6.91 19.10 -17.11
N GLY F 370 6.99 18.97 -18.44
CA GLY F 370 5.84 18.54 -19.21
C GLY F 370 4.87 19.65 -19.52
N ALA F 371 5.34 20.89 -19.58
CA ALA F 371 4.46 22.03 -19.81
C ALA F 371 3.90 21.99 -21.23
N GLY F 372 2.60 22.19 -21.35
CA GLY F 372 1.95 22.16 -22.64
C GLY F 372 0.52 21.66 -22.51
N GLY F 373 -0.15 21.60 -23.65
CA GLY F 373 -1.52 21.14 -23.71
C GLY F 373 -1.68 19.83 -24.45
N TYR F 374 -2.25 18.83 -23.78
CA TYR F 374 -2.43 17.50 -24.35
C TYR F 374 -3.93 17.28 -24.59
N ARG F 375 -4.27 16.81 -25.78
CA ARG F 375 -5.67 16.67 -26.15
C ARG F 375 -5.78 15.75 -27.36
N GLU F 376 -6.79 14.88 -27.34
CA GLU F 376 -7.10 14.00 -28.45
C GLU F 376 -8.59 14.07 -28.71
N HIS F 377 -8.97 14.28 -29.97
CA HIS F 377 -10.36 14.49 -30.35
C HIS F 377 -10.81 13.41 -31.31
N ASP F 378 -11.92 12.75 -30.98
CA ASP F 378 -12.54 11.75 -31.84
C ASP F 378 -14.04 11.99 -31.89
N ILE F 379 -14.64 11.68 -33.04
CA ILE F 379 -16.07 11.86 -33.26
C ILE F 379 -16.72 10.49 -33.20
N LEU F 380 -17.82 10.38 -32.44
CA LEU F 380 -18.52 9.12 -32.26
C LEU F 380 -19.99 9.27 -32.59
N ILE F 381 -20.50 8.37 -33.43
CA ILE F 381 -21.91 8.30 -33.78
C ILE F 381 -22.57 7.28 -32.85
N VAL F 382 -23.51 7.75 -32.03
CA VAL F 382 -24.16 6.88 -31.06
C VAL F 382 -25.13 5.96 -31.77
N GLY F 383 -25.02 4.67 -31.52
CA GLY F 383 -25.89 3.66 -32.09
C GLY F 383 -26.90 3.14 -31.09
N GLU F 384 -27.34 1.90 -31.31
CA GLU F 384 -28.31 1.27 -30.43
C GLU F 384 -27.68 0.57 -29.24
N ASP F 385 -26.42 0.17 -29.33
CA ASP F 385 -25.73 -0.52 -28.25
C ASP F 385 -24.50 0.22 -27.77
N GLY F 386 -23.72 0.81 -28.68
CA GLY F 386 -22.55 1.57 -28.28
C GLY F 386 -22.37 2.83 -29.10
N ALA F 387 -21.19 2.99 -29.69
CA ALA F 387 -20.91 4.13 -30.55
C ALA F 387 -19.88 3.72 -31.59
N GLU F 388 -19.91 4.41 -32.72
CA GLU F 388 -18.99 4.16 -33.83
C GLU F 388 -18.00 5.33 -33.93
N ASN F 389 -16.71 5.01 -33.90
CA ASN F 389 -15.66 6.00 -34.05
C ASN F 389 -15.36 6.20 -35.53
N ILE F 390 -15.59 7.42 -36.02
CA ILE F 390 -15.36 7.74 -37.43
C ILE F 390 -14.08 8.52 -37.66
N THR F 391 -13.34 8.82 -36.60
CA THR F 391 -12.04 9.49 -36.72
C THR F 391 -10.95 8.45 -36.89
N GLY F 392 -10.17 8.56 -37.96
CA GLY F 392 -9.22 7.52 -38.31
C GLY F 392 -7.76 7.84 -38.09
N PHE F 393 -7.44 9.05 -37.65
CA PHE F 393 -6.04 9.41 -37.47
C PHE F 393 -5.48 8.72 -36.22
N PRO F 394 -4.22 8.28 -36.26
CA PRO F 394 -3.65 7.57 -35.10
C PRO F 394 -3.55 8.47 -33.87
N VAL F 395 -3.55 7.82 -32.71
CA VAL F 395 -3.46 8.48 -31.42
C VAL F 395 -2.27 7.92 -30.65
N GLY F 396 -1.65 8.78 -29.84
CA GLY F 396 -0.61 8.34 -28.94
C GLY F 396 0.79 8.45 -29.53
N PRO F 397 1.81 8.25 -28.68
CA PRO F 397 3.19 8.38 -29.16
C PRO F 397 3.64 7.26 -30.09
N GLU F 398 2.79 6.27 -30.35
CA GLU F 398 3.18 5.20 -31.27
C GLU F 398 3.35 5.72 -32.69
N HIS F 399 2.65 6.78 -33.05
CA HIS F 399 2.76 7.37 -34.38
C HIS F 399 2.84 8.89 -34.39
N ASN F 400 2.45 9.58 -33.32
CA ASN F 400 2.38 11.03 -33.29
C ASN F 400 3.71 11.69 -32.93
N ILE F 401 4.84 11.00 -33.15
CA ILE F 401 6.15 11.62 -33.01
C ILE F 401 6.72 11.84 -34.40
N ILE F 402 6.54 13.05 -34.92
CA ILE F 402 6.98 13.36 -36.28
C ILE F 402 8.51 13.33 -36.34
N ARG F 403 9.04 12.70 -37.38
CA ARG F 403 10.49 12.63 -37.60
C ARG F 403 10.73 12.90 -39.09
N ASN F 404 10.84 14.18 -39.44
CA ASN F 404 11.06 14.57 -40.82
C ASN F 404 12.43 15.23 -40.98
#